data_8B37
#
_entry.id   8B37
#
_cell.length_a   107.190
_cell.length_b   88.020
_cell.length_c   116.750
_cell.angle_alpha   90.000
_cell.angle_beta   106.946
_cell.angle_gamma   90.000
#
_symmetry.space_group_name_H-M   'P 1 21 1'
#
loop_
_entity.id
_entity.type
_entity.pdbx_description
1 polymer 'K(+)-insensitive pyrophosphate-energized proton pump'
2 non-polymer 'MAGNESIUM ION'
3 non-polymer 'IMIDODIPHOSPHORIC ACID'
4 non-polymer 'SULFATE ION'
5 water water
#
_entity_poly.entity_id   1
_entity_poly.type   'polypeptide(L)'
_entity_poly.pdbx_seq_one_letter_code
;MHHHHHHGGNMISYALLGVILGISGVIYAVYLAVWVLRQDPGNEKMRFISQAIATGARAYLFRQYRTLAVLLVILAVLIL
VAIDMPRRTFGLTALAFIVGALGSMLAGYLGMYVTTRSASRVAQAAATGGMGKALLVSWRAGAVMGLSLASIALLLISGF
YLVFRSVLPDDWAVPLVALGFGASLVTLFMRVGGGIYTKAADLGADLVGKVEAGIPEDDPRNPGVIADNVGDNVGDVAGM
AADVYESYIVTVTAAIFLAAILGLPTQFIEAIILFAALALVATFAGVNLLKTTGVKHPLSSISLAIYATIGLSVVLFFIG
AFTLGLDSTKALALAATTSLGAVIAPLIVKITDYYTSYNYGPVRKIAEQAKISPATVIITGYGVGLMSAIPVIAVIVAVL
GISYMIGYYTVPVSGFGELSKYLAGIFGTAMASVGLLVVAGIIITADSYGPVSDNAGGVVEMAGLPDEVREITDVLDSVG
NTTKATTKGYAIASAALAALVLFIALIFEIVYSASKILGKGIVDMISESLSGLQLINANVLIGAFLGVALVYFFSSRTLE
AVGRTAMEIVEEIRRQFREKPGILEWKEQPDYARVVDIATRRALGEFLIPGLAAIVLPLITGLLLGWNALAGLIMGAIVA
GVPRALLMANAGGAWDNAKKYIEIQGLKKTEMHKAAVIGDTVGDPMKDTVGPSLNPLIKVLNTLSVVFTYVIVSTNIALG
IWPSGLLPF
;
_entity_poly.pdbx_strand_id   A,B
#
loop_
_chem_comp.id
_chem_comp.type
_chem_comp.name
_chem_comp.formula
2PN non-polymer 'IMIDODIPHOSPHORIC ACID' 'H5 N O6 P2'
MG non-polymer 'MAGNESIUM ION' 'Mg 2'
SO4 non-polymer 'SULFATE ION' 'O4 S -2'
#
# COMPACT_ATOMS: atom_id res chain seq x y z
N TYR A 14 -18.56 -40.43 0.26
CA TYR A 14 -18.01 -40.53 1.61
C TYR A 14 -18.37 -39.29 2.44
N ALA A 15 -19.67 -38.95 2.48
CA ALA A 15 -20.10 -37.81 3.26
C ALA A 15 -20.07 -38.11 4.75
N LEU A 16 -20.49 -39.31 5.14
CA LEU A 16 -20.50 -39.68 6.55
C LEU A 16 -19.09 -39.79 7.12
N LEU A 17 -18.11 -40.11 6.26
CA LEU A 17 -16.74 -40.32 6.72
C LEU A 17 -16.11 -39.04 7.25
N GLY A 18 -16.59 -37.87 6.84
CA GLY A 18 -16.02 -36.62 7.33
C GLY A 18 -16.07 -36.50 8.83
N VAL A 19 -17.13 -37.03 9.46
CA VAL A 19 -17.24 -36.98 10.91
C VAL A 19 -16.34 -38.03 11.56
N ILE A 20 -16.21 -39.19 10.92
CA ILE A 20 -15.47 -40.30 11.53
C ILE A 20 -14.03 -39.88 11.82
N LEU A 21 -13.31 -39.47 10.78
CA LEU A 21 -11.91 -39.07 10.97
C LEU A 21 -11.79 -37.77 11.75
N GLY A 22 -12.76 -36.87 11.61
CA GLY A 22 -12.75 -35.60 12.32
C GLY A 22 -12.75 -35.77 13.82
N ILE A 23 -13.74 -36.48 14.35
CA ILE A 23 -13.81 -36.64 15.79
C ILE A 23 -12.53 -37.22 16.39
N SER A 24 -11.70 -37.87 15.57
CA SER A 24 -10.39 -38.34 16.03
C SER A 24 -9.46 -37.20 16.42
N GLY A 25 -9.83 -35.95 16.13
CA GLY A 25 -9.01 -34.83 16.54
C GLY A 25 -8.83 -34.79 18.06
N VAL A 26 -9.95 -34.84 18.79
CA VAL A 26 -9.86 -34.95 20.24
C VAL A 26 -9.17 -36.26 20.62
N ILE A 27 -9.46 -37.34 19.88
CA ILE A 27 -8.78 -38.61 20.12
C ILE A 27 -7.27 -38.43 19.97
N TYR A 28 -6.83 -37.71 18.93
CA TYR A 28 -5.41 -37.47 18.72
C TYR A 28 -4.89 -36.27 19.50
N ALA A 29 -5.75 -35.28 19.79
CA ALA A 29 -5.31 -34.15 20.59
C ALA A 29 -4.98 -34.56 22.02
N VAL A 30 -5.66 -35.59 22.54
CA VAL A 30 -5.34 -36.08 23.87
C VAL A 30 -3.98 -36.76 23.87
N TYR A 31 -3.63 -37.45 22.79
CA TYR A 31 -2.31 -38.07 22.69
C TYR A 31 -1.21 -37.02 22.85
N LEU A 32 -1.27 -35.95 22.06
CA LEU A 32 -0.28 -34.89 22.19
C LEU A 32 -0.46 -34.11 23.48
N ALA A 33 -1.71 -33.91 23.91
CA ALA A 33 -1.94 -33.24 25.19
C ALA A 33 -1.35 -34.05 26.34
N VAL A 34 -1.54 -35.36 26.32
CA VAL A 34 -0.90 -36.22 27.32
C VAL A 34 0.61 -36.30 27.07
N TRP A 35 1.05 -36.00 25.85
CA TRP A 35 2.49 -35.99 25.57
C TRP A 35 3.18 -34.82 26.26
N VAL A 36 2.59 -33.63 26.20
CA VAL A 36 3.15 -32.47 26.89
C VAL A 36 2.98 -32.60 28.39
N LEU A 37 1.85 -33.18 28.82
CA LEU A 37 1.61 -33.42 30.24
C LEU A 37 2.51 -34.50 30.82
N ARG A 38 3.33 -35.15 30.00
CA ARG A 38 4.23 -36.21 30.45
C ARG A 38 4.90 -35.90 31.78
N ASN A 43 10.70 -26.87 37.83
CA ASN A 43 11.38 -25.89 38.67
C ASN A 43 10.39 -25.00 39.39
N GLU A 44 10.85 -24.33 40.45
CA GLU A 44 9.99 -23.45 41.22
C GLU A 44 9.59 -22.22 40.41
N LYS A 45 10.59 -21.44 39.98
CA LYS A 45 10.30 -20.23 39.20
C LYS A 45 9.70 -20.55 37.84
N MET A 46 10.07 -21.68 37.25
CA MET A 46 9.54 -22.02 35.92
C MET A 46 8.07 -22.43 35.99
N ARG A 47 7.63 -22.99 37.11
CA ARG A 47 6.25 -23.43 37.22
C ARG A 47 5.30 -22.26 37.43
N PHE A 48 5.70 -21.28 38.25
CA PHE A 48 4.84 -20.13 38.53
C PHE A 48 4.60 -19.32 37.25
N ILE A 49 5.64 -19.13 36.44
CA ILE A 49 5.49 -18.33 35.23
C ILE A 49 4.68 -19.11 34.19
N SER A 50 4.93 -20.41 34.05
CA SER A 50 4.13 -21.22 33.15
C SER A 50 2.68 -21.27 33.59
N GLN A 51 2.44 -21.31 34.90
CA GLN A 51 1.08 -21.28 35.42
C GLN A 51 0.49 -19.87 35.31
N ALA A 52 1.34 -18.84 35.33
CA ALA A 52 0.85 -17.47 35.17
C ALA A 52 0.31 -17.25 33.76
N ILE A 53 0.95 -17.84 32.75
CA ILE A 53 0.46 -17.73 31.38
C ILE A 53 -0.93 -18.35 31.26
N ALA A 54 -1.21 -19.40 32.04
CA ALA A 54 -2.53 -20.01 31.99
C ALA A 54 -3.57 -19.12 32.64
N THR A 55 -3.27 -18.60 33.83
CA THR A 55 -4.21 -17.71 34.51
C THR A 55 -4.45 -16.44 33.69
N GLY A 56 -3.39 -15.90 33.08
CA GLY A 56 -3.58 -14.76 32.20
C GLY A 56 -4.45 -15.11 30.99
N ALA A 57 -4.11 -16.19 30.30
CA ALA A 57 -4.95 -16.65 29.21
C ALA A 57 -6.34 -17.02 29.69
N ARG A 58 -6.47 -17.40 30.97
CA ARG A 58 -7.79 -17.71 31.51
C ARG A 58 -8.65 -16.46 31.58
N ALA A 59 -8.18 -15.42 32.26
CA ALA A 59 -8.95 -14.19 32.34
C ALA A 59 -9.17 -13.57 30.96
N TYR A 60 -8.27 -13.84 30.02
CA TYR A 60 -8.45 -13.35 28.65
C TYR A 60 -9.63 -14.06 27.98
N LEU A 61 -9.55 -15.39 27.88
CA LEU A 61 -10.61 -16.13 27.20
C LEU A 61 -11.92 -16.09 27.97
N PHE A 62 -11.86 -16.18 29.31
CA PHE A 62 -13.08 -16.09 30.11
C PHE A 62 -13.80 -14.77 29.85
N ARG A 63 -13.05 -13.69 29.66
CA ARG A 63 -13.66 -12.40 29.32
C ARG A 63 -13.89 -12.26 27.82
N GLN A 64 -13.06 -12.91 27.00
CA GLN A 64 -13.22 -12.81 25.55
C GLN A 64 -14.39 -13.64 25.06
N TYR A 65 -14.53 -14.88 25.55
CA TYR A 65 -15.65 -15.72 25.16
C TYR A 65 -16.96 -15.21 25.77
N ARG A 66 -16.90 -14.60 26.95
CA ARG A 66 -18.11 -14.12 27.62
C ARG A 66 -18.81 -13.08 26.76
N THR A 67 -18.14 -11.96 26.50
CA THR A 67 -18.73 -10.94 25.64
C THR A 67 -18.92 -11.44 24.22
N LEU A 68 -18.11 -12.43 23.82
CA LEU A 68 -18.23 -13.00 22.49
C LEU A 68 -19.55 -13.75 22.32
N ALA A 69 -19.97 -14.48 23.35
CA ALA A 69 -21.25 -15.19 23.28
C ALA A 69 -22.43 -14.22 23.37
N VAL A 70 -22.26 -13.11 24.10
CA VAL A 70 -23.34 -12.14 24.21
C VAL A 70 -23.78 -11.68 22.83
N LEU A 71 -22.84 -11.18 22.03
CA LEU A 71 -23.18 -10.70 20.70
C LEU A 71 -23.54 -11.85 19.78
N LEU A 72 -23.00 -13.03 20.00
CA LEU A 72 -23.32 -14.17 19.16
C LEU A 72 -24.77 -14.60 19.33
N VAL A 73 -25.23 -14.71 20.57
CA VAL A 73 -26.60 -15.15 20.81
C VAL A 73 -27.59 -14.10 20.31
N ILE A 74 -27.33 -12.83 20.59
CA ILE A 74 -28.22 -11.77 20.13
C ILE A 74 -28.31 -11.80 18.60
N LEU A 75 -27.16 -11.90 17.93
CA LEU A 75 -27.18 -11.99 16.47
C LEU A 75 -27.68 -13.34 16.00
N ALA A 76 -27.38 -14.41 16.74
CA ALA A 76 -27.97 -15.70 16.42
C ALA A 76 -29.49 -15.65 16.53
N VAL A 77 -30.01 -14.85 17.46
CA VAL A 77 -31.45 -14.62 17.52
C VAL A 77 -31.89 -13.75 16.35
N LEU A 78 -31.07 -12.78 15.97
CA LEU A 78 -31.40 -11.94 14.82
C LEU A 78 -31.34 -12.73 13.52
N ILE A 79 -30.34 -13.60 13.37
CA ILE A 79 -30.26 -14.42 12.16
C ILE A 79 -31.39 -15.42 12.11
N LEU A 80 -31.87 -15.89 13.26
CA LEU A 80 -32.99 -16.83 13.27
C LEU A 80 -34.22 -16.21 12.64
N VAL A 81 -34.47 -14.92 12.91
CA VAL A 81 -35.60 -14.24 12.30
C VAL A 81 -35.25 -13.77 10.88
N ALA A 82 -33.96 -13.49 10.63
CA ALA A 82 -33.55 -13.07 9.29
C ALA A 82 -33.74 -14.19 8.27
N ILE A 83 -33.49 -15.44 8.69
CA ILE A 83 -33.67 -16.57 7.78
C ILE A 83 -35.15 -16.87 7.57
N ASP A 84 -35.98 -16.67 8.60
CA ASP A 84 -37.41 -16.91 8.49
C ASP A 84 -38.04 -15.99 7.46
N GLY A 91 -36.85 -21.75 6.68
CA GLY A 91 -36.15 -22.63 7.60
C GLY A 91 -35.37 -21.87 8.67
N LEU A 92 -34.45 -22.56 9.33
CA LEU A 92 -33.63 -21.98 10.39
C LEU A 92 -32.16 -22.19 10.07
N THR A 93 -31.35 -21.18 10.36
CA THR A 93 -29.91 -21.23 10.10
C THR A 93 -29.05 -20.73 11.24
N ALA A 94 -29.61 -19.99 12.21
CA ALA A 94 -28.80 -19.50 13.32
C ALA A 94 -28.20 -20.66 14.12
N LEU A 95 -28.84 -21.82 14.10
CA LEU A 95 -28.29 -22.99 14.79
C LEU A 95 -26.93 -23.37 14.20
N ALA A 96 -26.86 -23.51 12.87
CA ALA A 96 -25.57 -23.72 12.23
C ALA A 96 -24.67 -22.51 12.40
N PHE A 97 -25.26 -21.31 12.52
CA PHE A 97 -24.49 -20.11 12.80
C PHE A 97 -23.73 -20.23 14.13
N ILE A 98 -24.39 -20.77 15.16
CA ILE A 98 -23.78 -20.81 16.48
C ILE A 98 -22.64 -21.82 16.53
N VAL A 99 -22.93 -23.08 16.19
CA VAL A 99 -21.91 -24.13 16.30
C VAL A 99 -20.73 -23.83 15.40
N GLY A 100 -20.96 -23.13 14.28
CA GLY A 100 -19.85 -22.73 13.43
C GLY A 100 -18.79 -21.96 14.20
N ALA A 101 -19.21 -20.96 14.96
CA ALA A 101 -18.27 -20.19 15.77
C ALA A 101 -17.74 -21.02 16.93
N LEU A 102 -18.58 -21.86 17.53
CA LEU A 102 -18.14 -22.66 18.67
C LEU A 102 -17.04 -23.63 18.28
N GLY A 103 -17.06 -24.15 17.05
CA GLY A 103 -16.04 -25.09 16.63
C GLY A 103 -14.65 -24.51 16.72
N SER A 104 -14.46 -23.32 16.15
CA SER A 104 -13.14 -22.69 16.16
C SER A 104 -12.68 -22.41 17.59
N MET A 105 -13.56 -21.82 18.41
CA MET A 105 -13.20 -21.51 19.78
C MET A 105 -12.87 -22.77 20.57
N LEU A 106 -13.53 -23.88 20.25
CA LEU A 106 -13.25 -25.13 20.97
C LEU A 106 -11.85 -25.62 20.67
N ALA A 107 -11.45 -25.60 19.40
CA ALA A 107 -10.06 -25.92 19.05
C ALA A 107 -9.10 -24.87 19.59
N GLY A 108 -9.57 -23.65 19.81
CA GLY A 108 -8.71 -22.63 20.38
C GLY A 108 -8.44 -22.87 21.86
N TYR A 109 -9.50 -23.12 22.63
CA TYR A 109 -9.32 -23.43 24.06
C TYR A 109 -8.51 -24.70 24.25
N LEU A 110 -8.57 -25.63 23.29
CA LEU A 110 -7.79 -26.85 23.39
C LEU A 110 -6.30 -26.57 23.20
N GLY A 111 -5.96 -25.70 22.24
CA GLY A 111 -4.56 -25.37 22.01
C GLY A 111 -3.98 -24.34 22.97
N MET A 112 -4.84 -23.50 23.57
CA MET A 112 -4.36 -22.49 24.51
C MET A 112 -3.81 -23.14 25.77
N TYR A 113 -4.58 -24.04 26.38
CA TYR A 113 -4.11 -24.71 27.59
C TYR A 113 -2.82 -25.49 27.35
N VAL A 114 -2.54 -25.86 26.10
CA VAL A 114 -1.30 -26.57 25.79
C VAL A 114 -0.12 -25.61 25.75
N THR A 115 -0.29 -24.44 25.13
CA THR A 115 0.82 -23.51 24.98
C THR A 115 1.31 -22.99 26.32
N THR A 116 0.40 -22.62 27.21
CA THR A 116 0.82 -22.11 28.52
C THR A 116 1.66 -23.14 29.27
N ARG A 117 1.33 -24.42 29.11
CA ARG A 117 2.08 -25.48 29.79
C ARG A 117 3.40 -25.79 29.08
N SER A 118 3.47 -25.52 27.77
CA SER A 118 4.68 -25.87 27.01
C SER A 118 5.86 -24.97 27.36
N ALA A 119 5.59 -23.72 27.76
CA ALA A 119 6.67 -22.78 28.04
C ALA A 119 7.68 -23.38 29.01
N SER A 120 7.20 -23.98 30.10
CA SER A 120 8.11 -24.62 31.05
C SER A 120 8.52 -26.02 30.60
N ARG A 121 7.67 -26.70 29.83
CA ARG A 121 7.99 -28.05 29.37
C ARG A 121 9.17 -28.03 28.40
N VAL A 122 9.04 -27.27 27.30
CA VAL A 122 10.11 -27.24 26.30
C VAL A 122 11.39 -26.67 26.88
N ALA A 123 11.28 -25.73 27.83
CA ALA A 123 12.47 -25.16 28.45
C ALA A 123 13.23 -26.24 29.24
N GLN A 124 12.53 -26.97 30.09
CA GLN A 124 13.17 -28.04 30.87
C GLN A 124 13.66 -29.17 29.97
N ALA A 125 12.95 -29.42 28.86
CA ALA A 125 13.33 -30.52 27.98
C ALA A 125 14.56 -30.18 27.15
N ALA A 126 14.64 -28.95 26.66
CA ALA A 126 15.75 -28.58 25.77
C ALA A 126 17.07 -28.50 26.53
N ALA A 127 17.03 -28.06 27.78
CA ALA A 127 18.27 -27.73 28.49
C ALA A 127 19.17 -28.95 28.66
N THR A 128 18.58 -30.10 29.01
CA THR A 128 19.35 -31.29 29.32
C THR A 128 19.17 -32.40 28.29
N GLY A 129 18.16 -32.31 27.43
CA GLY A 129 17.93 -33.35 26.43
C GLY A 129 18.64 -33.06 25.13
N GLY A 130 18.69 -31.79 24.73
CA GLY A 130 19.34 -31.38 23.51
C GLY A 130 18.44 -30.48 22.71
N MET A 131 18.80 -30.29 21.43
CA MET A 131 17.99 -29.48 20.53
C MET A 131 16.75 -30.22 20.06
N GLY A 132 16.86 -31.53 19.83
CA GLY A 132 15.71 -32.30 19.39
C GLY A 132 14.58 -32.26 20.41
N LYS A 133 14.90 -32.44 21.69
CA LYS A 133 13.88 -32.44 22.73
C LYS A 133 13.03 -31.18 22.66
N ALA A 134 13.66 -30.02 22.45
CA ALA A 134 12.90 -28.78 22.35
C ALA A 134 12.10 -28.73 21.05
N LEU A 135 12.70 -29.15 19.95
CA LEU A 135 12.02 -29.04 18.65
C LEU A 135 10.76 -29.90 18.62
N LEU A 136 10.84 -31.13 19.15
CA LEU A 136 9.69 -32.02 19.11
C LEU A 136 8.65 -31.67 20.17
N VAL A 137 9.08 -31.20 21.34
CA VAL A 137 8.14 -30.85 22.39
C VAL A 137 7.34 -29.61 22.00
N SER A 138 8.04 -28.54 21.64
CA SER A 138 7.36 -27.34 21.15
C SER A 138 6.58 -27.62 19.88
N TRP A 139 6.94 -28.67 19.13
CA TRP A 139 6.22 -29.03 17.91
C TRP A 139 4.98 -29.86 18.22
N ARG A 140 5.08 -30.81 19.15
CA ARG A 140 3.90 -31.57 19.55
C ARG A 140 2.85 -30.66 20.18
N ALA A 141 3.28 -29.71 21.02
CA ALA A 141 2.35 -28.76 21.60
C ALA A 141 1.60 -27.98 20.53
N GLY A 142 2.19 -27.85 19.34
CA GLY A 142 1.53 -27.17 18.25
C GLY A 142 0.67 -28.09 17.41
N ALA A 143 1.11 -29.34 17.28
CA ALA A 143 0.29 -30.34 16.59
C ALA A 143 -1.08 -30.48 17.26
N VAL A 144 -1.16 -30.16 18.55
CA VAL A 144 -2.44 -30.22 19.25
C VAL A 144 -3.46 -29.30 18.57
N MET A 145 -3.11 -28.03 18.44
CA MET A 145 -4.05 -27.07 17.86
C MET A 145 -4.26 -27.32 16.37
N GLY A 146 -3.17 -27.51 15.63
CA GLY A 146 -3.29 -27.69 14.19
C GLY A 146 -4.21 -28.83 13.81
N LEU A 147 -3.95 -30.03 14.35
CA LEU A 147 -4.75 -31.19 13.97
C LEU A 147 -6.16 -31.09 14.52
N SER A 148 -6.32 -30.52 15.72
CA SER A 148 -7.66 -30.40 16.30
C SER A 148 -8.54 -29.50 15.45
N LEU A 149 -8.13 -28.25 15.25
CA LEU A 149 -8.96 -27.30 14.53
C LEU A 149 -9.32 -27.82 13.15
N ALA A 150 -8.33 -28.25 12.37
CA ALA A 150 -8.60 -28.82 11.06
C ALA A 150 -9.61 -29.96 11.17
N SER A 151 -9.48 -30.79 12.21
CA SER A 151 -10.47 -31.84 12.43
C SER A 151 -11.83 -31.25 12.74
N ILE A 152 -11.87 -30.22 13.59
CA ILE A 152 -13.15 -29.60 13.96
C ILE A 152 -13.83 -29.03 12.72
N ALA A 153 -13.08 -28.37 11.84
CA ALA A 153 -13.68 -27.76 10.67
C ALA A 153 -14.33 -28.81 9.77
N LEU A 154 -13.63 -29.91 9.52
CA LEU A 154 -14.14 -30.93 8.61
C LEU A 154 -15.38 -31.60 9.17
N LEU A 155 -15.34 -32.03 10.44
CA LEU A 155 -16.46 -32.77 11.01
C LEU A 155 -17.67 -31.86 11.26
N LEU A 156 -17.45 -30.58 11.55
CA LEU A 156 -18.58 -29.72 11.86
C LEU A 156 -19.37 -29.37 10.61
N ILE A 157 -18.70 -29.28 9.46
CA ILE A 157 -19.42 -29.02 8.22
C ILE A 157 -19.98 -30.31 7.62
N SER A 158 -19.16 -31.38 7.63
CA SER A 158 -19.67 -32.66 7.12
C SER A 158 -20.82 -33.16 7.97
N GLY A 159 -20.80 -32.87 9.27
CA GLY A 159 -21.91 -33.21 10.14
C GLY A 159 -23.17 -32.47 9.73
N PHE A 160 -23.09 -31.14 9.65
CA PHE A 160 -24.25 -30.36 9.23
C PHE A 160 -24.53 -30.51 7.75
N TYR A 161 -23.51 -30.81 6.95
CA TYR A 161 -23.74 -31.04 5.53
C TYR A 161 -24.65 -32.25 5.32
N LEU A 162 -24.34 -33.37 5.99
CA LEU A 162 -25.18 -34.56 5.86
C LEU A 162 -26.55 -34.33 6.49
N VAL A 163 -26.61 -33.57 7.58
CA VAL A 163 -27.89 -33.28 8.23
C VAL A 163 -28.78 -32.48 7.28
N PHE A 164 -28.22 -31.43 6.67
CA PHE A 164 -29.01 -30.60 5.76
C PHE A 164 -29.19 -31.28 4.40
N ARG A 165 -28.26 -32.16 4.02
CA ARG A 165 -28.43 -32.89 2.76
C ARG A 165 -29.74 -33.67 2.75
N SER A 166 -30.09 -34.30 3.86
CA SER A 166 -31.34 -35.06 3.97
C SER A 166 -32.48 -34.27 4.60
N VAL A 167 -32.20 -33.16 5.28
CA VAL A 167 -33.20 -32.40 6.01
C VAL A 167 -34.03 -31.56 5.06
N LEU A 168 -33.39 -30.57 4.43
CA LEU A 168 -34.08 -29.61 3.56
C LEU A 168 -33.41 -29.60 2.19
N PRO A 169 -33.89 -30.44 1.26
CA PRO A 169 -33.34 -30.41 -0.09
C PRO A 169 -33.54 -29.06 -0.76
N ASP A 170 -32.93 -28.91 -1.94
CA ASP A 170 -33.03 -27.67 -2.70
C ASP A 170 -32.29 -26.55 -1.99
N ASP A 171 -30.96 -26.54 -2.11
CA ASP A 171 -30.10 -25.51 -1.51
C ASP A 171 -29.96 -25.73 0.00
N TRP A 172 -29.76 -26.99 0.41
CA TRP A 172 -29.43 -27.28 1.80
C TRP A 172 -28.02 -26.81 2.15
N ALA A 173 -27.13 -26.71 1.16
CA ALA A 173 -25.78 -26.27 1.43
C ALA A 173 -25.74 -24.82 1.90
N VAL A 174 -26.66 -23.99 1.42
CA VAL A 174 -26.71 -22.60 1.86
C VAL A 174 -26.88 -22.48 3.36
N PRO A 175 -27.84 -23.18 3.99
CA PRO A 175 -27.98 -23.07 5.45
C PRO A 175 -26.69 -23.34 6.22
N LEU A 176 -25.92 -24.35 5.84
CA LEU A 176 -24.64 -24.59 6.50
C LEU A 176 -23.59 -23.54 6.14
N VAL A 177 -23.83 -22.74 5.10
CA VAL A 177 -22.88 -21.67 4.76
C VAL A 177 -22.94 -20.56 5.79
N ALA A 178 -24.10 -20.34 6.41
CA ALA A 178 -24.17 -19.39 7.52
C ALA A 178 -23.29 -19.82 8.68
N LEU A 179 -22.97 -21.11 8.77
CA LEU A 179 -21.99 -21.58 9.73
C LEU A 179 -20.65 -20.86 9.55
N GLY A 180 -20.33 -20.48 8.32
CA GLY A 180 -19.08 -19.78 8.08
C GLY A 180 -19.11 -18.36 8.60
N PHE A 181 -20.18 -17.62 8.29
CA PHE A 181 -20.28 -16.22 8.71
C PHE A 181 -20.13 -16.10 10.22
N GLY A 182 -20.94 -16.84 10.97
CA GLY A 182 -20.83 -16.79 12.42
C GLY A 182 -19.44 -17.14 12.93
N ALA A 183 -18.73 -18.00 12.21
CA ALA A 183 -17.38 -18.36 12.60
C ALA A 183 -16.36 -17.28 12.26
N SER A 184 -16.65 -16.45 11.25
CA SER A 184 -15.76 -15.34 10.94
C SER A 184 -15.89 -14.22 11.96
N LEU A 185 -17.10 -14.02 12.50
CA LEU A 185 -17.29 -12.98 13.52
C LEU A 185 -16.33 -13.17 14.69
N VAL A 186 -16.01 -14.42 15.04
CA VAL A 186 -15.14 -14.65 16.19
C VAL A 186 -13.68 -14.51 15.81
N THR A 187 -13.30 -14.98 14.62
CA THR A 187 -11.92 -14.78 14.16
C THR A 187 -11.60 -13.29 14.03
N LEU A 188 -12.58 -12.50 13.60
CA LEU A 188 -12.44 -11.05 13.66
C LEU A 188 -12.18 -10.58 15.08
N PHE A 189 -12.89 -11.17 16.05
CA PHE A 189 -12.72 -10.80 17.45
C PHE A 189 -11.26 -10.84 17.87
N MET A 190 -10.65 -12.02 17.74
CA MET A 190 -9.32 -12.23 18.30
C MET A 190 -8.21 -11.66 17.44
N ARG A 191 -8.43 -11.50 16.14
CA ARG A 191 -7.39 -10.92 15.29
C ARG A 191 -7.16 -9.45 15.63
N VAL A 192 -8.24 -8.67 15.71
CA VAL A 192 -8.10 -7.27 16.08
C VAL A 192 -7.91 -7.13 17.58
N GLY A 193 -8.60 -7.95 18.36
CA GLY A 193 -8.45 -7.93 19.80
C GLY A 193 -7.12 -8.52 20.23
N GLY A 194 -6.88 -9.77 19.86
CA GLY A 194 -5.60 -10.39 20.17
C GLY A 194 -4.43 -9.69 19.50
N GLY A 195 -4.65 -9.21 18.28
CA GLY A 195 -3.60 -8.47 17.59
C GLY A 195 -3.20 -7.22 18.34
N ILE A 196 -4.18 -6.44 18.80
CA ILE A 196 -3.90 -5.27 19.63
C ILE A 196 -3.21 -5.71 20.92
N TYR A 197 -3.82 -6.65 21.64
CA TYR A 197 -3.28 -7.09 22.91
C TYR A 197 -1.87 -7.64 22.74
N THR A 198 -1.64 -8.44 21.69
CA THR A 198 -0.34 -9.06 21.51
C THR A 198 0.76 -8.02 21.36
N LYS A 199 0.50 -6.96 20.60
CA LYS A 199 1.50 -5.92 20.38
C LYS A 199 1.40 -4.79 21.40
N ALA A 200 0.20 -4.47 21.89
CA ALA A 200 0.08 -3.46 22.92
C ALA A 200 0.87 -3.86 24.16
N ALA A 201 0.90 -5.16 24.48
CA ALA A 201 1.70 -5.63 25.60
C ALA A 201 3.16 -5.77 25.21
N ASP A 202 3.43 -6.36 24.04
CA ASP A 202 4.81 -6.45 23.56
C ASP A 202 5.45 -5.06 23.49
N LEU A 203 4.70 -4.07 23.00
CA LEU A 203 5.24 -2.72 22.91
C LEU A 203 5.42 -2.11 24.29
N GLY A 204 4.33 -2.04 25.07
CA GLY A 204 4.41 -1.43 26.39
C GLY A 204 5.41 -2.10 27.30
N ALA A 205 5.59 -3.42 27.15
CA ALA A 205 6.51 -4.15 28.01
C ALA A 205 7.96 -3.93 27.58
N ASP A 206 8.20 -3.82 26.27
CA ASP A 206 9.57 -3.73 25.78
C ASP A 206 10.20 -2.37 26.13
N LEU A 207 9.52 -1.27 25.81
CA LEU A 207 10.15 0.03 25.93
C LEU A 207 10.26 0.47 27.39
N VAL A 208 9.35 0.03 28.26
CA VAL A 208 9.47 0.39 29.66
C VAL A 208 10.72 -0.27 30.26
N GLY A 209 11.14 -1.39 29.68
CA GLY A 209 12.40 -1.98 30.09
C GLY A 209 13.60 -1.20 29.59
N LYS A 210 13.49 -0.60 28.41
CA LYS A 210 14.57 0.17 27.81
C LYS A 210 14.61 1.59 28.38
N GLU A 217 15.05 -7.73 27.17
CA GLU A 217 13.64 -8.07 27.16
C GLU A 217 13.36 -9.32 27.97
N ASP A 218 12.10 -9.52 28.33
CA ASP A 218 11.68 -10.66 29.15
C ASP A 218 12.29 -10.63 30.54
N ASP A 219 12.58 -9.43 31.02
CA ASP A 219 13.12 -9.29 32.37
C ASP A 219 11.98 -9.36 33.38
N PRO A 220 12.19 -10.06 34.50
CA PRO A 220 11.10 -10.26 35.46
C PRO A 220 10.72 -9.00 36.21
N ARG A 221 11.56 -7.96 36.20
CA ARG A 221 11.24 -6.74 36.94
C ARG A 221 9.89 -6.19 36.51
N ASN A 222 9.61 -6.18 35.21
CA ASN A 222 8.32 -5.61 34.81
C ASN A 222 7.30 -6.72 34.56
N PRO A 223 6.05 -6.51 34.98
CA PRO A 223 5.00 -7.50 34.70
C PRO A 223 4.64 -7.62 33.22
N GLY A 224 5.16 -6.73 32.37
CA GLY A 224 4.86 -6.80 30.95
C GLY A 224 5.41 -8.04 30.27
N VAL A 225 6.35 -8.74 30.90
CA VAL A 225 6.92 -9.94 30.28
C VAL A 225 5.87 -11.03 30.18
N ILE A 226 5.03 -11.17 31.20
CA ILE A 226 3.97 -12.17 31.15
C ILE A 226 2.83 -11.72 30.25
N ALA A 227 2.53 -10.41 30.23
CA ALA A 227 1.48 -9.91 29.35
C ALA A 227 1.85 -10.08 27.88
N ASP A 228 3.15 -9.95 27.55
CA ASP A 228 3.59 -10.19 26.18
C ASP A 228 3.43 -11.65 25.81
N ASN A 229 4.03 -12.55 26.60
CA ASN A 229 3.97 -13.98 26.29
C ASN A 229 2.53 -14.49 26.28
N VAL A 230 1.71 -13.98 27.19
CA VAL A 230 0.28 -14.25 27.09
C VAL A 230 -0.26 -13.72 25.76
N GLY A 231 0.32 -12.61 25.28
CA GLY A 231 -0.07 -12.12 23.97
C GLY A 231 0.45 -13.02 22.85
N ASP A 232 1.65 -13.57 23.01
CA ASP A 232 2.18 -14.48 22.00
C ASP A 232 1.19 -15.58 21.68
N ASN A 233 0.66 -16.24 22.72
CA ASN A 233 -0.35 -17.27 22.51
C ASN A 233 -1.66 -16.69 21.99
N VAL A 234 -1.85 -15.38 22.08
CA VAL A 234 -3.07 -14.77 21.58
C VAL A 234 -2.90 -14.24 20.15
N GLY A 235 -1.68 -13.81 19.79
CA GLY A 235 -1.41 -13.27 18.47
C GLY A 235 -1.23 -14.31 17.39
N ASP A 236 -0.31 -15.25 17.61
CA ASP A 236 0.00 -16.29 16.63
C ASP A 236 -0.61 -17.65 16.96
N VAL A 237 -0.61 -18.04 18.24
CA VAL A 237 -1.22 -19.32 18.62
C VAL A 237 -2.73 -19.26 18.42
N ALA A 238 -3.39 -18.33 19.12
CA ALA A 238 -4.85 -18.25 19.11
C ALA A 238 -5.38 -17.34 18.01
N GLY A 239 -4.90 -16.10 17.95
CA GLY A 239 -5.42 -15.17 16.96
C GLY A 239 -5.21 -15.64 15.54
N MET A 240 -4.04 -16.21 15.25
CA MET A 240 -3.75 -16.67 13.90
C MET A 240 -4.44 -17.98 13.58
N ALA A 241 -4.40 -18.94 14.51
CA ALA A 241 -5.02 -20.24 14.25
C ALA A 241 -6.52 -20.10 14.01
N ALA A 242 -7.18 -19.20 14.74
CA ALA A 242 -8.60 -18.96 14.49
C ALA A 242 -8.80 -18.30 13.14
N ASP A 243 -7.87 -17.44 12.73
CA ASP A 243 -8.00 -16.76 11.44
C ASP A 243 -8.05 -17.75 10.29
N VAL A 244 -7.13 -18.71 10.28
CA VAL A 244 -7.11 -19.70 9.20
C VAL A 244 -8.35 -20.57 9.23
N TYR A 245 -8.99 -20.70 10.39
CA TYR A 245 -10.28 -21.37 10.44
C TYR A 245 -11.26 -20.74 9.46
N GLU A 246 -11.13 -19.42 9.24
CA GLU A 246 -11.93 -18.76 8.22
C GLU A 246 -11.65 -19.33 6.83
N SER A 247 -10.39 -19.66 6.55
CA SER A 247 -10.04 -20.21 5.24
C SER A 247 -10.68 -21.57 5.03
N TYR A 248 -10.58 -22.45 6.03
CA TYR A 248 -11.10 -23.80 5.88
C TYR A 248 -12.61 -23.83 5.78
N ILE A 249 -13.30 -22.86 6.40
CA ILE A 249 -14.76 -22.88 6.45
C ILE A 249 -15.37 -22.15 5.26
N VAL A 250 -14.75 -21.05 4.81
CA VAL A 250 -15.40 -20.23 3.80
C VAL A 250 -15.34 -20.91 2.44
N THR A 251 -14.23 -21.58 2.13
CA THR A 251 -14.09 -22.17 0.81
C THR A 251 -14.88 -23.46 0.67
N VAL A 252 -14.91 -24.30 1.72
CA VAL A 252 -15.74 -25.50 1.66
C VAL A 252 -17.21 -25.12 1.51
N THR A 253 -17.64 -24.04 2.17
CA THR A 253 -19.00 -23.57 2.00
C THR A 253 -19.17 -22.81 0.69
N ALA A 254 -18.14 -22.09 0.25
CA ALA A 254 -18.21 -21.36 -1.01
C ALA A 254 -18.02 -22.30 -2.20
N ALA A 255 -17.16 -23.31 -2.06
CA ALA A 255 -16.95 -24.25 -3.14
C ALA A 255 -18.15 -25.16 -3.33
N ILE A 256 -18.67 -25.71 -2.23
CA ILE A 256 -19.89 -26.52 -2.32
C ILE A 256 -21.04 -25.67 -2.83
N PHE A 257 -21.16 -24.44 -2.34
CA PHE A 257 -22.18 -23.52 -2.86
C PHE A 257 -22.01 -23.28 -4.35
N LEU A 258 -20.78 -23.32 -4.85
CA LEU A 258 -20.56 -23.10 -6.28
C LEU A 258 -21.05 -24.28 -7.11
N ALA A 259 -20.56 -25.49 -6.81
CA ALA A 259 -20.99 -26.66 -7.56
C ALA A 259 -22.51 -26.81 -7.55
N ALA A 260 -23.16 -26.33 -6.48
CA ALA A 260 -24.61 -26.41 -6.42
C ALA A 260 -25.27 -25.40 -7.35
N ILE A 261 -24.87 -24.13 -7.27
CA ILE A 261 -25.53 -23.10 -8.05
C ILE A 261 -25.29 -23.29 -9.55
N LEU A 262 -24.16 -23.90 -9.93
CA LEU A 262 -23.89 -24.11 -11.34
C LEU A 262 -24.76 -25.21 -11.92
N GLY A 263 -25.10 -26.21 -11.13
CA GLY A 263 -25.87 -27.34 -11.60
C GLY A 263 -25.04 -28.57 -11.94
N LEU A 264 -23.77 -28.58 -11.57
CA LEU A 264 -22.90 -29.70 -11.87
C LEU A 264 -23.28 -30.90 -11.01
N PRO A 265 -22.80 -32.09 -11.35
CA PRO A 265 -23.18 -33.29 -10.61
C PRO A 265 -22.64 -33.26 -9.18
N THR A 266 -23.27 -34.06 -8.33
CA THR A 266 -22.84 -34.20 -6.95
C THR A 266 -21.48 -34.88 -6.83
N GLN A 267 -20.95 -35.43 -7.92
CA GLN A 267 -19.62 -36.04 -7.87
C GLN A 267 -18.57 -35.04 -7.40
N PHE A 268 -18.69 -33.78 -7.84
CA PHE A 268 -17.73 -32.77 -7.41
C PHE A 268 -17.82 -32.53 -5.90
N ILE A 269 -19.04 -32.46 -5.36
CA ILE A 269 -19.21 -32.13 -3.95
C ILE A 269 -18.71 -33.26 -3.05
N GLU A 270 -18.77 -34.50 -3.54
CA GLU A 270 -18.30 -35.63 -2.74
C GLU A 270 -16.79 -35.80 -2.81
N ALA A 271 -16.15 -35.34 -3.89
CA ALA A 271 -14.71 -35.47 -4.01
C ALA A 271 -14.00 -34.51 -3.06
N ILE A 272 -14.49 -33.28 -2.94
CA ILE A 272 -13.80 -32.28 -2.13
C ILE A 272 -13.74 -32.72 -0.67
N ILE A 273 -14.80 -33.35 -0.17
CA ILE A 273 -14.79 -33.86 1.20
C ILE A 273 -13.75 -34.96 1.35
N LEU A 274 -13.49 -35.72 0.28
CA LEU A 274 -12.46 -36.76 0.35
C LEU A 274 -11.07 -36.14 0.37
N PHE A 275 -10.84 -35.13 -0.48
CA PHE A 275 -9.56 -34.43 -0.45
C PHE A 275 -9.28 -33.86 0.93
N ALA A 276 -10.32 -33.32 1.58
CA ALA A 276 -10.13 -32.73 2.90
C ALA A 276 -9.74 -33.78 3.93
N ALA A 277 -10.43 -34.93 3.93
CA ALA A 277 -10.11 -35.98 4.89
C ALA A 277 -8.66 -36.46 4.74
N LEU A 278 -8.20 -36.63 3.49
CA LEU A 278 -6.81 -37.01 3.28
C LEU A 278 -5.86 -35.94 3.82
N ALA A 279 -6.24 -34.67 3.71
CA ALA A 279 -5.41 -33.61 4.28
C ALA A 279 -5.29 -33.79 5.79
N LEU A 280 -6.38 -34.19 6.45
CA LEU A 280 -6.30 -34.55 7.86
C LEU A 280 -5.41 -35.77 8.06
N VAL A 281 -5.46 -36.72 7.12
CA VAL A 281 -4.54 -37.85 7.17
C VAL A 281 -3.13 -37.40 6.85
N ALA A 282 -2.98 -36.49 5.89
CA ALA A 282 -1.66 -35.97 5.55
C ALA A 282 -1.08 -35.09 6.64
N THR A 283 -1.94 -34.50 7.48
CA THR A 283 -1.48 -33.74 8.63
C THR A 283 -1.36 -34.61 9.87
N PHE A 284 -2.15 -35.68 9.97
CA PHE A 284 -1.92 -36.66 11.02
C PHE A 284 -0.56 -37.31 10.87
N ALA A 285 -0.16 -37.60 9.63
CA ALA A 285 1.18 -38.13 9.38
C ALA A 285 2.23 -37.03 9.37
N GLY A 286 1.85 -35.81 9.01
CA GLY A 286 2.83 -34.73 8.94
C GLY A 286 3.50 -34.47 10.27
N VAL A 287 2.76 -34.62 11.38
CA VAL A 287 3.28 -34.23 12.68
C VAL A 287 4.12 -35.30 13.36
N ASN A 288 4.27 -36.48 12.76
CA ASN A 288 5.01 -37.55 13.42
C ASN A 288 6.47 -37.17 13.62
N LEU A 289 7.11 -36.66 12.56
CA LEU A 289 8.51 -36.22 12.64
C LEU A 289 9.40 -37.29 13.28
N LEU A 290 9.31 -38.51 12.75
CA LEU A 290 10.10 -39.62 13.28
C LEU A 290 11.44 -39.72 12.58
N GLY A 294 16.48 -38.23 12.14
CA GLY A 294 17.02 -37.59 13.32
C GLY A 294 17.08 -36.09 13.21
N VAL A 295 16.34 -35.40 14.08
CA VAL A 295 16.32 -33.94 14.06
C VAL A 295 17.73 -33.40 14.20
N LYS A 296 18.03 -32.34 13.45
CA LYS A 296 19.35 -31.71 13.48
C LYS A 296 19.21 -30.20 13.52
N HIS A 297 18.91 -29.60 12.39
CA HIS A 297 18.77 -28.16 12.24
C HIS A 297 17.31 -27.78 12.00
N PRO A 298 16.92 -26.53 12.25
CA PRO A 298 15.52 -26.15 12.13
C PRO A 298 14.90 -26.38 10.75
N LEU A 299 15.69 -26.91 9.81
CA LEU A 299 15.14 -27.25 8.50
C LEU A 299 14.13 -28.38 8.57
N SER A 300 14.18 -29.22 9.62
CA SER A 300 13.24 -30.32 9.73
C SER A 300 11.80 -29.85 9.62
N SER A 301 11.52 -28.63 10.10
CA SER A 301 10.17 -28.10 10.00
C SER A 301 9.74 -27.93 8.56
N ILE A 302 10.61 -27.32 7.72
CA ILE A 302 10.23 -27.04 6.35
C ILE A 302 10.13 -28.33 5.53
N SER A 303 10.96 -29.33 5.83
CA SER A 303 10.92 -30.56 5.05
C SER A 303 9.63 -31.33 5.29
N LEU A 304 9.22 -31.48 6.56
CA LEU A 304 8.01 -32.21 6.88
C LEU A 304 6.79 -31.55 6.24
N ALA A 305 6.63 -30.25 6.45
CA ALA A 305 5.53 -29.54 5.82
C ALA A 305 5.59 -29.66 4.30
N ILE A 306 6.80 -29.77 3.75
CA ILE A 306 6.95 -29.94 2.30
C ILE A 306 6.43 -31.31 1.88
N TYR A 307 6.85 -32.37 2.58
CA TYR A 307 6.45 -33.72 2.22
C TYR A 307 5.13 -34.14 2.84
N ALA A 308 4.65 -33.43 3.87
CA ALA A 308 3.28 -33.64 4.32
C ALA A 308 2.27 -33.25 3.25
N THR A 309 2.69 -32.48 2.25
CA THR A 309 1.85 -32.11 1.13
C THR A 309 1.89 -33.16 0.02
N ILE A 310 3.09 -33.55 -0.41
CA ILE A 310 3.21 -34.56 -1.46
C ILE A 310 2.54 -35.85 -1.03
N GLY A 311 2.81 -36.28 0.21
CA GLY A 311 2.09 -37.42 0.76
C GLY A 311 0.59 -37.23 0.63
N LEU A 312 0.12 -36.00 0.73
CA LEU A 312 -1.29 -35.70 0.50
C LEU A 312 -1.62 -35.71 -0.99
N SER A 313 -0.79 -35.09 -1.81
CA SER A 313 -1.09 -34.95 -3.23
C SER A 313 -1.25 -36.30 -3.91
N VAL A 314 -0.21 -37.14 -3.85
CA VAL A 314 -0.30 -38.44 -4.50
C VAL A 314 -1.36 -39.31 -3.84
N VAL A 315 -1.44 -39.26 -2.51
CA VAL A 315 -2.54 -39.93 -1.83
C VAL A 315 -3.88 -39.35 -2.28
N LEU A 316 -3.89 -38.05 -2.59
CA LEU A 316 -5.10 -37.43 -3.12
C LEU A 316 -5.34 -37.83 -4.57
N PHE A 317 -4.29 -37.79 -5.39
CA PHE A 317 -4.41 -38.27 -6.77
C PHE A 317 -4.96 -39.68 -6.82
N PHE A 318 -4.55 -40.53 -5.88
CA PHE A 318 -4.89 -41.95 -5.91
C PHE A 318 -6.24 -42.21 -5.25
N ILE A 319 -6.48 -41.62 -4.07
CA ILE A 319 -7.78 -41.78 -3.44
C ILE A 319 -8.87 -41.02 -4.20
N GLY A 320 -8.49 -39.99 -4.96
CA GLY A 320 -9.49 -39.25 -5.72
C GLY A 320 -10.13 -40.09 -6.81
N ALA A 321 -9.31 -40.84 -7.55
CA ALA A 321 -9.83 -41.70 -8.60
C ALA A 321 -10.51 -42.95 -8.04
N PHE A 322 -10.28 -43.27 -6.76
CA PHE A 322 -10.80 -44.51 -6.19
C PHE A 322 -12.29 -44.40 -5.87
N THR A 323 -12.69 -43.36 -5.13
CA THR A 323 -14.07 -43.27 -4.65
C THR A 323 -15.04 -42.81 -5.73
N LEU A 324 -14.60 -41.92 -6.62
CA LEU A 324 -15.48 -41.33 -7.62
C LEU A 324 -15.03 -41.73 -9.02
N GLY A 325 -16.01 -41.96 -9.89
CA GLY A 325 -15.73 -42.29 -11.27
C GLY A 325 -16.05 -41.14 -12.20
N LEU A 326 -15.05 -40.69 -12.94
CA LEU A 326 -15.21 -39.58 -13.88
C LEU A 326 -14.23 -39.78 -15.03
N ASP A 327 -14.52 -39.14 -16.15
CA ASP A 327 -13.61 -39.22 -17.30
C ASP A 327 -12.20 -38.86 -16.86
N SER A 328 -11.25 -39.74 -17.18
CA SER A 328 -9.87 -39.64 -16.70
C SER A 328 -9.35 -38.21 -16.70
N THR A 329 -9.64 -37.46 -17.78
CA THR A 329 -9.19 -36.07 -17.85
C THR A 329 -9.90 -35.20 -16.81
N LYS A 330 -11.16 -35.51 -16.49
CA LYS A 330 -11.92 -34.71 -15.55
C LYS A 330 -11.61 -35.08 -14.10
N ALA A 331 -11.34 -36.36 -13.84
CA ALA A 331 -11.03 -36.79 -12.47
C ALA A 331 -9.66 -36.28 -12.04
N LEU A 332 -8.66 -36.36 -12.92
CA LEU A 332 -7.35 -35.81 -12.60
C LEU A 332 -7.42 -34.29 -12.48
N ALA A 333 -8.34 -33.64 -13.18
CA ALA A 333 -8.50 -32.20 -13.06
C ALA A 333 -8.71 -31.81 -11.60
N LEU A 334 -9.52 -32.58 -10.88
CA LEU A 334 -9.67 -32.33 -9.45
C LEU A 334 -8.37 -32.53 -8.70
N ALA A 335 -7.64 -33.61 -9.02
CA ALA A 335 -6.36 -33.85 -8.37
C ALA A 335 -5.32 -32.83 -8.81
N ALA A 336 -5.43 -32.30 -10.03
CA ALA A 336 -4.48 -31.29 -10.50
C ALA A 336 -4.78 -29.92 -9.90
N THR A 337 -6.06 -29.56 -9.80
CA THR A 337 -6.41 -28.24 -9.26
C THR A 337 -6.02 -28.13 -7.79
N THR A 338 -6.43 -29.11 -6.97
CA THR A 338 -6.06 -29.07 -5.55
C THR A 338 -4.56 -29.26 -5.37
N SER A 339 -3.91 -29.98 -6.28
CA SER A 339 -2.46 -30.10 -6.23
C SER A 339 -1.78 -28.75 -6.42
N LEU A 340 -2.42 -27.85 -7.17
CA LEU A 340 -1.87 -26.50 -7.34
C LEU A 340 -2.08 -25.65 -6.09
N GLY A 341 -3.22 -25.83 -5.42
CA GLY A 341 -3.42 -25.13 -4.16
C GLY A 341 -2.54 -25.63 -3.05
N ALA A 342 -2.21 -26.93 -3.07
CA ALA A 342 -1.36 -27.49 -2.03
C ALA A 342 0.11 -27.17 -2.27
N VAL A 343 0.54 -27.12 -3.53
CA VAL A 343 1.96 -26.90 -3.82
C VAL A 343 2.35 -25.47 -3.50
N ILE A 344 1.45 -24.51 -3.74
CA ILE A 344 1.81 -23.11 -3.53
C ILE A 344 2.24 -22.87 -2.09
N ALA A 345 1.67 -23.61 -1.15
CA ALA A 345 2.01 -23.39 0.26
C ALA A 345 3.48 -23.64 0.54
N PRO A 346 4.03 -24.83 0.29
CA PRO A 346 5.49 -24.99 0.44
C PRO A 346 6.30 -23.96 -0.31
N LEU A 347 5.80 -23.44 -1.43
CA LEU A 347 6.53 -22.42 -2.16
C LEU A 347 6.59 -21.12 -1.36
N ILE A 348 5.45 -20.70 -0.79
CA ILE A 348 5.46 -19.54 0.09
C ILE A 348 6.32 -19.81 1.31
N VAL A 349 6.39 -21.07 1.75
CA VAL A 349 7.24 -21.41 2.89
C VAL A 349 8.70 -21.16 2.54
N LYS A 350 9.13 -21.62 1.38
CA LYS A 350 10.52 -21.41 0.96
C LYS A 350 10.80 -19.95 0.65
N ILE A 351 9.78 -19.19 0.26
CA ILE A 351 9.98 -17.77 -0.07
C ILE A 351 10.13 -16.95 1.21
N THR A 352 9.12 -16.96 2.07
CA THR A 352 9.20 -16.20 3.31
C THR A 352 10.37 -16.68 4.16
N ASP A 353 10.66 -17.98 4.13
CA ASP A 353 11.83 -18.48 4.86
C ASP A 353 13.11 -17.85 4.34
N TYR A 354 13.16 -17.48 3.06
CA TYR A 354 14.35 -16.84 2.51
C TYR A 354 14.44 -15.38 2.96
N TYR A 355 13.34 -14.63 2.82
CA TYR A 355 13.33 -13.23 3.20
C TYR A 355 13.22 -13.00 4.70
N THR A 356 13.07 -14.06 5.49
CA THR A 356 12.84 -13.93 6.91
C THR A 356 13.93 -14.56 7.78
N SER A 357 14.56 -15.64 7.33
CA SER A 357 15.55 -16.32 8.14
C SER A 357 16.87 -15.56 8.12
N TYR A 358 17.49 -15.40 9.28
CA TYR A 358 18.80 -14.76 9.37
C TYR A 358 19.89 -15.61 8.72
N ASN A 359 19.64 -16.91 8.54
CA ASN A 359 20.55 -17.74 7.76
C ASN A 359 20.71 -17.20 6.34
N TYR A 360 19.74 -16.43 5.85
CA TYR A 360 19.72 -15.96 4.48
C TYR A 360 19.90 -14.44 4.43
N GLY A 361 20.25 -13.96 3.23
CA GLY A 361 20.78 -12.63 3.05
C GLY A 361 19.88 -11.50 3.51
N PRO A 362 18.67 -11.39 2.92
CA PRO A 362 17.85 -10.18 3.11
C PRO A 362 17.72 -9.75 4.56
N VAL A 363 17.93 -10.68 5.49
CA VAL A 363 17.99 -10.32 6.91
C VAL A 363 19.33 -9.68 7.23
N ARG A 364 20.42 -10.29 6.76
CA ARG A 364 21.74 -9.71 6.98
C ARG A 364 21.91 -8.38 6.25
N LYS A 365 21.18 -8.17 5.15
CA LYS A 365 21.25 -6.89 4.45
C LYS A 365 20.92 -5.74 5.38
N ILE A 366 19.90 -5.91 6.23
CA ILE A 366 19.43 -4.82 7.09
C ILE A 366 20.14 -4.86 8.44
N ALA A 367 20.42 -6.06 8.96
CA ALA A 367 21.14 -6.17 10.22
C ALA A 367 22.49 -5.46 10.13
N GLU A 368 23.15 -5.56 8.98
CA GLU A 368 24.41 -4.84 8.78
C GLU A 368 24.16 -3.34 8.77
N GLN A 369 23.03 -2.90 8.22
CA GLN A 369 22.68 -1.48 8.25
C GLN A 369 22.54 -0.94 9.67
N ALA A 370 22.56 -1.80 10.69
CA ALA A 370 22.51 -1.33 12.06
C ALA A 370 23.75 -0.50 12.42
N LYS A 371 24.88 -0.78 11.77
CA LYS A 371 26.10 -0.02 12.07
C LYS A 371 25.93 1.46 11.74
N ILE A 372 25.10 1.78 10.75
CA ILE A 372 24.92 3.16 10.32
C ILE A 372 24.00 3.88 11.29
N SER A 373 22.70 3.52 11.27
CA SER A 373 21.71 4.18 12.10
C SER A 373 20.37 3.46 11.98
N PRO A 374 19.40 3.77 12.85
CA PRO A 374 18.09 3.09 12.73
C PRO A 374 17.26 3.59 11.57
N ALA A 375 17.32 4.89 11.28
CA ALA A 375 16.52 5.44 10.19
C ALA A 375 16.92 4.84 8.85
N THR A 376 18.23 4.62 8.65
CA THR A 376 18.69 4.07 7.38
C THR A 376 18.32 2.60 7.23
N VAL A 377 18.37 1.84 8.34
CA VAL A 377 17.95 0.45 8.26
C VAL A 377 16.43 0.35 8.19
N ILE A 378 15.73 1.31 8.76
CA ILE A 378 14.27 1.32 8.65
C ILE A 378 13.85 1.39 7.18
N ILE A 379 14.35 2.39 6.45
CA ILE A 379 13.91 2.58 5.07
C ILE A 379 14.30 1.37 4.21
N THR A 380 15.51 0.85 4.40
CA THR A 380 15.94 -0.28 3.58
C THR A 380 15.38 -1.60 4.11
N GLY A 381 15.20 -1.73 5.42
CA GLY A 381 14.47 -2.87 5.94
C GLY A 381 13.01 -2.82 5.55
N TYR A 382 12.47 -1.62 5.38
CA TYR A 382 11.17 -1.47 4.75
C TYR A 382 11.22 -1.90 3.29
N GLY A 383 12.31 -1.56 2.59
CA GLY A 383 12.39 -1.87 1.17
C GLY A 383 12.33 -3.36 0.89
N VAL A 384 13.21 -4.13 1.55
CA VAL A 384 13.24 -5.57 1.35
C VAL A 384 11.92 -6.23 1.78
N GLY A 385 11.06 -5.51 2.49
CA GLY A 385 9.74 -5.99 2.78
C GLY A 385 8.83 -5.89 1.56
N LEU A 386 9.02 -4.83 0.77
CA LEU A 386 8.22 -4.65 -0.43
C LEU A 386 8.53 -5.73 -1.45
N MET A 387 9.81 -5.90 -1.79
CA MET A 387 10.20 -6.90 -2.77
C MET A 387 9.95 -8.32 -2.28
N SER A 388 9.67 -8.51 -0.99
CA SER A 388 9.32 -9.83 -0.47
C SER A 388 7.85 -10.18 -0.70
N ALA A 389 7.03 -9.21 -1.09
CA ALA A 389 5.62 -9.47 -1.35
C ALA A 389 5.36 -9.90 -2.78
N ILE A 390 6.16 -9.45 -3.73
CA ILE A 390 5.91 -9.73 -5.15
C ILE A 390 6.13 -11.20 -5.49
N PRO A 391 7.02 -11.94 -4.81
CA PRO A 391 7.15 -13.36 -5.17
C PRO A 391 5.91 -14.15 -4.81
N VAL A 392 5.36 -13.91 -3.62
CA VAL A 392 4.10 -14.57 -3.23
C VAL A 392 3.02 -14.24 -4.26
N ILE A 393 2.82 -12.94 -4.54
CA ILE A 393 1.83 -12.54 -5.52
C ILE A 393 2.08 -13.22 -6.86
N ALA A 394 3.35 -13.28 -7.27
CA ALA A 394 3.68 -13.90 -8.56
C ALA A 394 3.22 -15.36 -8.61
N VAL A 395 3.16 -16.03 -7.47
CA VAL A 395 2.77 -17.43 -7.43
C VAL A 395 1.25 -17.59 -7.35
N ILE A 396 0.59 -16.80 -6.50
CA ILE A 396 -0.84 -16.99 -6.28
C ILE A 396 -1.62 -16.73 -7.57
N VAL A 397 -1.14 -15.82 -8.41
CA VAL A 397 -1.82 -15.56 -9.68
C VAL A 397 -1.52 -16.64 -10.70
N ALA A 398 -0.24 -17.00 -10.85
CA ALA A 398 0.13 -18.06 -11.78
C ALA A 398 -0.50 -19.38 -11.37
N VAL A 399 -0.61 -19.62 -10.06
CA VAL A 399 -1.15 -20.89 -9.58
C VAL A 399 -2.64 -20.99 -9.87
N LEU A 400 -3.41 -19.98 -9.46
CA LEU A 400 -4.85 -20.01 -9.74
C LEU A 400 -5.13 -19.88 -11.22
N GLY A 401 -4.25 -19.21 -11.96
CA GLY A 401 -4.45 -19.10 -13.41
C GLY A 401 -4.34 -20.44 -14.11
N ILE A 402 -3.39 -21.28 -13.67
CA ILE A 402 -3.26 -22.60 -14.27
C ILE A 402 -4.42 -23.49 -13.86
N SER A 403 -4.84 -23.41 -12.60
CA SER A 403 -6.01 -24.17 -12.16
C SER A 403 -7.26 -23.73 -12.91
N TYR A 404 -7.40 -22.41 -13.14
CA TYR A 404 -8.52 -21.92 -13.93
C TYR A 404 -8.58 -22.58 -15.29
N MET A 405 -7.42 -22.72 -15.95
CA MET A 405 -7.40 -23.32 -17.28
C MET A 405 -7.75 -24.80 -17.23
N ILE A 406 -7.04 -25.57 -16.40
CA ILE A 406 -7.25 -27.01 -16.35
C ILE A 406 -8.69 -27.33 -15.98
N GLY A 407 -9.23 -26.63 -14.99
CA GLY A 407 -10.62 -26.83 -14.62
C GLY A 407 -11.61 -26.34 -15.66
N TYR A 408 -11.19 -25.41 -16.52
CA TYR A 408 -12.09 -24.86 -17.53
C TYR A 408 -12.22 -25.79 -18.73
N TYR A 409 -11.11 -26.40 -19.16
CA TYR A 409 -11.13 -27.28 -20.32
C TYR A 409 -11.65 -28.67 -20.00
N THR A 410 -11.65 -29.08 -18.73
CA THR A 410 -12.11 -30.41 -18.35
C THR A 410 -13.61 -30.42 -18.05
N VAL A 411 -14.08 -29.45 -17.29
CA VAL A 411 -15.51 -29.36 -16.96
C VAL A 411 -16.11 -28.11 -17.59
N PHE A 416 -25.47 -23.81 -20.45
CA PHE A 416 -26.65 -22.98 -20.71
C PHE A 416 -26.25 -21.70 -21.46
N GLY A 417 -25.00 -21.30 -21.31
CA GLY A 417 -24.51 -20.10 -22.00
C GLY A 417 -23.01 -20.05 -21.96
N GLU A 418 -22.47 -18.94 -22.51
CA GLU A 418 -21.03 -18.73 -22.48
C GLU A 418 -20.49 -18.68 -21.06
N LEU A 419 -21.32 -18.25 -20.11
CA LEU A 419 -20.87 -18.18 -18.72
C LEU A 419 -20.71 -19.58 -18.13
N SER A 420 -21.62 -20.50 -18.46
CA SER A 420 -21.57 -21.85 -17.90
C SER A 420 -20.17 -22.45 -18.02
N LYS A 421 -19.44 -22.10 -19.09
CA LYS A 421 -18.06 -22.54 -19.21
C LYS A 421 -17.13 -21.68 -18.35
N TYR A 422 -17.30 -20.36 -18.41
CA TYR A 422 -16.49 -19.47 -17.59
C TYR A 422 -16.63 -19.80 -16.11
N LEU A 423 -17.85 -20.17 -15.68
CA LEU A 423 -18.05 -20.55 -14.28
C LEU A 423 -17.29 -21.83 -13.94
N ALA A 424 -17.16 -22.75 -14.90
CA ALA A 424 -16.30 -23.90 -14.70
C ALA A 424 -14.85 -23.47 -14.50
N GLY A 425 -14.48 -22.29 -15.02
CA GLY A 425 -13.15 -21.75 -14.82
C GLY A 425 -12.94 -21.25 -13.42
N ILE A 426 -13.76 -20.28 -12.99
CA ILE A 426 -13.62 -19.75 -11.64
C ILE A 426 -13.80 -20.84 -10.60
N PHE A 427 -14.50 -21.92 -10.96
CA PHE A 427 -14.58 -23.07 -10.06
C PHE A 427 -13.24 -23.79 -9.98
N GLY A 428 -12.54 -23.90 -11.11
CA GLY A 428 -11.18 -24.40 -11.07
C GLY A 428 -10.28 -23.61 -10.14
N THR A 429 -10.55 -22.32 -9.98
CA THR A 429 -9.85 -21.52 -8.99
C THR A 429 -10.36 -21.79 -7.58
N ALA A 430 -11.66 -22.07 -7.44
CA ALA A 430 -12.20 -22.45 -6.14
C ALA A 430 -11.55 -23.73 -5.64
N MET A 431 -11.47 -24.74 -6.51
CA MET A 431 -10.80 -25.98 -6.13
C MET A 431 -9.38 -25.70 -5.67
N ALA A 432 -8.67 -24.79 -6.35
CA ALA A 432 -7.30 -24.45 -5.96
C ALA A 432 -7.27 -23.85 -4.56
N SER A 433 -8.05 -22.78 -4.33
CA SER A 433 -8.10 -22.17 -3.01
C SER A 433 -8.51 -23.20 -1.96
N VAL A 434 -9.45 -24.08 -2.29
CA VAL A 434 -9.83 -25.13 -1.35
C VAL A 434 -8.64 -26.03 -1.05
N GLY A 435 -7.96 -26.51 -2.09
CA GLY A 435 -6.80 -27.36 -1.88
C GLY A 435 -5.73 -26.68 -1.04
N LEU A 436 -5.59 -25.37 -1.16
CA LEU A 436 -4.56 -24.66 -0.41
C LEU A 436 -4.82 -24.72 1.08
N LEU A 437 -6.06 -24.46 1.50
CA LEU A 437 -6.36 -24.30 2.92
C LEU A 437 -6.77 -25.60 3.60
N VAL A 438 -7.11 -26.65 2.84
CA VAL A 438 -7.45 -27.92 3.46
C VAL A 438 -6.25 -28.53 4.19
N VAL A 439 -5.04 -28.10 3.85
CA VAL A 439 -3.83 -28.57 4.52
C VAL A 439 -3.47 -27.59 5.64
N ALA A 440 -4.43 -26.72 6.00
CA ALA A 440 -4.16 -25.73 7.04
C ALA A 440 -3.65 -26.36 8.33
N GLY A 441 -4.04 -27.60 8.61
CA GLY A 441 -3.62 -28.23 9.85
C GLY A 441 -2.12 -28.19 10.07
N ILE A 442 -1.35 -28.46 9.01
CA ILE A 442 0.10 -28.52 9.16
C ILE A 442 0.68 -27.12 9.39
N ILE A 443 0.04 -26.08 8.87
CA ILE A 443 0.57 -24.73 9.01
C ILE A 443 0.28 -24.18 10.39
N ILE A 444 -0.94 -24.40 10.91
CA ILE A 444 -1.26 -23.94 12.25
C ILE A 444 -0.40 -24.67 13.27
N THR A 445 -0.09 -25.94 13.02
CA THR A 445 0.86 -26.66 13.86
C THR A 445 2.15 -25.86 14.01
N ALA A 446 2.51 -25.10 13.00
CA ALA A 446 3.73 -24.30 13.05
C ALA A 446 3.52 -22.95 13.75
N ASP A 447 2.31 -22.39 13.66
CA ASP A 447 2.01 -21.14 14.36
C ASP A 447 1.94 -21.32 15.87
N SER A 448 1.86 -22.55 16.36
CA SER A 448 1.96 -22.81 17.79
C SER A 448 3.35 -23.26 18.21
N TYR A 449 4.18 -23.74 17.27
CA TYR A 449 5.56 -24.10 17.59
C TYR A 449 6.43 -22.86 17.73
N GLY A 450 6.11 -21.78 17.02
CA GLY A 450 6.91 -20.58 17.05
C GLY A 450 6.79 -19.84 18.36
N PRO A 451 5.56 -19.52 18.77
CA PRO A 451 5.39 -18.80 20.04
C PRO A 451 5.73 -19.63 21.27
N VAL A 452 5.47 -20.94 21.24
CA VAL A 452 5.86 -21.78 22.38
C VAL A 452 7.36 -21.71 22.59
N SER A 453 8.14 -21.63 21.51
CA SER A 453 9.57 -21.38 21.63
C SER A 453 9.83 -19.96 22.10
N ASP A 454 8.96 -19.01 21.74
CA ASP A 454 9.05 -17.67 22.29
C ASP A 454 8.82 -17.68 23.80
N ASN A 455 7.82 -18.43 24.25
CA ASN A 455 7.61 -18.61 25.69
C ASN A 455 8.86 -19.18 26.34
N ALA A 456 9.36 -20.29 25.80
CA ALA A 456 10.58 -20.88 26.33
C ALA A 456 11.73 -19.87 26.33
N GLY A 457 11.82 -19.06 25.28
CA GLY A 457 12.83 -18.02 25.26
C GLY A 457 12.68 -17.03 26.40
N GLY A 458 11.46 -16.77 26.83
CA GLY A 458 11.25 -15.91 27.98
C GLY A 458 11.58 -16.61 29.30
N VAL A 459 11.15 -17.86 29.44
CA VAL A 459 11.36 -18.59 30.69
C VAL A 459 12.83 -18.61 31.08
N VAL A 460 13.71 -18.66 30.08
CA VAL A 460 15.12 -18.87 30.35
C VAL A 460 15.81 -17.57 30.76
N GLU A 461 15.43 -16.45 30.16
CA GLU A 461 16.12 -15.19 30.43
C GLU A 461 15.72 -14.62 31.79
N MET A 462 14.45 -14.78 32.18
CA MET A 462 14.00 -14.28 33.47
C MET A 462 14.45 -15.20 34.60
N ALA A 463 14.42 -16.51 34.37
CA ALA A 463 14.93 -17.47 35.34
C ALA A 463 16.44 -17.62 35.29
N GLY A 464 17.12 -16.81 34.48
CA GLY A 464 18.57 -16.87 34.37
C GLY A 464 19.11 -18.27 34.18
N LEU A 465 18.50 -19.03 33.26
CA LEU A 465 18.94 -20.39 32.99
C LEU A 465 20.28 -20.36 32.25
N PRO A 466 20.92 -21.53 32.10
CA PRO A 466 22.23 -21.57 31.45
C PRO A 466 22.24 -20.81 30.12
N ASP A 467 23.40 -20.22 29.82
CA ASP A 467 23.53 -19.39 28.63
C ASP A 467 23.19 -20.19 27.37
N GLU A 468 23.83 -21.35 27.20
CA GLU A 468 23.64 -22.12 25.98
C GLU A 468 22.19 -22.51 25.77
N VAL A 469 21.53 -22.97 26.83
CA VAL A 469 20.17 -23.47 26.67
C VAL A 469 19.19 -22.33 26.47
N ARG A 470 19.45 -21.17 27.08
CA ARG A 470 18.63 -19.99 26.85
C ARG A 470 18.90 -19.34 25.50
N GLU A 471 19.99 -19.71 24.83
CA GLU A 471 20.24 -19.21 23.48
C GLU A 471 19.54 -20.05 22.43
N ILE A 472 19.41 -21.37 22.65
CA ILE A 472 18.74 -22.21 21.67
C ILE A 472 17.25 -21.89 21.61
N THR A 473 16.66 -21.50 22.74
CA THR A 473 15.28 -21.04 22.71
C THR A 473 15.12 -19.84 21.80
N ASP A 474 16.15 -18.99 21.71
CA ASP A 474 16.08 -17.82 20.84
C ASP A 474 16.07 -18.22 19.38
N VAL A 475 16.89 -19.19 18.99
CA VAL A 475 16.90 -19.65 17.61
C VAL A 475 15.59 -20.37 17.28
N LEU A 476 15.08 -21.17 18.22
CA LEU A 476 13.74 -21.72 18.04
C LEU A 476 12.70 -20.61 17.95
N ASP A 477 12.94 -19.50 18.66
CA ASP A 477 12.07 -18.34 18.52
C ASP A 477 12.29 -17.65 17.18
N SER A 478 13.54 -17.51 16.76
CA SER A 478 13.83 -16.90 15.46
C SER A 478 13.31 -17.77 14.33
N VAL A 479 13.38 -19.09 14.48
CA VAL A 479 12.77 -19.98 13.49
C VAL A 479 11.25 -19.83 13.53
N GLY A 480 10.69 -19.75 14.74
CA GLY A 480 9.26 -19.47 14.85
C GLY A 480 8.87 -18.16 14.22
N ASN A 481 9.72 -17.14 14.36
CA ASN A 481 9.44 -15.86 13.69
C ASN A 481 9.39 -16.03 12.18
N THR A 482 10.23 -16.91 11.64
CA THR A 482 10.12 -17.26 10.23
C THR A 482 8.84 -18.04 9.93
N THR A 483 8.25 -18.65 10.95
CA THR A 483 7.04 -19.43 10.77
C THR A 483 5.80 -18.52 10.72
N LYS A 484 5.70 -17.59 11.68
CA LYS A 484 4.53 -16.72 11.71
C LYS A 484 4.39 -15.94 10.41
N ALA A 485 5.51 -15.52 9.82
CA ALA A 485 5.47 -14.86 8.52
C ALA A 485 5.04 -15.85 7.43
N THR A 486 5.53 -17.08 7.49
CA THR A 486 5.12 -18.09 6.51
C THR A 486 3.62 -18.34 6.57
N THR A 487 3.04 -18.35 7.78
CA THR A 487 1.61 -18.58 7.91
C THR A 487 0.81 -17.37 7.45
N LYS A 488 1.32 -16.16 7.69
CA LYS A 488 0.67 -14.96 7.19
C LYS A 488 0.60 -14.99 5.67
N GLY A 489 1.67 -15.44 5.01
CA GLY A 489 1.59 -15.69 3.57
C GLY A 489 0.57 -16.76 3.25
N TYR A 490 0.66 -17.90 3.92
CA TYR A 490 -0.32 -18.97 3.71
C TYR A 490 -1.73 -18.49 4.01
N ALA A 491 -1.89 -17.68 5.06
CA ALA A 491 -3.22 -17.17 5.41
C ALA A 491 -3.72 -16.19 4.37
N ILE A 492 -2.93 -15.16 4.07
CA ILE A 492 -3.40 -14.08 3.21
C ILE A 492 -3.53 -14.57 1.77
N ALA A 493 -2.53 -15.32 1.28
CA ALA A 493 -2.57 -15.77 -0.11
C ALA A 493 -3.81 -16.62 -0.37
N SER A 494 -4.12 -17.55 0.54
CA SER A 494 -5.34 -18.34 0.40
C SER A 494 -6.56 -17.45 0.30
N ALA A 495 -6.54 -16.30 0.99
CA ALA A 495 -7.68 -15.37 0.92
C ALA A 495 -7.81 -14.76 -0.47
N ALA A 496 -6.69 -14.48 -1.13
CA ALA A 496 -6.75 -13.84 -2.43
C ALA A 496 -7.51 -14.69 -3.44
N LEU A 497 -7.28 -16.00 -3.43
CA LEU A 497 -7.98 -16.87 -4.37
C LEU A 497 -9.47 -16.95 -4.07
N ALA A 498 -9.86 -16.90 -2.80
CA ALA A 498 -11.27 -17.02 -2.46
C ALA A 498 -12.07 -15.80 -2.88
N ALA A 499 -11.44 -14.62 -2.92
CA ALA A 499 -12.18 -13.39 -3.18
C ALA A 499 -12.93 -13.47 -4.51
N LEU A 500 -12.24 -13.87 -5.58
CA LEU A 500 -12.90 -13.97 -6.88
C LEU A 500 -13.98 -15.06 -6.88
N VAL A 501 -13.75 -16.14 -6.15
CA VAL A 501 -14.78 -17.16 -5.97
C VAL A 501 -15.94 -16.60 -5.15
N LEU A 502 -15.65 -15.86 -4.08
CA LEU A 502 -16.72 -15.21 -3.32
C LEU A 502 -17.41 -14.13 -4.15
N PHE A 503 -16.69 -13.50 -5.07
CA PHE A 503 -17.34 -12.56 -5.99
C PHE A 503 -18.46 -13.26 -6.76
N ILE A 504 -18.15 -14.40 -7.37
CA ILE A 504 -19.15 -15.13 -8.14
C ILE A 504 -20.28 -15.61 -7.22
N ALA A 505 -19.92 -16.03 -6.00
CA ALA A 505 -20.95 -16.45 -5.04
C ALA A 505 -21.81 -15.26 -4.62
N LEU A 506 -21.20 -14.08 -4.50
CA LEU A 506 -21.99 -12.89 -4.19
C LEU A 506 -22.98 -12.59 -5.32
N ILE A 507 -22.57 -12.87 -6.57
CA ILE A 507 -23.42 -12.57 -7.71
C ILE A 507 -24.71 -13.39 -7.66
N PHE A 508 -24.58 -14.70 -7.40
CA PHE A 508 -25.76 -15.55 -7.34
C PHE A 508 -26.68 -15.15 -6.19
N GLU A 509 -26.17 -14.41 -5.21
CA GLU A 509 -27.03 -13.89 -4.16
C GLU A 509 -27.75 -12.62 -4.59
N ILE A 510 -27.13 -11.82 -5.46
CA ILE A 510 -27.82 -10.66 -6.03
C ILE A 510 -28.70 -11.07 -7.22
N VAL A 511 -28.39 -12.20 -7.86
CA VAL A 511 -29.27 -12.70 -8.92
C VAL A 511 -30.56 -13.28 -8.32
N TYR A 512 -30.44 -13.99 -7.20
CA TYR A 512 -31.63 -14.54 -6.56
C TYR A 512 -32.54 -13.44 -6.04
N SER A 513 -31.97 -12.37 -5.49
CA SER A 513 -32.77 -11.27 -4.96
C SER A 513 -33.32 -10.38 -6.07
N ALA A 514 -32.64 -10.33 -7.22
CA ALA A 514 -33.13 -9.51 -8.32
C ALA A 514 -34.44 -10.08 -8.87
N SER A 515 -34.52 -11.41 -9.02
CA SER A 515 -35.74 -12.02 -9.53
C SER A 515 -36.94 -11.71 -8.65
N LYS A 516 -36.73 -11.59 -7.34
CA LYS A 516 -37.80 -11.28 -6.40
C LYS A 516 -37.71 -9.83 -5.93
N ASP A 524 -32.13 -12.08 -17.24
CA ASP A 524 -32.39 -11.41 -15.97
C ASP A 524 -31.17 -10.61 -15.49
N MET A 525 -30.85 -10.74 -14.20
CA MET A 525 -29.73 -10.00 -13.64
C MET A 525 -28.42 -10.32 -14.35
N ILE A 526 -28.27 -11.57 -14.82
CA ILE A 526 -27.05 -11.95 -15.52
C ILE A 526 -26.78 -11.01 -16.70
N SER A 527 -27.83 -10.62 -17.42
CA SER A 527 -27.63 -9.75 -18.57
C SER A 527 -27.28 -8.32 -18.14
N GLU A 528 -27.71 -7.91 -16.95
CA GLU A 528 -27.52 -6.54 -16.49
C GLU A 528 -26.26 -6.38 -15.64
N SER A 529 -26.01 -7.31 -14.70
CA SER A 529 -24.86 -7.16 -13.82
C SER A 529 -23.55 -7.31 -14.58
N LEU A 530 -23.49 -8.26 -15.52
CA LEU A 530 -22.28 -8.45 -16.32
C LEU A 530 -21.89 -7.14 -17.00
N SER A 531 -22.85 -6.45 -17.60
CA SER A 531 -22.62 -5.17 -18.26
C SER A 531 -22.74 -3.99 -17.30
N GLY A 532 -22.94 -4.25 -16.01
CA GLY A 532 -23.07 -3.18 -15.04
C GLY A 532 -21.89 -3.08 -14.09
N LEU A 533 -21.04 -4.10 -14.04
CA LEU A 533 -19.91 -4.14 -13.13
C LEU A 533 -18.57 -4.19 -13.86
N GLN A 534 -18.52 -3.83 -15.14
CA GLN A 534 -17.24 -3.73 -15.82
C GLN A 534 -16.39 -2.67 -15.13
N LEU A 535 -15.10 -2.98 -14.94
CA LEU A 535 -14.26 -2.28 -13.97
C LEU A 535 -14.33 -0.76 -14.10
N ILE A 536 -14.69 -0.22 -15.27
CA ILE A 536 -14.65 1.22 -15.47
C ILE A 536 -15.92 1.93 -15.01
N ASN A 537 -16.92 1.20 -14.54
CA ASN A 537 -18.14 1.84 -14.07
C ASN A 537 -17.82 2.81 -12.93
N ALA A 538 -18.68 3.82 -12.77
CA ALA A 538 -18.43 4.86 -11.78
C ALA A 538 -18.28 4.28 -10.39
N ASN A 539 -19.33 3.59 -9.90
CA ASN A 539 -19.30 3.07 -8.53
C ASN A 539 -18.13 2.12 -8.32
N VAL A 540 -17.79 1.33 -9.33
CA VAL A 540 -16.77 0.30 -9.15
C VAL A 540 -15.40 0.94 -8.92
N LEU A 541 -15.05 1.95 -9.72
CA LEU A 541 -13.74 2.57 -9.57
C LEU A 541 -13.65 3.37 -8.27
N ILE A 542 -14.71 4.11 -7.93
CA ILE A 542 -14.71 4.84 -6.67
C ILE A 542 -14.60 3.88 -5.50
N GLY A 543 -15.40 2.81 -5.53
CA GLY A 543 -15.29 1.80 -4.48
C GLY A 543 -13.87 1.28 -4.35
N ALA A 544 -13.21 1.01 -5.47
CA ALA A 544 -11.83 0.54 -5.42
C ALA A 544 -10.93 1.54 -4.70
N PHE A 545 -11.24 2.83 -4.79
CA PHE A 545 -10.48 3.82 -4.03
C PHE A 545 -10.98 3.91 -2.59
N LEU A 546 -12.28 3.76 -2.36
CA LEU A 546 -12.78 3.74 -0.99
C LEU A 546 -12.45 2.42 -0.29
N GLY A 547 -12.27 1.34 -1.07
CA GLY A 547 -11.82 0.10 -0.48
C GLY A 547 -10.37 0.16 -0.03
N VAL A 548 -9.51 0.78 -0.84
CA VAL A 548 -8.13 0.98 -0.43
C VAL A 548 -8.01 2.14 0.56
N ALA A 549 -8.96 3.08 0.55
CA ALA A 549 -8.98 4.13 1.56
C ALA A 549 -9.55 3.62 2.87
N LEU A 550 -10.55 2.73 2.81
CA LEU A 550 -11.14 2.19 4.03
C LEU A 550 -10.14 1.35 4.79
N VAL A 551 -9.29 0.60 4.09
CA VAL A 551 -8.32 -0.25 4.77
C VAL A 551 -7.28 0.59 5.49
N TYR A 552 -6.93 1.77 4.93
CA TYR A 552 -6.07 2.69 5.65
C TYR A 552 -6.76 3.20 6.92
N PHE A 553 -8.02 3.60 6.80
CA PHE A 553 -8.74 4.08 7.97
C PHE A 553 -8.93 2.98 9.01
N PHE A 554 -8.98 1.73 8.58
CA PHE A 554 -9.15 0.62 9.52
C PHE A 554 -7.82 0.26 10.18
N SER A 555 -6.76 0.14 9.39
CA SER A 555 -5.46 -0.23 9.95
C SER A 555 -4.86 0.90 10.78
N SER A 556 -4.92 2.14 10.28
CA SER A 556 -4.34 3.25 11.02
C SER A 556 -5.13 3.57 12.28
N ARG A 557 -6.43 3.25 12.29
CA ARG A 557 -7.20 3.34 13.53
C ARG A 557 -6.73 2.29 14.51
N THR A 558 -6.39 1.08 14.02
CA THR A 558 -5.87 0.05 14.90
C THR A 558 -4.50 0.44 15.44
N LEU A 559 -3.62 0.97 14.59
CA LEU A 559 -2.27 1.30 15.03
C LEU A 559 -2.28 2.34 16.14
N GLU A 560 -3.08 3.39 15.99
CA GLU A 560 -3.15 4.40 17.04
C GLU A 560 -3.79 3.83 18.31
N ALA A 561 -4.76 2.93 18.15
CA ALA A 561 -5.38 2.29 19.31
C ALA A 561 -4.37 1.44 20.08
N VAL A 562 -3.79 0.45 19.39
CA VAL A 562 -2.81 -0.43 20.04
C VAL A 562 -1.69 0.40 20.65
N GLY A 563 -1.26 1.45 19.96
CA GLY A 563 -0.20 2.29 20.48
C GLY A 563 -0.60 3.06 21.72
N ARG A 564 -1.88 3.45 21.81
CA ARG A 564 -2.35 4.21 22.96
C ARG A 564 -2.77 3.31 24.11
N THR A 565 -3.43 2.19 23.83
CA THR A 565 -3.77 1.26 24.90
C THR A 565 -2.52 0.70 25.56
N ALA A 566 -1.47 0.46 24.76
CA ALA A 566 -0.18 0.08 25.34
C ALA A 566 0.29 1.15 26.32
N MET A 567 0.12 2.43 25.97
CA MET A 567 0.45 3.50 26.90
C MET A 567 -0.34 3.35 28.19
N GLU A 568 -1.57 2.82 28.11
CA GLU A 568 -2.30 2.53 29.32
C GLU A 568 -1.70 1.35 30.08
N ILE A 569 -0.96 0.48 29.40
CA ILE A 569 -0.20 -0.55 30.08
C ILE A 569 1.07 0.04 30.68
N VAL A 570 1.77 0.87 29.90
CA VAL A 570 2.97 1.53 30.40
C VAL A 570 2.64 2.37 31.63
N GLU A 571 1.53 3.12 31.56
CA GLU A 571 1.09 3.90 32.71
C GLU A 571 0.71 3.00 33.88
N GLU A 572 0.06 1.88 33.59
CA GLU A 572 -0.37 0.98 34.67
C GLU A 572 0.83 0.42 35.42
N ILE A 573 1.90 0.08 34.71
CA ILE A 573 3.09 -0.48 35.35
C ILE A 573 3.62 0.49 36.40
N ARG A 574 3.73 1.77 36.02
CA ARG A 574 4.22 2.77 36.96
C ARG A 574 3.36 2.80 38.22
N ARG A 575 2.05 2.70 38.05
CA ARG A 575 1.13 2.77 39.18
C ARG A 575 1.48 1.75 40.24
N GLN A 576 1.84 0.53 39.83
CA GLN A 576 2.22 -0.53 40.76
C GLN A 576 3.70 -0.49 41.13
N PHE A 577 4.58 -0.30 40.14
CA PHE A 577 6.01 -0.31 40.41
C PHE A 577 6.43 0.89 41.27
N ARG A 578 5.71 2.01 41.18
CA ARG A 578 6.03 3.15 42.02
C ARG A 578 5.71 2.87 43.49
N GLU A 579 4.77 1.96 43.76
CA GLU A 579 4.35 1.73 45.14
C GLU A 579 5.42 1.00 45.94
N LYS A 580 5.96 -0.08 45.39
CA LYS A 580 6.99 -0.88 46.05
C LYS A 580 8.07 -1.24 45.03
N PRO A 581 9.25 -1.62 45.50
CA PRO A 581 10.32 -1.97 44.56
C PRO A 581 10.03 -3.28 43.85
N GLY A 582 10.38 -3.32 42.56
CA GLY A 582 10.23 -4.52 41.76
C GLY A 582 11.24 -5.60 42.03
N ILE A 583 12.13 -5.41 43.02
CA ILE A 583 13.14 -6.42 43.31
C ILE A 583 12.50 -7.64 43.97
N LEU A 584 11.67 -7.42 44.98
CA LEU A 584 10.96 -8.49 45.67
C LEU A 584 9.48 -8.41 45.30
N GLU A 585 8.99 -9.44 44.64
CA GLU A 585 7.60 -9.47 44.19
C GLU A 585 6.63 -9.52 45.36
N PRO A 590 -2.34 -11.89 40.25
CA PRO A 590 -2.61 -10.56 40.82
C PRO A 590 -1.98 -9.43 39.99
N ASP A 591 -0.66 -9.26 40.11
CA ASP A 591 0.01 -8.21 39.35
C ASP A 591 0.01 -8.54 37.85
N TYR A 592 0.25 -9.81 37.51
CA TYR A 592 0.19 -10.22 36.10
C TYR A 592 -1.25 -10.32 35.63
N ALA A 593 -2.17 -10.74 36.51
CA ALA A 593 -3.58 -10.76 36.16
C ALA A 593 -4.11 -9.34 35.95
N ARG A 594 -3.57 -8.36 36.67
CA ARG A 594 -4.01 -6.98 36.52
C ARG A 594 -3.66 -6.44 35.14
N VAL A 595 -2.40 -6.61 34.71
CA VAL A 595 -1.99 -6.13 33.39
C VAL A 595 -2.77 -6.84 32.30
N VAL A 596 -3.19 -8.08 32.54
CA VAL A 596 -3.96 -8.81 31.53
C VAL A 596 -5.36 -8.25 31.43
N ASP A 597 -6.06 -8.12 32.56
CA ASP A 597 -7.45 -7.67 32.52
C ASP A 597 -7.55 -6.23 32.04
N ILE A 598 -6.60 -5.38 32.42
CA ILE A 598 -6.67 -3.97 32.04
C ILE A 598 -6.39 -3.79 30.56
N ALA A 599 -5.48 -4.59 30.00
CA ALA A 599 -5.12 -4.44 28.60
C ALA A 599 -6.21 -4.95 27.67
N THR A 600 -6.88 -6.04 28.04
CA THR A 600 -7.91 -6.61 27.17
C THR A 600 -9.14 -5.71 27.10
N ARG A 601 -9.71 -5.36 28.25
CA ARG A 601 -10.93 -4.57 28.24
C ARG A 601 -10.70 -3.20 27.60
N ARG A 602 -9.46 -2.70 27.65
CA ARG A 602 -9.14 -1.48 26.92
C ARG A 602 -8.91 -1.76 25.44
N ALA A 603 -8.29 -2.90 25.12
CA ALA A 603 -8.11 -3.29 23.72
C ALA A 603 -9.44 -3.68 23.09
N LEU A 604 -10.17 -4.59 23.72
CA LEU A 604 -11.49 -4.97 23.23
C LEU A 604 -12.43 -3.76 23.16
N GLY A 605 -12.23 -2.78 24.05
CA GLY A 605 -13.04 -1.57 23.98
C GLY A 605 -12.87 -0.85 22.66
N GLU A 606 -11.62 -0.71 22.20
CA GLU A 606 -11.39 -0.10 20.89
C GLU A 606 -11.86 -1.00 19.77
N PHE A 607 -11.78 -2.32 19.95
CA PHE A 607 -12.11 -3.26 18.89
C PHE A 607 -13.45 -2.92 18.24
N LEU A 608 -14.46 -2.62 19.05
CA LEU A 608 -15.79 -2.37 18.50
C LEU A 608 -15.83 -1.13 17.62
N ILE A 609 -14.85 -0.24 17.75
CA ILE A 609 -14.85 1.01 16.99
C ILE A 609 -14.44 0.72 15.54
N PRO A 610 -13.24 0.22 15.28
CA PRO A 610 -12.92 -0.16 13.89
C PRO A 610 -13.66 -1.42 13.45
N GLY A 611 -13.80 -2.40 14.32
CA GLY A 611 -14.52 -3.61 13.95
C GLY A 611 -15.90 -3.31 13.40
N LEU A 612 -16.67 -2.52 14.12
CA LEU A 612 -18.00 -2.14 13.64
C LEU A 612 -17.92 -1.08 12.55
N ALA A 613 -16.91 -0.20 12.59
CA ALA A 613 -16.75 0.78 11.52
C ALA A 613 -16.42 0.09 10.21
N ALA A 614 -15.63 -0.98 10.25
CA ALA A 614 -15.36 -1.76 9.06
C ALA A 614 -16.60 -2.53 8.61
N ILE A 615 -17.56 -2.74 9.50
CA ILE A 615 -18.80 -3.40 9.12
C ILE A 615 -19.76 -2.42 8.44
N VAL A 616 -19.78 -1.18 8.92
CA VAL A 616 -20.80 -0.22 8.47
C VAL A 616 -20.41 0.38 7.13
N LEU A 617 -19.24 1.01 7.07
CA LEU A 617 -18.84 1.73 5.85
C LEU A 617 -19.05 0.91 4.58
N PRO A 618 -18.74 -0.38 4.53
CA PRO A 618 -19.14 -1.17 3.35
C PRO A 618 -20.64 -1.24 3.18
N LEU A 619 -21.38 -1.36 4.29
CA LEU A 619 -22.83 -1.43 4.20
C LEU A 619 -23.42 -0.12 3.67
N ILE A 620 -22.93 1.02 4.15
CA ILE A 620 -23.46 2.30 3.69
C ILE A 620 -23.17 2.48 2.20
N THR A 621 -21.91 2.28 1.80
CA THR A 621 -21.58 2.38 0.39
C THR A 621 -22.34 1.36 -0.43
N GLY A 622 -22.54 0.16 0.12
CA GLY A 622 -23.28 -0.86 -0.59
C GLY A 622 -24.72 -0.49 -0.85
N LEU A 623 -25.33 0.27 0.06
CA LEU A 623 -26.73 0.68 -0.08
C LEU A 623 -26.87 2.12 -0.55
N LEU A 624 -26.00 3.03 -0.09
CA LEU A 624 -26.10 4.43 -0.51
C LEU A 624 -25.74 4.58 -1.98
N LEU A 625 -24.70 3.88 -2.44
CA LEU A 625 -24.28 3.93 -3.83
C LEU A 625 -24.73 2.71 -4.62
N GLY A 626 -24.55 1.51 -4.06
CA GLY A 626 -25.00 0.30 -4.72
C GLY A 626 -24.08 -0.88 -4.52
N TRP A 627 -24.49 -2.04 -5.04
CA TRP A 627 -23.64 -3.22 -4.96
C TRP A 627 -22.40 -3.07 -5.84
N ASN A 628 -22.51 -2.28 -6.91
CA ASN A 628 -21.32 -1.96 -7.69
C ASN A 628 -20.24 -1.33 -6.82
N ALA A 629 -20.64 -0.39 -5.96
CA ALA A 629 -19.67 0.29 -5.10
C ALA A 629 -18.95 -0.69 -4.19
N LEU A 630 -19.69 -1.62 -3.60
CA LEU A 630 -19.07 -2.61 -2.71
C LEU A 630 -18.22 -3.59 -3.51
N ALA A 631 -18.66 -3.96 -4.71
CA ALA A 631 -17.84 -4.82 -5.57
C ALA A 631 -16.49 -4.17 -5.86
N GLY A 632 -16.46 -2.85 -5.98
CA GLY A 632 -15.20 -2.14 -6.14
C GLY A 632 -14.48 -2.00 -4.81
N LEU A 633 -15.23 -1.72 -3.75
CA LEU A 633 -14.64 -1.62 -2.42
C LEU A 633 -13.95 -2.92 -2.04
N ILE A 634 -14.57 -4.06 -2.37
CA ILE A 634 -13.94 -5.35 -2.11
C ILE A 634 -12.83 -5.66 -3.11
N MET A 635 -12.85 -5.01 -4.28
CA MET A 635 -11.79 -5.22 -5.26
C MET A 635 -10.50 -4.53 -4.82
N GLY A 636 -10.56 -3.21 -4.63
CA GLY A 636 -9.38 -2.49 -4.16
C GLY A 636 -8.87 -3.00 -2.83
N ALA A 637 -9.77 -3.48 -1.97
CA ALA A 637 -9.34 -4.05 -0.70
C ALA A 637 -8.52 -5.32 -0.90
N ILE A 638 -9.01 -6.24 -1.74
CA ILE A 638 -8.26 -7.46 -2.01
C ILE A 638 -6.99 -7.13 -2.80
N VAL A 639 -7.03 -6.11 -3.65
CA VAL A 639 -5.88 -5.77 -4.46
C VAL A 639 -4.79 -5.10 -3.61
N ALA A 640 -5.20 -4.27 -2.65
CA ALA A 640 -4.24 -3.61 -1.77
C ALA A 640 -3.90 -4.46 -0.55
N GLY A 641 -4.90 -5.13 0.02
CA GLY A 641 -4.68 -5.85 1.26
C GLY A 641 -3.68 -6.98 1.11
N VAL A 642 -3.84 -7.79 0.06
CA VAL A 642 -2.95 -8.95 -0.13
C VAL A 642 -1.50 -8.53 -0.26
N PRO A 643 -1.13 -7.54 -1.07
CA PRO A 643 0.29 -7.16 -1.16
C PRO A 643 0.80 -6.46 0.08
N ARG A 644 0.02 -5.52 0.63
CA ARG A 644 0.48 -4.78 1.80
C ARG A 644 0.72 -5.70 2.98
N ALA A 645 -0.30 -6.50 3.33
CA ALA A 645 -0.16 -7.39 4.47
C ALA A 645 1.07 -8.30 4.31
N LEU A 646 1.39 -8.67 3.07
CA LEU A 646 2.63 -9.39 2.82
C LEU A 646 3.83 -8.47 3.03
N LEU A 647 3.76 -7.24 2.51
CA LEU A 647 4.84 -6.27 2.68
C LEU A 647 5.19 -6.10 4.15
N MET A 648 4.19 -6.08 5.03
CA MET A 648 4.39 -5.86 6.45
C MET A 648 4.63 -7.17 7.20
N ALA A 649 3.82 -8.20 6.92
CA ALA A 649 4.00 -9.49 7.57
C ALA A 649 5.44 -9.98 7.41
N ASN A 650 6.03 -9.76 6.24
CA ASN A 650 7.39 -10.21 5.99
C ASN A 650 8.42 -9.25 6.57
N ALA A 651 8.21 -7.94 6.42
CA ALA A 651 9.18 -6.96 6.91
C ALA A 651 9.30 -7.04 8.43
N GLY A 652 8.16 -7.08 9.13
CA GLY A 652 8.20 -7.22 10.57
C GLY A 652 9.00 -8.44 11.00
N GLY A 653 8.77 -9.57 10.34
CA GLY A 653 9.56 -10.75 10.63
C GLY A 653 11.03 -10.56 10.33
N ALA A 654 11.36 -9.77 9.32
CA ALA A 654 12.76 -9.55 8.97
C ALA A 654 13.46 -8.69 10.02
N TRP A 655 12.84 -7.58 10.41
CA TRP A 655 13.40 -6.75 11.47
C TRP A 655 13.55 -7.53 12.77
N ASP A 656 12.58 -8.39 13.07
CA ASP A 656 12.67 -9.22 14.27
C ASP A 656 13.82 -10.19 14.16
N ASN A 657 13.92 -10.92 13.04
CA ASN A 657 15.02 -11.85 12.86
C ASN A 657 16.34 -11.12 12.64
N ALA A 658 16.30 -9.92 12.05
CA ALA A 658 17.51 -9.12 11.95
C ALA A 658 18.09 -8.82 13.33
N LYS A 659 17.23 -8.48 14.29
CA LYS A 659 17.69 -8.28 15.66
C LYS A 659 18.28 -9.57 16.23
N LYS A 660 17.60 -10.69 16.01
CA LYS A 660 18.07 -11.97 16.57
C LYS A 660 19.47 -12.28 16.06
N TYR A 661 19.72 -12.02 14.78
CA TYR A 661 21.03 -12.30 14.20
C TYR A 661 22.12 -11.47 14.88
N ILE A 662 21.86 -10.17 15.08
CA ILE A 662 22.84 -9.32 15.74
C ILE A 662 22.73 -9.40 17.26
N GLU A 663 21.58 -9.85 17.78
CA GLU A 663 21.43 -10.00 19.22
C GLU A 663 22.13 -11.25 19.75
N ILE A 664 22.49 -12.17 18.86
CA ILE A 664 23.30 -13.33 19.24
C ILE A 664 24.78 -13.03 19.03
N GLN A 665 25.12 -12.36 17.93
CA GLN A 665 26.50 -11.94 17.72
C GLN A 665 26.86 -10.78 18.65
N GLY A 666 26.12 -9.67 18.53
CA GLY A 666 26.32 -8.55 19.44
C GLY A 666 25.96 -8.87 20.87
N LEU A 667 24.72 -9.33 21.09
CA LEU A 667 24.27 -9.78 22.41
C LEU A 667 24.64 -8.77 23.49
N LYS A 668 24.50 -7.48 23.18
CA LYS A 668 24.88 -6.43 24.12
C LYS A 668 24.08 -5.18 23.81
N LYS A 669 24.17 -4.22 24.74
CA LYS A 669 23.60 -2.88 24.54
C LYS A 669 24.66 -2.01 23.87
N THR A 670 24.76 -2.17 22.56
CA THR A 670 25.70 -1.43 21.74
C THR A 670 24.92 -0.52 20.80
N GLU A 671 25.47 0.67 20.53
CA GLU A 671 24.82 1.61 19.62
C GLU A 671 24.37 0.92 18.35
N MET A 672 25.08 -0.14 17.94
CA MET A 672 24.66 -0.92 16.78
C MET A 672 23.39 -1.70 17.09
N HIS A 673 23.33 -2.36 18.25
CA HIS A 673 22.16 -3.15 18.59
C HIS A 673 20.97 -2.25 18.91
N LYS A 674 21.20 -1.13 19.59
CA LYS A 674 20.11 -0.21 19.89
C LYS A 674 19.37 0.19 18.62
N ALA A 675 20.11 0.40 17.52
CA ALA A 675 19.47 0.73 16.25
C ALA A 675 18.64 -0.43 15.72
N ALA A 676 19.14 -1.67 15.88
CA ALA A 676 18.40 -2.83 15.40
C ALA A 676 17.16 -3.12 16.23
N VAL A 677 17.11 -2.64 17.47
CA VAL A 677 15.90 -2.82 18.28
C VAL A 677 14.80 -1.86 17.83
N ILE A 678 15.18 -0.66 17.38
CA ILE A 678 14.19 0.29 16.88
C ILE A 678 13.42 -0.31 15.71
N GLY A 679 14.13 -0.90 14.76
CA GLY A 679 13.47 -1.59 13.67
C GLY A 679 12.59 -2.73 14.15
N ASP A 680 12.98 -3.39 15.24
CA ASP A 680 12.19 -4.47 15.79
C ASP A 680 10.78 -4.00 16.15
N THR A 681 10.70 -2.99 17.02
CA THR A 681 9.42 -2.56 17.58
C THR A 681 8.58 -1.74 16.61
N VAL A 682 9.14 -1.31 15.48
CA VAL A 682 8.34 -0.64 14.45
C VAL A 682 7.57 -1.71 13.69
N GLY A 683 8.30 -2.55 12.96
CA GLY A 683 7.70 -3.70 12.32
C GLY A 683 7.09 -4.70 13.29
N ASP A 684 7.30 -4.50 14.60
CA ASP A 684 6.76 -5.45 15.58
C ASP A 684 5.24 -5.42 15.61
N PRO A 685 4.59 -4.30 15.98
CA PRO A 685 3.12 -4.31 16.00
C PRO A 685 2.49 -4.32 14.61
N MET A 686 3.05 -3.56 13.67
CA MET A 686 2.57 -3.64 12.29
C MET A 686 2.67 -5.05 11.73
N LYS A 687 3.50 -5.90 12.33
CA LYS A 687 3.62 -7.29 11.89
C LYS A 687 2.44 -8.14 12.38
N ASP A 688 2.12 -8.03 13.67
CA ASP A 688 1.17 -8.93 14.31
C ASP A 688 -0.21 -8.33 14.55
N THR A 689 -0.43 -7.08 14.14
CA THR A 689 -1.73 -6.44 14.36
C THR A 689 -2.41 -6.07 13.04
N VAL A 690 -1.79 -5.22 12.22
CA VAL A 690 -2.44 -4.76 10.99
C VAL A 690 -2.20 -5.72 9.83
N GLY A 691 -1.00 -6.28 9.74
CA GLY A 691 -0.67 -7.20 8.68
C GLY A 691 -1.67 -8.34 8.56
N PRO A 692 -1.88 -9.06 9.66
CA PRO A 692 -2.80 -10.20 9.63
C PRO A 692 -4.27 -9.82 9.69
N SER A 693 -4.61 -8.52 9.77
CA SER A 693 -6.00 -8.10 9.83
C SER A 693 -6.61 -7.85 8.46
N LEU A 694 -5.81 -7.55 7.44
CA LEU A 694 -6.35 -7.41 6.09
C LEU A 694 -7.02 -8.70 5.63
N ASN A 695 -6.42 -9.85 5.97
CA ASN A 695 -7.02 -11.13 5.61
C ASN A 695 -8.38 -11.34 6.24
N PRO A 696 -8.58 -11.14 7.54
CA PRO A 696 -9.93 -11.26 8.11
C PRO A 696 -10.85 -10.13 7.71
N LEU A 697 -10.32 -9.05 7.14
CA LEU A 697 -11.16 -8.01 6.58
C LEU A 697 -11.61 -8.38 5.18
N ILE A 698 -10.66 -8.69 4.29
CA ILE A 698 -10.98 -9.01 2.91
C ILE A 698 -11.97 -10.17 2.83
N LYS A 699 -11.65 -11.30 3.48
CA LYS A 699 -12.51 -12.47 3.37
C LYS A 699 -13.89 -12.21 3.98
N VAL A 700 -13.92 -11.60 5.17
CA VAL A 700 -15.21 -11.27 5.78
C VAL A 700 -15.89 -10.12 5.05
N LEU A 701 -15.13 -9.32 4.31
CA LEU A 701 -15.73 -8.19 3.61
C LEU A 701 -16.72 -8.66 2.55
N ASN A 702 -16.41 -9.78 1.89
CA ASN A 702 -17.34 -10.43 0.98
C ASN A 702 -18.37 -11.28 1.72
N THR A 703 -18.15 -11.55 3.01
CA THR A 703 -19.04 -12.43 3.76
C THR A 703 -20.26 -11.71 4.30
N LEU A 704 -20.15 -10.42 4.60
CA LEU A 704 -21.32 -9.65 4.98
C LEU A 704 -22.09 -9.17 3.76
N SER A 705 -21.38 -8.85 2.68
CA SER A 705 -22.07 -8.38 1.48
C SER A 705 -22.97 -9.45 0.89
N VAL A 706 -22.54 -10.72 0.97
CA VAL A 706 -23.35 -11.80 0.41
C VAL A 706 -24.58 -12.05 1.29
N VAL A 707 -24.49 -11.79 2.59
CA VAL A 707 -25.65 -11.97 3.46
C VAL A 707 -26.65 -10.84 3.25
N PHE A 708 -26.19 -9.67 2.81
CA PHE A 708 -27.04 -8.51 2.61
C PHE A 708 -27.34 -8.24 1.13
N THR A 709 -26.90 -9.11 0.22
CA THR A 709 -27.26 -8.94 -1.19
C THR A 709 -28.77 -8.81 -1.34
N TYR A 710 -29.52 -9.68 -0.64
CA TYR A 710 -30.97 -9.55 -0.64
C TYR A 710 -31.39 -8.27 0.08
N VAL A 711 -30.63 -7.85 1.09
CA VAL A 711 -31.00 -6.66 1.85
C VAL A 711 -30.47 -5.40 1.17
N ILE A 712 -29.31 -5.49 0.52
CA ILE A 712 -28.73 -4.32 -0.12
C ILE A 712 -29.34 -4.09 -1.50
N VAL A 713 -29.63 -5.16 -2.24
CA VAL A 713 -30.14 -5.00 -3.59
C VAL A 713 -31.53 -4.36 -3.57
N SER A 714 -32.35 -4.72 -2.58
CA SER A 714 -33.67 -4.12 -2.45
C SER A 714 -33.56 -2.65 -2.03
N THR A 715 -32.50 -2.30 -1.30
CA THR A 715 -32.30 -0.91 -0.93
C THR A 715 -31.78 -0.09 -2.11
N ASN A 716 -30.97 -0.69 -2.99
CA ASN A 716 -30.48 0.05 -4.15
C ASN A 716 -31.61 0.55 -5.04
N ILE A 717 -32.73 -0.19 -5.09
CA ILE A 717 -33.88 0.21 -5.89
C ILE A 717 -33.48 0.26 -7.35
N ALA A 718 -32.54 -0.62 -7.75
CA ALA A 718 -32.08 -0.66 -9.13
C ALA A 718 -31.18 -1.87 -9.30
N LEU A 719 -31.06 -2.30 -10.57
CA LEU A 719 -30.21 -3.45 -10.88
C LEU A 719 -28.73 -3.08 -10.74
N GLY A 720 -28.30 -2.03 -11.45
CA GLY A 720 -26.94 -1.52 -11.33
C GLY A 720 -26.90 -0.02 -11.48
N ILE A 721 -26.44 0.68 -10.44
CA ILE A 721 -26.49 2.13 -10.43
C ILE A 721 -25.10 2.70 -10.16
N TRP A 722 -24.85 3.87 -10.73
CA TRP A 722 -23.62 4.62 -10.57
C TRP A 722 -23.83 5.85 -9.68
N PRO A 723 -25.03 6.45 -9.67
CA PRO A 723 -25.24 7.55 -8.71
C PRO A 723 -24.99 7.13 -7.27
N TYR B 14 -11.19 31.27 -30.36
CA TYR B 14 -9.98 31.93 -29.87
C TYR B 14 -8.87 30.92 -29.63
N ALA B 15 -8.58 30.11 -30.65
CA ALA B 15 -7.51 29.12 -30.51
C ALA B 15 -6.14 29.77 -30.59
N LEU B 16 -5.99 30.77 -31.47
CA LEU B 16 -4.68 31.42 -31.64
C LEU B 16 -4.27 32.19 -30.37
N LEU B 17 -5.24 32.65 -29.58
CA LEU B 17 -4.91 33.44 -28.40
C LEU B 17 -4.17 32.63 -27.35
N GLY B 18 -4.31 31.31 -27.35
CA GLY B 18 -3.61 30.51 -26.36
C GLY B 18 -2.10 30.70 -26.39
N VAL B 19 -1.55 30.91 -27.59
CA VAL B 19 -0.11 31.11 -27.72
C VAL B 19 0.26 32.55 -27.33
N ILE B 20 -0.59 33.51 -27.65
CA ILE B 20 -0.25 34.92 -27.44
C ILE B 20 0.04 35.19 -25.96
N LEU B 21 -0.94 34.88 -25.10
CA LEU B 21 -0.75 35.13 -23.67
C LEU B 21 0.31 34.22 -23.08
N GLY B 22 0.47 33.02 -23.61
CA GLY B 22 1.47 32.11 -23.10
C GLY B 22 2.87 32.68 -23.20
N ILE B 23 3.30 33.05 -24.42
CA ILE B 23 4.64 33.58 -24.60
C ILE B 23 4.89 34.80 -23.73
N SER B 24 3.83 35.51 -23.34
CA SER B 24 3.99 36.61 -22.40
C SER B 24 4.38 36.12 -21.01
N GLY B 25 4.20 34.82 -20.73
CA GLY B 25 4.66 34.28 -19.47
C GLY B 25 6.17 34.36 -19.33
N VAL B 26 6.90 33.85 -20.33
CA VAL B 26 8.35 34.01 -20.34
C VAL B 26 8.72 35.48 -20.42
N ILE B 27 7.97 36.26 -21.20
CA ILE B 27 8.18 37.70 -21.23
C ILE B 27 8.01 38.28 -19.83
N TYR B 28 7.01 37.79 -19.09
CA TYR B 28 6.77 38.25 -17.74
C TYR B 28 7.67 37.53 -16.73
N ALA B 29 8.13 36.32 -17.07
CA ALA B 29 9.04 35.61 -16.18
C ALA B 29 10.38 36.32 -16.05
N VAL B 30 10.78 37.05 -17.09
CA VAL B 30 12.03 37.81 -17.02
C VAL B 30 11.93 38.93 -16.00
N TYR B 31 10.75 39.55 -15.87
CA TYR B 31 10.57 40.60 -14.87
C TYR B 31 10.91 40.10 -13.48
N LEU B 32 10.32 38.98 -13.06
CA LEU B 32 10.61 38.45 -11.73
C LEU B 32 12.03 37.89 -11.67
N ALA B 33 12.49 37.27 -12.75
CA ALA B 33 13.88 36.80 -12.78
C ALA B 33 14.85 37.96 -12.66
N VAL B 34 14.60 39.06 -13.37
CA VAL B 34 15.41 40.26 -13.20
C VAL B 34 15.09 40.96 -11.88
N TRP B 35 13.91 40.72 -11.31
CA TRP B 35 13.58 41.30 -10.02
C TRP B 35 14.40 40.65 -8.91
N VAL B 36 14.53 39.33 -8.94
CA VAL B 36 15.37 38.63 -7.95
C VAL B 36 16.83 38.93 -8.20
N LEU B 37 17.23 39.10 -9.46
CA LEU B 37 18.60 39.46 -9.79
C LEU B 37 18.94 40.89 -9.38
N ARG B 38 17.98 41.64 -8.87
CA ARG B 38 18.19 43.02 -8.43
C ARG B 38 19.50 43.20 -7.69
N ASN B 43 27.35 39.81 -0.38
CA ASN B 43 28.41 39.51 0.58
C ASN B 43 29.44 38.58 -0.04
N GLU B 44 30.64 38.53 0.56
CA GLU B 44 31.70 37.68 0.04
C GLU B 44 31.36 36.20 0.24
N LYS B 45 31.15 35.78 1.48
CA LYS B 45 30.80 34.39 1.75
C LYS B 45 29.43 34.04 1.17
N MET B 46 28.52 35.02 1.13
CA MET B 46 27.18 34.76 0.61
C MET B 46 27.18 34.58 -0.90
N ARG B 47 28.13 35.19 -1.60
CA ARG B 47 28.15 35.12 -3.06
C ARG B 47 28.68 33.78 -3.56
N PHE B 48 29.69 33.22 -2.90
CA PHE B 48 30.27 31.97 -3.37
C PHE B 48 29.28 30.82 -3.31
N ILE B 49 28.47 30.76 -2.25
CA ILE B 49 27.53 29.65 -2.10
C ILE B 49 26.42 29.73 -3.13
N SER B 50 25.90 30.94 -3.39
CA SER B 50 24.87 31.09 -4.41
C SER B 50 25.42 30.71 -5.78
N GLN B 51 26.69 31.04 -6.05
CA GLN B 51 27.31 30.64 -7.31
C GLN B 51 27.65 29.16 -7.32
N ALA B 52 27.90 28.56 -6.16
CA ALA B 52 28.17 27.13 -6.10
C ALA B 52 26.93 26.32 -6.47
N ILE B 53 25.76 26.76 -6.03
CA ILE B 53 24.51 26.10 -6.42
C ILE B 53 24.32 26.16 -7.92
N ALA B 54 24.79 27.24 -8.55
CA ALA B 54 24.65 27.36 -10.01
C ALA B 54 25.58 26.40 -10.73
N THR B 55 26.85 26.33 -10.31
CA THR B 55 27.77 25.39 -10.92
C THR B 55 27.30 23.95 -10.71
N GLY B 56 26.79 23.66 -9.52
CA GLY B 56 26.21 22.35 -9.28
C GLY B 56 25.00 22.08 -10.17
N ALA B 57 24.05 23.02 -10.19
CA ALA B 57 22.92 22.90 -11.10
C ALA B 57 23.37 22.89 -12.54
N ARG B 58 24.51 23.52 -12.84
CA ARG B 58 25.05 23.50 -14.19
C ARG B 58 25.50 22.10 -14.58
N ALA B 59 26.42 21.52 -13.80
CA ALA B 59 26.89 20.17 -14.09
C ALA B 59 25.76 19.15 -14.03
N TYR B 60 24.73 19.42 -13.24
CA TYR B 60 23.57 18.53 -13.19
C TYR B 60 22.80 18.57 -14.50
N LEU B 61 22.33 19.76 -14.90
CA LEU B 61 21.52 19.87 -16.10
C LEU B 61 22.35 19.59 -17.36
N PHE B 62 23.60 20.06 -17.39
CA PHE B 62 24.46 19.78 -18.55
C PHE B 62 24.61 18.29 -18.79
N ARG B 63 24.68 17.51 -17.71
CA ARG B 63 24.74 16.05 -17.86
C ARG B 63 23.35 15.44 -18.00
N GLN B 64 22.33 16.07 -17.43
CA GLN B 64 20.98 15.53 -17.52
C GLN B 64 20.38 15.76 -18.90
N TYR B 65 20.55 16.96 -19.46
CA TYR B 65 20.03 17.23 -20.80
C TYR B 65 20.86 16.52 -21.86
N ARG B 66 22.14 16.28 -21.60
CA ARG B 66 22.99 15.63 -22.59
C ARG B 66 22.48 14.23 -22.89
N THR B 67 22.45 13.35 -21.88
CA THR B 67 21.90 12.01 -22.09
C THR B 67 20.42 12.04 -22.38
N LEU B 68 19.72 13.09 -21.93
CA LEU B 68 18.29 13.19 -22.21
C LEU B 68 18.04 13.35 -23.70
N ALA B 69 18.88 14.12 -24.38
CA ALA B 69 18.73 14.27 -25.83
C ALA B 69 19.14 13.00 -26.55
N VAL B 70 20.07 12.22 -25.99
CA VAL B 70 20.51 10.99 -26.63
C VAL B 70 19.33 10.07 -26.89
N LEU B 71 18.62 9.69 -25.82
CA LEU B 71 17.48 8.78 -25.99
C LEU B 71 16.31 9.46 -26.67
N LEU B 72 16.18 10.78 -26.54
CA LEU B 72 15.09 11.48 -27.20
C LEU B 72 15.26 11.43 -28.71
N VAL B 73 16.47 11.68 -29.20
CA VAL B 73 16.71 11.68 -30.64
C VAL B 73 16.59 10.26 -31.19
N ILE B 74 17.17 9.28 -30.50
CA ILE B 74 17.09 7.90 -30.96
C ILE B 74 15.63 7.46 -31.07
N LEU B 75 14.84 7.73 -30.03
CA LEU B 75 13.43 7.38 -30.06
C LEU B 75 12.65 8.31 -30.99
N ALA B 76 13.03 9.59 -31.07
CA ALA B 76 12.40 10.48 -32.02
C ALA B 76 12.58 9.99 -33.45
N VAL B 77 13.72 9.38 -33.74
CA VAL B 77 13.90 8.73 -35.05
C VAL B 77 13.05 7.48 -35.13
N LEU B 78 12.91 6.75 -34.02
CA LEU B 78 12.05 5.57 -34.00
C LEU B 78 10.58 5.97 -34.13
N ILE B 79 10.17 7.06 -33.48
CA ILE B 79 8.79 7.51 -33.59
C ILE B 79 8.48 8.01 -34.99
N LEU B 80 9.48 8.60 -35.67
CA LEU B 80 9.25 9.07 -37.04
C LEU B 80 8.88 7.93 -37.97
N VAL B 81 9.52 6.78 -37.81
CA VAL B 81 9.20 5.62 -38.64
C VAL B 81 7.96 4.90 -38.10
N ALA B 82 7.70 5.00 -36.79
CA ALA B 82 6.52 4.37 -36.23
C ALA B 82 5.23 5.02 -36.75
N ILE B 83 5.26 6.33 -36.96
CA ILE B 83 4.07 7.04 -37.45
C ILE B 83 3.85 6.74 -38.94
N ASP B 84 4.91 6.55 -39.70
CA ASP B 84 4.78 6.25 -41.13
C ASP B 84 4.06 4.93 -41.34
N GLY B 91 1.51 11.04 -42.11
CA GLY B 91 2.09 12.30 -41.68
C GLY B 91 3.31 12.13 -40.78
N LEU B 92 3.66 13.19 -40.07
CA LEU B 92 4.81 13.20 -39.17
C LEU B 92 4.36 13.67 -37.79
N THR B 93 4.92 13.04 -36.75
CA THR B 93 4.58 13.37 -35.37
C THR B 93 5.79 13.49 -34.45
N ALA B 94 6.95 12.96 -34.82
CA ALA B 94 8.13 13.08 -33.97
C ALA B 94 8.53 14.53 -33.74
N LEU B 95 8.17 15.44 -34.65
CA LEU B 95 8.49 16.85 -34.45
C LEU B 95 7.82 17.39 -33.19
N ALA B 96 6.52 17.15 -33.04
CA ALA B 96 5.83 17.53 -31.80
C ALA B 96 6.36 16.73 -30.62
N PHE B 97 6.85 15.51 -30.86
CA PHE B 97 7.47 14.73 -29.80
C PHE B 97 8.67 15.48 -29.21
N ILE B 98 9.48 16.09 -30.08
CA ILE B 98 10.71 16.73 -29.62
C ILE B 98 10.40 18.00 -28.84
N VAL B 99 9.68 18.94 -29.46
CA VAL B 99 9.41 20.22 -28.82
C VAL B 99 8.56 20.03 -27.57
N GLY B 100 7.70 19.01 -27.55
CA GLY B 100 6.93 18.74 -26.35
C GLY B 100 7.79 18.59 -25.12
N ALA B 101 8.83 17.75 -25.21
CA ALA B 101 9.74 17.58 -24.09
C ALA B 101 10.60 18.82 -23.88
N LEU B 102 11.00 19.47 -24.96
CA LEU B 102 11.85 20.66 -24.83
C LEU B 102 11.14 21.78 -24.10
N GLY B 103 9.82 21.89 -24.24
CA GLY B 103 9.11 22.96 -23.57
C GLY B 103 9.27 22.91 -22.06
N SER B 104 9.04 21.73 -21.47
CA SER B 104 9.16 21.61 -20.03
C SER B 104 10.58 21.91 -19.56
N MET B 105 11.58 21.34 -20.24
CA MET B 105 12.96 21.57 -19.85
C MET B 105 13.34 23.04 -19.95
N LEU B 106 12.73 23.77 -20.89
CA LEU B 106 13.04 25.19 -21.01
C LEU B 106 12.56 25.97 -19.79
N ALA B 107 11.33 25.69 -19.33
CA ALA B 107 10.87 26.30 -18.08
C ALA B 107 11.68 25.82 -16.90
N GLY B 108 12.29 24.64 -17.00
CA GLY B 108 13.15 24.17 -15.93
C GLY B 108 14.46 24.94 -15.85
N TYR B 109 15.14 25.08 -16.99
CA TYR B 109 16.39 25.83 -17.00
C TYR B 109 16.18 27.28 -16.59
N LEU B 110 14.98 27.83 -16.85
CA LEU B 110 14.69 29.19 -16.41
C LEU B 110 14.59 29.27 -14.89
N GLY B 111 13.96 28.27 -14.27
CA GLY B 111 13.84 28.26 -12.82
C GLY B 111 15.07 27.79 -12.09
N MET B 112 15.92 26.99 -12.75
CA MET B 112 17.14 26.52 -12.10
C MET B 112 18.09 27.68 -11.83
N TYR B 113 18.40 28.48 -12.85
CA TYR B 113 19.27 29.64 -12.64
C TYR B 113 18.68 30.62 -11.63
N VAL B 114 17.36 30.60 -11.45
CA VAL B 114 16.73 31.49 -10.47
C VAL B 114 16.92 30.96 -9.06
N THR B 115 16.74 29.66 -8.85
CA THR B 115 16.84 29.10 -7.51
C THR B 115 18.25 29.22 -6.97
N THR B 116 19.26 28.91 -7.79
CA THR B 116 20.64 29.00 -7.33
C THR B 116 20.96 30.42 -6.85
N ARG B 117 20.39 31.43 -7.49
CA ARG B 117 20.63 32.81 -7.09
C ARG B 117 19.82 33.19 -5.86
N SER B 118 18.67 32.55 -5.63
CA SER B 118 17.80 32.94 -4.54
C SER B 118 18.38 32.56 -3.17
N ALA B 119 19.18 31.49 -3.12
CA ALA B 119 19.72 31.04 -1.84
C ALA B 119 20.40 32.17 -1.08
N SER B 120 21.26 32.93 -1.77
CA SER B 120 21.92 34.07 -1.13
C SER B 120 21.04 35.31 -1.12
N ARG B 121 20.15 35.46 -2.10
CA ARG B 121 19.29 36.64 -2.17
C ARG B 121 18.31 36.69 -1.01
N VAL B 122 17.49 35.65 -0.86
CA VAL B 122 16.46 35.66 0.19
C VAL B 122 17.10 35.71 1.57
N ALA B 123 18.28 35.11 1.73
CA ALA B 123 18.96 35.15 3.03
C ALA B 123 19.31 36.59 3.41
N GLN B 124 19.96 37.32 2.50
CA GLN B 124 20.32 38.72 2.79
C GLN B 124 19.07 39.59 2.95
N ALA B 125 17.99 39.25 2.24
CA ALA B 125 16.78 40.07 2.30
C ALA B 125 16.05 39.89 3.62
N ALA B 126 15.98 38.66 4.13
CA ALA B 126 15.22 38.40 5.34
C ALA B 126 15.89 39.01 6.56
N ALA B 127 17.22 39.03 6.59
CA ALA B 127 17.94 39.38 7.81
C ALA B 127 17.68 40.82 8.23
N THR B 128 17.65 41.75 7.27
CA THR B 128 17.56 43.16 7.58
C THR B 128 16.26 43.82 7.16
N GLY B 129 15.48 43.17 6.29
CA GLY B 129 14.22 43.75 5.85
C GLY B 129 13.05 43.32 6.72
N GLY B 130 13.05 42.06 7.14
CA GLY B 130 12.02 41.50 7.97
C GLY B 130 11.56 40.17 7.40
N MET B 131 10.41 39.69 7.89
CA MET B 131 9.83 38.45 7.39
C MET B 131 9.18 38.66 6.02
N GLY B 132 8.54 39.80 5.81
CA GLY B 132 7.92 40.05 4.53
C GLY B 132 8.92 40.03 3.38
N LYS B 133 10.05 40.70 3.57
CA LYS B 133 11.07 40.72 2.53
C LYS B 133 11.46 39.30 2.09
N ALA B 134 11.63 38.39 3.06
CA ALA B 134 11.98 37.02 2.72
C ALA B 134 10.81 36.29 2.05
N LEU B 135 9.60 36.48 2.56
CA LEU B 135 8.45 35.75 2.05
C LEU B 135 8.20 36.09 0.58
N LEU B 136 8.32 37.36 0.22
CA LEU B 136 8.07 37.77 -1.16
C LEU B 136 9.23 37.41 -2.09
N VAL B 137 10.47 37.47 -1.60
CA VAL B 137 11.61 37.17 -2.45
C VAL B 137 11.64 35.69 -2.81
N SER B 138 11.58 34.82 -1.80
CA SER B 138 11.50 33.40 -2.06
C SER B 138 10.24 33.04 -2.85
N TRP B 139 9.20 33.88 -2.78
CA TRP B 139 7.98 33.66 -3.54
C TRP B 139 8.12 34.17 -4.96
N ARG B 140 8.74 35.34 -5.13
CA ARG B 140 8.97 35.86 -6.48
C ARG B 140 9.88 34.92 -7.27
N ALA B 141 10.93 34.39 -6.64
CA ALA B 141 11.81 33.43 -7.29
C ALA B 141 11.05 32.21 -7.77
N GLY B 142 9.92 31.89 -7.15
CA GLY B 142 9.13 30.75 -7.56
C GLY B 142 8.12 31.08 -8.64
N ALA B 143 7.59 32.31 -8.60
CA ALA B 143 6.70 32.75 -9.67
C ALA B 143 7.36 32.63 -11.04
N VAL B 144 8.69 32.69 -11.09
CA VAL B 144 9.41 32.54 -12.36
C VAL B 144 9.08 31.19 -12.98
N MET B 145 9.31 30.12 -12.23
CA MET B 145 9.10 28.77 -12.77
C MET B 145 7.62 28.49 -12.99
N GLY B 146 6.79 28.77 -11.98
CA GLY B 146 5.38 28.43 -12.09
C GLY B 146 4.70 29.04 -13.30
N LEU B 147 4.82 30.36 -13.45
CA LEU B 147 4.12 31.04 -14.54
C LEU B 147 4.71 30.67 -15.89
N SER B 148 6.03 30.48 -15.96
CA SER B 148 6.65 30.10 -17.22
C SER B 148 6.14 28.74 -17.69
N LEU B 149 6.33 27.71 -16.86
CA LEU B 149 5.97 26.36 -17.26
C LEU B 149 4.52 26.28 -17.70
N ALA B 150 3.60 26.75 -16.86
CA ALA B 150 2.19 26.79 -17.25
C ALA B 150 2.02 27.54 -18.57
N SER B 151 2.74 28.65 -18.73
CA SER B 151 2.69 29.38 -19.99
C SER B 151 3.26 28.54 -21.13
N ILE B 152 4.37 27.85 -20.90
CA ILE B 152 4.97 27.03 -21.94
C ILE B 152 3.99 25.94 -22.36
N ALA B 153 3.29 25.32 -21.40
CA ALA B 153 2.37 24.24 -21.71
C ALA B 153 1.23 24.73 -22.61
N LEU B 154 0.63 25.87 -22.26
CA LEU B 154 -0.53 26.34 -23.01
C LEU B 154 -0.13 26.75 -24.43
N LEU B 155 0.94 27.52 -24.56
CA LEU B 155 1.33 27.98 -25.88
C LEU B 155 1.87 26.83 -26.73
N LEU B 156 2.47 25.83 -26.08
CA LEU B 156 3.08 24.74 -26.84
C LEU B 156 2.03 23.80 -27.42
N ILE B 157 0.88 23.66 -26.77
CA ILE B 157 -0.19 22.83 -27.30
C ILE B 157 -1.07 23.61 -28.28
N SER B 158 -1.43 24.85 -27.93
CA SER B 158 -2.22 25.65 -28.85
C SER B 158 -1.47 25.92 -30.15
N GLY B 159 -0.14 26.05 -30.08
CA GLY B 159 0.66 26.23 -31.26
C GLY B 159 0.56 25.04 -32.21
N PHE B 160 0.88 23.84 -31.71
CA PHE B 160 0.78 22.65 -32.54
C PHE B 160 -0.68 22.25 -32.77
N TYR B 161 -1.57 22.58 -31.84
CA TYR B 161 -2.99 22.30 -32.07
C TYR B 161 -3.50 23.07 -33.28
N LEU B 162 -3.22 24.38 -33.33
CA LEU B 162 -3.65 25.19 -34.46
C LEU B 162 -2.94 24.77 -35.74
N VAL B 163 -1.66 24.40 -35.64
CA VAL B 163 -0.93 23.94 -36.81
C VAL B 163 -1.52 22.64 -37.34
N PHE B 164 -1.79 21.69 -36.44
CA PHE B 164 -2.33 20.40 -36.86
C PHE B 164 -3.81 20.50 -37.19
N ARG B 165 -4.54 21.45 -36.58
CA ARG B 165 -5.94 21.65 -36.94
C ARG B 165 -6.08 21.96 -38.42
N SER B 166 -5.18 22.79 -38.96
CA SER B 166 -5.21 23.16 -40.37
C SER B 166 -4.29 22.33 -41.24
N VAL B 167 -3.32 21.61 -40.65
CA VAL B 167 -2.32 20.88 -41.41
C VAL B 167 -2.91 19.59 -41.95
N LEU B 168 -3.23 18.67 -41.04
CA LEU B 168 -3.72 17.33 -41.41
C LEU B 168 -5.05 17.06 -40.71
N PRO B 169 -6.18 17.39 -41.33
CA PRO B 169 -7.48 17.08 -40.73
C PRO B 169 -7.66 15.57 -40.56
N ASP B 170 -8.74 15.21 -39.88
CA ASP B 170 -9.05 13.80 -39.64
C ASP B 170 -8.03 13.18 -38.68
N ASP B 171 -8.23 13.42 -37.39
CA ASP B 171 -7.34 12.89 -36.35
C ASP B 171 -6.02 13.65 -36.30
N TRP B 172 -6.10 14.99 -36.41
CA TRP B 172 -4.91 15.81 -36.19
C TRP B 172 -4.53 15.87 -34.72
N ALA B 173 -5.50 15.67 -33.82
CA ALA B 173 -5.21 15.75 -32.39
C ALA B 173 -4.30 14.62 -31.94
N VAL B 174 -4.43 13.43 -32.54
CA VAL B 174 -3.56 12.32 -32.15
C VAL B 174 -2.09 12.65 -32.35
N PRO B 175 -1.66 13.17 -33.51
CA PRO B 175 -0.24 13.52 -33.68
C PRO B 175 0.30 14.43 -32.59
N LEU B 176 -0.45 15.46 -32.19
CA LEU B 176 0.00 16.33 -31.10
C LEU B 176 -0.09 15.64 -29.75
N VAL B 177 -0.81 14.51 -29.66
CA VAL B 177 -0.85 13.77 -28.41
C VAL B 177 0.50 13.10 -28.15
N ALA B 178 1.23 12.76 -29.20
CA ALA B 178 2.59 12.26 -29.03
C ALA B 178 3.50 13.28 -28.36
N LEU B 179 3.13 14.56 -28.43
CA LEU B 179 3.85 15.58 -27.65
C LEU B 179 3.82 15.25 -26.16
N GLY B 180 2.75 14.58 -25.71
CA GLY B 180 2.66 14.23 -24.29
C GLY B 180 3.65 13.14 -23.90
N PHE B 181 3.70 12.06 -24.66
CA PHE B 181 4.59 10.95 -24.32
C PHE B 181 6.03 11.42 -24.24
N GLY B 182 6.53 12.06 -25.30
CA GLY B 182 7.90 12.55 -25.28
C GLY B 182 8.19 13.46 -24.12
N ALA B 183 7.18 14.23 -23.67
CA ALA B 183 7.36 15.09 -22.52
C ALA B 183 7.28 14.30 -21.21
N SER B 184 6.55 13.18 -21.21
CA SER B 184 6.52 12.34 -20.02
C SER B 184 7.80 11.53 -19.86
N LEU B 185 8.42 11.14 -20.96
CA LEU B 185 9.66 10.36 -20.89
C LEU B 185 10.72 11.08 -20.06
N VAL B 186 10.78 12.41 -20.16
CA VAL B 186 11.79 13.17 -19.44
C VAL B 186 11.35 13.51 -18.03
N THR B 187 10.06 13.84 -17.82
CA THR B 187 9.61 14.03 -16.45
C THR B 187 9.85 12.78 -15.63
N LEU B 188 9.72 11.61 -16.27
CA LEU B 188 10.19 10.37 -15.67
C LEU B 188 11.68 10.45 -15.35
N PHE B 189 12.46 11.07 -16.24
CA PHE B 189 13.89 11.21 -16.01
C PHE B 189 14.19 11.83 -14.64
N MET B 190 13.70 13.04 -14.42
CA MET B 190 14.08 13.81 -13.23
C MET B 190 13.34 13.38 -11.98
N ARG B 191 12.15 12.79 -12.10
CA ARG B 191 11.44 12.32 -10.92
C ARG B 191 12.19 11.15 -10.27
N VAL B 192 12.55 10.15 -11.07
CA VAL B 192 13.31 9.03 -10.53
C VAL B 192 14.78 9.42 -10.36
N GLY B 193 15.33 10.19 -11.28
CA GLY B 193 16.68 10.68 -11.17
C GLY B 193 16.84 11.75 -10.12
N GLY B 194 16.11 12.86 -10.28
CA GLY B 194 16.16 13.91 -9.28
C GLY B 194 15.69 13.46 -7.92
N GLY B 195 14.68 12.58 -7.88
CA GLY B 195 14.23 12.05 -6.62
C GLY B 195 15.31 11.28 -5.89
N ILE B 196 16.02 10.42 -6.63
CA ILE B 196 17.16 9.70 -6.06
C ILE B 196 18.23 10.68 -5.60
N TYR B 197 18.63 11.59 -6.50
CA TYR B 197 19.69 12.53 -6.16
C TYR B 197 19.33 13.38 -4.96
N THR B 198 18.07 13.87 -4.91
CA THR B 198 17.68 14.77 -3.83
C THR B 198 17.83 14.11 -2.46
N LYS B 199 17.45 12.83 -2.35
CA LYS B 199 17.52 12.14 -1.08
C LYS B 199 18.84 11.42 -0.87
N ALA B 200 19.46 10.92 -1.94
CA ALA B 200 20.78 10.32 -1.79
C ALA B 200 21.79 11.34 -1.26
N ALA B 201 21.66 12.59 -1.68
CA ALA B 201 22.52 13.65 -1.16
C ALA B 201 22.04 14.12 0.20
N ASP B 202 20.74 14.37 0.34
CA ASP B 202 20.19 14.73 1.64
C ASP B 202 20.52 13.68 2.69
N LEU B 203 20.44 12.40 2.30
CA LEU B 203 20.77 11.31 3.22
C LEU B 203 22.26 11.30 3.53
N GLY B 204 23.10 11.22 2.49
CA GLY B 204 24.53 11.15 2.71
C GLY B 204 25.08 12.32 3.51
N ALA B 205 24.48 13.50 3.36
CA ALA B 205 24.96 14.67 4.07
C ALA B 205 24.52 14.67 5.53
N ASP B 206 23.32 14.18 5.80
CA ASP B 206 22.77 14.25 7.16
C ASP B 206 23.49 13.28 8.09
N LEU B 207 23.61 12.01 7.69
CA LEU B 207 24.10 11.00 8.61
C LEU B 207 25.59 11.13 8.88
N VAL B 208 26.37 11.63 7.91
CA VAL B 208 27.80 11.80 8.14
C VAL B 208 28.05 12.92 9.15
N GLY B 209 27.12 13.87 9.28
CA GLY B 209 27.27 14.90 10.29
C GLY B 209 27.01 14.39 11.70
N LYS B 210 26.05 13.47 11.85
CA LYS B 210 25.72 12.93 13.17
C LYS B 210 26.63 11.77 13.56
N VAL B 211 27.11 11.00 12.59
CA VAL B 211 27.92 9.81 12.87
C VAL B 211 29.42 10.15 12.99
N GLU B 212 29.97 10.96 12.09
CA GLU B 212 31.39 11.30 12.12
C GLU B 212 31.70 12.72 12.56
N ALA B 213 30.95 13.72 12.05
CA ALA B 213 31.21 15.14 12.33
C ALA B 213 30.63 15.59 13.67
N GLY B 214 29.38 15.23 13.97
CA GLY B 214 28.75 15.71 15.19
C GLY B 214 28.32 17.16 15.11
N ILE B 215 27.66 17.51 14.02
CA ILE B 215 27.21 18.89 13.79
C ILE B 215 25.78 18.88 13.27
N PRO B 216 25.11 20.01 13.35
CA PRO B 216 23.75 20.10 12.80
C PRO B 216 23.77 19.99 11.27
N GLU B 217 22.64 19.57 10.70
CA GLU B 217 22.56 19.52 9.25
C GLU B 217 22.72 20.93 8.69
N ASP B 218 23.04 21.00 7.40
CA ASP B 218 23.35 22.25 6.71
C ASP B 218 24.63 22.89 7.23
N ASP B 219 25.52 22.10 7.84
CA ASP B 219 26.80 22.58 8.33
C ASP B 219 27.84 22.59 7.20
N PRO B 220 28.69 23.62 7.13
CA PRO B 220 29.62 23.74 5.99
C PRO B 220 30.79 22.77 6.03
N ARG B 221 31.10 22.16 7.17
CA ARG B 221 32.28 21.31 7.27
C ARG B 221 32.24 20.18 6.25
N ASN B 222 31.08 19.53 6.09
CA ASN B 222 31.10 18.44 5.13
C ASN B 222 30.55 18.89 3.78
N PRO B 223 31.10 18.39 2.67
CA PRO B 223 30.60 18.80 1.35
C PRO B 223 29.18 18.33 1.07
N GLY B 224 28.59 17.49 1.93
CA GLY B 224 27.22 17.06 1.72
C GLY B 224 26.21 18.19 1.84
N VAL B 225 26.59 19.31 2.45
CA VAL B 225 25.65 20.42 2.63
C VAL B 225 25.31 21.04 1.29
N ILE B 226 26.30 21.16 0.40
CA ILE B 226 26.03 21.72 -0.93
C ILE B 226 25.34 20.69 -1.82
N ALA B 227 25.69 19.40 -1.67
CA ALA B 227 25.03 18.37 -2.45
C ALA B 227 23.56 18.22 -2.06
N ASP B 228 23.24 18.43 -0.78
CA ASP B 228 21.85 18.38 -0.35
C ASP B 228 21.05 19.53 -0.93
N ASN B 229 21.50 20.77 -0.69
CA ASN B 229 20.75 21.93 -1.16
C ASN B 229 20.62 21.96 -2.68
N VAL B 230 21.68 21.54 -3.39
CA VAL B 230 21.55 21.35 -4.83
C VAL B 230 20.48 20.30 -5.13
N GLY B 231 20.34 19.31 -4.26
CA GLY B 231 19.27 18.33 -4.43
C GLY B 231 17.89 18.92 -4.16
N ASP B 232 17.80 19.81 -3.18
CA ASP B 232 16.52 20.43 -2.85
C ASP B 232 15.87 21.03 -4.09
N ASN B 233 16.63 21.80 -4.87
CA ASN B 233 16.09 22.40 -6.08
C ASN B 233 15.77 21.37 -7.15
N VAL B 234 16.23 20.14 -7.02
CA VAL B 234 15.93 19.11 -8.01
C VAL B 234 14.72 18.26 -7.60
N GLY B 235 14.48 18.09 -6.31
CA GLY B 235 13.40 17.26 -5.84
C GLY B 235 12.03 17.90 -5.96
N ASP B 236 11.89 19.12 -5.40
CA ASP B 236 10.62 19.83 -5.43
C ASP B 236 10.58 20.94 -6.48
N VAL B 237 11.67 21.69 -6.65
CA VAL B 237 11.69 22.75 -7.65
C VAL B 237 11.62 22.17 -9.06
N ALA B 238 12.60 21.34 -9.41
CA ALA B 238 12.70 20.83 -10.77
C ALA B 238 11.93 19.53 -10.98
N GLY B 239 12.21 18.52 -10.16
CA GLY B 239 11.55 17.24 -10.33
C GLY B 239 10.05 17.32 -10.22
N MET B 240 9.55 18.10 -9.26
CA MET B 240 8.11 18.24 -9.07
C MET B 240 7.48 19.13 -10.13
N ALA B 241 8.10 20.29 -10.40
CA ALA B 241 7.55 21.20 -11.39
C ALA B 241 7.49 20.55 -12.77
N ALA B 242 8.53 19.79 -13.12
CA ALA B 242 8.52 19.07 -14.39
C ALA B 242 7.48 17.96 -14.38
N ASP B 243 7.30 17.31 -13.23
CA ASP B 243 6.30 16.25 -13.12
C ASP B 243 4.91 16.78 -13.43
N VAL B 244 4.55 17.92 -12.83
CA VAL B 244 3.23 18.48 -13.04
C VAL B 244 3.02 18.90 -14.49
N TYR B 245 4.10 19.22 -15.20
CA TYR B 245 3.98 19.46 -16.64
C TYR B 245 3.33 18.27 -17.32
N GLU B 246 3.56 17.06 -16.80
CA GLU B 246 2.88 15.89 -17.33
C GLU B 246 1.38 16.01 -17.15
N SER B 247 0.92 16.58 -16.03
CA SER B 247 -0.51 16.74 -15.81
C SER B 247 -1.10 17.73 -16.81
N TYR B 248 -0.43 18.88 -17.00
CA TYR B 248 -0.96 19.90 -17.89
C TYR B 248 -0.94 19.45 -19.34
N ILE B 249 0.00 18.59 -19.72
CA ILE B 249 0.13 18.19 -21.11
C ILE B 249 -0.73 16.97 -21.43
N VAL B 250 -0.84 16.03 -20.47
CA VAL B 250 -1.50 14.77 -20.78
C VAL B 250 -3.01 14.95 -20.86
N THR B 251 -3.59 15.78 -19.97
CA THR B 251 -5.04 15.91 -19.93
C THR B 251 -5.56 16.79 -21.06
N VAL B 252 -4.85 17.86 -21.39
CA VAL B 252 -5.25 18.68 -22.53
C VAL B 252 -5.24 17.85 -23.81
N THR B 253 -4.27 16.95 -23.94
CA THR B 253 -4.24 16.07 -25.10
C THR B 253 -5.25 14.92 -24.95
N ALA B 254 -5.46 14.44 -23.73
CA ALA B 254 -6.42 13.37 -23.52
C ALA B 254 -7.86 13.90 -23.54
N ALA B 255 -8.08 15.09 -22.98
CA ALA B 255 -9.43 15.66 -22.98
C ALA B 255 -9.81 16.13 -24.37
N ILE B 256 -8.92 16.86 -25.04
CA ILE B 256 -9.17 17.24 -26.43
C ILE B 256 -9.32 16.00 -27.29
N PHE B 257 -8.45 15.01 -27.08
CA PHE B 257 -8.60 13.74 -27.78
C PHE B 257 -9.95 13.10 -27.47
N LEU B 258 -10.49 13.34 -26.28
CA LEU B 258 -11.79 12.80 -25.93
C LEU B 258 -12.90 13.52 -26.69
N ALA B 259 -12.97 14.85 -26.54
CA ALA B 259 -14.00 15.61 -27.24
C ALA B 259 -13.96 15.37 -28.73
N ALA B 260 -12.78 15.09 -29.29
CA ALA B 260 -12.68 14.78 -30.71
C ALA B 260 -13.22 13.38 -31.00
N ILE B 261 -12.69 12.38 -30.30
CA ILE B 261 -13.10 11.00 -30.55
C ILE B 261 -14.56 10.79 -30.13
N LEU B 262 -15.05 11.58 -29.19
CA LEU B 262 -16.42 11.40 -28.72
C LEU B 262 -17.44 11.84 -29.75
N GLY B 263 -17.10 12.84 -30.57
CA GLY B 263 -18.01 13.36 -31.57
C GLY B 263 -18.75 14.63 -31.18
N LEU B 264 -18.36 15.28 -30.09
CA LEU B 264 -18.99 16.52 -29.67
C LEU B 264 -18.57 17.64 -30.60
N PRO B 265 -19.27 18.77 -30.57
CA PRO B 265 -18.92 19.88 -31.47
C PRO B 265 -17.58 20.49 -31.11
N THR B 266 -16.98 21.16 -32.09
CA THR B 266 -15.71 21.85 -31.87
C THR B 266 -15.85 23.05 -30.93
N GLN B 267 -17.08 23.43 -30.57
CA GLN B 267 -17.26 24.53 -29.62
C GLN B 267 -16.57 24.21 -28.30
N PHE B 268 -16.61 22.95 -27.87
CA PHE B 268 -15.94 22.57 -26.63
C PHE B 268 -14.43 22.74 -26.75
N ILE B 269 -13.86 22.36 -27.89
CA ILE B 269 -12.41 22.40 -28.05
C ILE B 269 -11.90 23.84 -28.06
N GLU B 270 -12.71 24.78 -28.52
CA GLU B 270 -12.31 26.19 -28.52
C GLU B 270 -12.51 26.83 -27.16
N ALA B 271 -13.45 26.33 -26.36
CA ALA B 271 -13.68 26.90 -25.04
C ALA B 271 -12.59 26.51 -24.06
N ILE B 272 -12.13 25.25 -24.11
CA ILE B 272 -11.16 24.77 -23.15
C ILE B 272 -9.85 25.55 -23.28
N ILE B 273 -9.47 25.90 -24.51
CA ILE B 273 -8.25 26.67 -24.70
C ILE B 273 -8.38 28.05 -24.07
N LEU B 274 -9.60 28.60 -24.03
CA LEU B 274 -9.81 29.89 -23.36
C LEU B 274 -9.76 29.75 -21.85
N PHE B 275 -10.36 28.69 -21.30
CA PHE B 275 -10.29 28.47 -19.86
C PHE B 275 -8.85 28.37 -19.38
N ALA B 276 -8.00 27.70 -20.16
CA ALA B 276 -6.59 27.57 -19.77
C ALA B 276 -5.91 28.93 -19.75
N ALA B 277 -6.13 29.73 -20.80
CA ALA B 277 -5.57 31.08 -20.83
C ALA B 277 -6.04 31.88 -19.65
N LEU B 278 -7.33 31.75 -19.28
CA LEU B 278 -7.85 32.42 -18.10
C LEU B 278 -7.11 31.97 -16.85
N ALA B 279 -6.76 30.67 -16.78
CA ALA B 279 -5.98 30.18 -15.65
C ALA B 279 -4.60 30.83 -15.62
N LEU B 280 -3.98 31.00 -16.78
CA LEU B 280 -2.71 31.72 -16.83
C LEU B 280 -2.88 33.17 -16.38
N VAL B 281 -4.02 33.78 -16.72
CA VAL B 281 -4.32 35.11 -16.20
C VAL B 281 -4.60 35.04 -14.70
N ALA B 282 -5.32 34.00 -14.27
CA ALA B 282 -5.60 33.84 -12.85
C ALA B 282 -4.35 33.49 -12.06
N THR B 283 -3.35 32.88 -12.70
CA THR B 283 -2.08 32.62 -12.04
C THR B 283 -1.08 33.75 -12.22
N PHE B 284 -1.17 34.50 -13.32
CA PHE B 284 -0.37 35.71 -13.45
C PHE B 284 -0.73 36.70 -12.34
N ALA B 285 -2.01 36.80 -12.00
CA ALA B 285 -2.43 37.64 -10.88
C ALA B 285 -2.19 36.94 -9.55
N GLY B 286 -2.20 35.61 -9.53
CA GLY B 286 -2.01 34.90 -8.28
C GLY B 286 -0.70 35.21 -7.60
N VAL B 287 0.36 35.45 -8.39
CA VAL B 287 1.70 35.61 -7.83
C VAL B 287 1.96 37.01 -7.31
N ASN B 288 1.02 37.94 -7.48
CA ASN B 288 1.24 39.32 -7.04
C ASN B 288 1.39 39.40 -5.52
N LEU B 289 0.53 38.70 -4.79
CA LEU B 289 0.58 38.72 -3.32
C LEU B 289 0.57 40.16 -2.78
N GLY B 294 1.38 43.73 3.47
CA GLY B 294 0.90 43.03 4.64
C GLY B 294 1.21 41.55 4.66
N VAL B 295 1.98 41.13 5.67
CA VAL B 295 2.37 39.73 5.82
C VAL B 295 2.56 39.46 7.31
N LYS B 296 2.11 38.28 7.75
CA LYS B 296 2.23 37.91 9.16
C LYS B 296 2.70 36.47 9.33
N HIS B 297 1.81 35.51 9.12
CA HIS B 297 2.07 34.10 9.27
C HIS B 297 2.05 33.40 7.92
N PRO B 298 2.70 32.23 7.78
CA PRO B 298 2.74 31.55 6.48
C PRO B 298 1.37 31.18 5.93
N LEU B 299 0.30 31.57 6.62
CA LEU B 299 -1.04 31.34 6.10
C LEU B 299 -1.28 32.12 4.81
N SER B 300 -0.52 33.18 4.57
CA SER B 300 -0.68 33.94 3.34
C SER B 300 -0.58 33.05 2.11
N SER B 301 0.25 32.00 2.18
CA SER B 301 0.39 31.10 1.04
C SER B 301 -0.93 30.40 0.73
N ILE B 302 -1.59 29.86 1.76
CA ILE B 302 -2.83 29.13 1.53
C ILE B 302 -3.94 30.08 1.10
N SER B 303 -3.92 31.33 1.59
CA SER B 303 -4.97 32.27 1.23
C SER B 303 -4.88 32.65 -0.25
N LEU B 304 -3.68 32.96 -0.72
CA LEU B 304 -3.52 33.33 -2.12
C LEU B 304 -3.87 32.15 -3.05
N ALA B 305 -3.28 30.98 -2.78
CA ALA B 305 -3.60 29.81 -3.57
C ALA B 305 -5.09 29.47 -3.52
N ILE B 306 -5.73 29.74 -2.38
CA ILE B 306 -7.17 29.52 -2.28
C ILE B 306 -7.92 30.51 -3.15
N TYR B 307 -7.55 31.80 -3.07
CA TYR B 307 -8.22 32.84 -3.83
C TYR B 307 -7.66 33.01 -5.24
N ALA B 308 -6.47 32.46 -5.51
CA ALA B 308 -6.01 32.38 -6.89
C ALA B 308 -6.88 31.43 -7.71
N THR B 309 -7.66 30.58 -7.05
CA THR B 309 -8.60 29.69 -7.72
C THR B 309 -9.96 30.35 -7.94
N ILE B 310 -10.55 30.92 -6.89
CA ILE B 310 -11.86 31.56 -7.04
C ILE B 310 -11.77 32.69 -8.06
N GLY B 311 -10.74 33.52 -7.95
CA GLY B 311 -10.49 34.51 -8.99
C GLY B 311 -10.42 33.89 -10.37
N LEU B 312 -9.92 32.66 -10.47
CA LEU B 312 -9.91 31.94 -11.73
C LEU B 312 -11.29 31.41 -12.08
N SER B 313 -11.99 30.82 -11.10
CA SER B 313 -13.26 30.18 -11.37
C SER B 313 -14.28 31.18 -11.91
N VAL B 314 -14.56 32.24 -11.14
CA VAL B 314 -15.54 33.22 -11.57
C VAL B 314 -15.07 33.94 -12.83
N VAL B 315 -13.77 34.27 -12.90
CA VAL B 315 -13.23 34.83 -14.13
C VAL B 315 -13.39 33.83 -15.27
N LEU B 316 -13.31 32.53 -14.96
CA LEU B 316 -13.57 31.52 -15.97
C LEU B 316 -15.07 31.41 -16.25
N PHE B 317 -15.89 31.41 -15.22
CA PHE B 317 -17.34 31.47 -15.40
C PHE B 317 -17.72 32.63 -16.30
N PHE B 318 -17.02 33.75 -16.18
CA PHE B 318 -17.42 34.97 -16.88
C PHE B 318 -16.90 35.01 -18.32
N ILE B 319 -15.62 34.69 -18.52
CA ILE B 319 -15.09 34.64 -19.88
C ILE B 319 -15.61 33.44 -20.65
N GLY B 320 -16.05 32.38 -19.95
CA GLY B 320 -16.55 31.21 -20.65
C GLY B 320 -17.83 31.48 -21.41
N ALA B 321 -18.77 32.21 -20.79
CA ALA B 321 -20.03 32.52 -21.46
C ALA B 321 -19.86 33.57 -22.53
N PHE B 322 -18.76 34.31 -22.54
CA PHE B 322 -18.58 35.39 -23.50
C PHE B 322 -18.19 34.87 -24.88
N THR B 323 -17.14 34.04 -24.95
CA THR B 323 -16.61 33.61 -26.24
C THR B 323 -17.43 32.48 -26.86
N LEU B 324 -17.99 31.59 -26.04
CA LEU B 324 -18.68 30.41 -26.54
C LEU B 324 -20.16 30.49 -26.21
N GLY B 325 -20.99 30.04 -27.16
CA GLY B 325 -22.42 29.99 -26.97
C GLY B 325 -22.95 28.58 -26.82
N LEU B 326 -23.62 28.31 -25.71
CA LEU B 326 -24.20 27.00 -25.45
C LEU B 326 -25.43 27.17 -24.58
N ASP B 327 -26.30 26.16 -24.61
CA ASP B 327 -27.49 26.18 -23.77
C ASP B 327 -27.12 26.47 -22.33
N SER B 328 -27.79 27.45 -21.73
CA SER B 328 -27.45 27.98 -20.42
C SER B 328 -27.05 26.87 -19.45
N THR B 329 -27.81 25.78 -19.44
CA THR B 329 -27.46 24.64 -18.60
C THR B 329 -26.20 23.94 -19.10
N LYS B 330 -25.98 23.93 -20.42
CA LYS B 330 -24.84 23.22 -20.99
C LYS B 330 -23.57 24.06 -20.91
N ALA B 331 -23.69 25.38 -21.07
CA ALA B 331 -22.52 26.24 -20.98
C ALA B 331 -22.02 26.35 -19.54
N LEU B 332 -22.95 26.46 -18.58
CA LEU B 332 -22.56 26.47 -17.17
C LEU B 332 -21.94 25.14 -16.76
N ALA B 333 -22.36 24.04 -17.41
CA ALA B 333 -21.78 22.74 -17.09
C ALA B 333 -20.26 22.76 -17.24
N LEU B 334 -19.75 23.43 -18.28
CA LEU B 334 -18.30 23.56 -18.43
C LEU B 334 -17.70 24.34 -17.28
N ALA B 335 -18.33 25.46 -16.90
CA ALA B 335 -17.83 26.23 -15.78
C ALA B 335 -17.99 25.48 -14.46
N ALA B 336 -19.02 24.63 -14.36
CA ALA B 336 -19.22 23.84 -13.15
C ALA B 336 -18.24 22.68 -13.07
N THR B 337 -17.99 22.01 -14.19
CA THR B 337 -17.09 20.86 -14.18
C THR B 337 -15.67 21.27 -13.83
N THR B 338 -15.12 22.26 -14.53
CA THR B 338 -13.77 22.72 -14.24
C THR B 338 -13.69 23.39 -12.87
N SER B 339 -14.78 24.02 -12.42
CA SER B 339 -14.81 24.60 -11.08
C SER B 339 -14.64 23.53 -10.01
N LEU B 340 -15.07 22.29 -10.29
CA LEU B 340 -14.90 21.20 -9.35
C LEU B 340 -13.45 20.71 -9.32
N GLY B 341 -12.79 20.72 -10.47
CA GLY B 341 -11.37 20.39 -10.50
C GLY B 341 -10.51 21.47 -9.86
N ALA B 342 -10.95 22.73 -9.96
CA ALA B 342 -10.17 23.83 -9.40
C ALA B 342 -10.36 23.92 -7.89
N VAL B 343 -11.56 23.64 -7.39
CA VAL B 343 -11.83 23.79 -5.96
C VAL B 343 -11.12 22.70 -5.17
N ILE B 344 -11.03 21.49 -5.73
CA ILE B 344 -10.43 20.38 -5.00
C ILE B 344 -9.00 20.70 -4.57
N ALA B 345 -8.28 21.49 -5.37
CA ALA B 345 -6.89 21.80 -5.04
C ALA B 345 -6.77 22.54 -3.71
N PRO B 346 -7.37 23.72 -3.54
CA PRO B 346 -7.34 24.34 -2.20
C PRO B 346 -7.79 23.43 -1.08
N LEU B 347 -8.69 22.49 -1.35
CA LEU B 347 -9.12 21.55 -0.33
C LEU B 347 -7.98 20.62 0.07
N ILE B 348 -7.26 20.09 -0.93
CA ILE B 348 -6.08 19.29 -0.62
C ILE B 348 -5.03 20.15 0.07
N VAL B 349 -4.98 21.44 -0.26
CA VAL B 349 -4.04 22.35 0.39
C VAL B 349 -4.35 22.45 1.89
N LYS B 350 -5.62 22.67 2.21
CA LYS B 350 -6.00 22.77 3.62
C LYS B 350 -5.90 21.42 4.32
N ILE B 351 -6.00 20.33 3.57
CA ILE B 351 -5.90 19.00 4.18
C ILE B 351 -4.46 18.69 4.53
N THR B 352 -3.58 18.68 3.53
CA THR B 352 -2.17 18.43 3.80
C THR B 352 -1.60 19.46 4.76
N ASP B 353 -2.05 20.71 4.68
CA ASP B 353 -1.61 21.73 5.63
C ASP B 353 -1.97 21.34 7.05
N TYR B 354 -3.06 20.61 7.24
CA TYR B 354 -3.45 20.18 8.58
C TYR B 354 -2.58 19.01 9.04
N TYR B 355 -2.42 18.01 8.19
CA TYR B 355 -1.64 16.82 8.56
C TYR B 355 -0.14 17.02 8.46
N THR B 356 0.33 18.18 7.97
CA THR B 356 1.75 18.40 7.74
C THR B 356 2.34 19.55 8.55
N SER B 357 1.59 20.61 8.80
CA SER B 357 2.14 21.77 9.49
C SER B 357 2.20 21.54 11.00
N TYR B 358 3.31 21.96 11.61
CA TYR B 358 3.44 21.88 13.06
C TYR B 358 2.49 22.85 13.76
N ASN B 359 1.97 23.85 13.04
CA ASN B 359 0.90 24.67 13.58
C ASN B 359 -0.30 23.81 13.98
N TYR B 360 -0.45 22.63 13.38
CA TYR B 360 -1.62 21.78 13.56
C TYR B 360 -1.22 20.46 14.22
N GLY B 361 -2.23 19.78 14.76
CA GLY B 361 -2.04 18.69 15.70
C GLY B 361 -1.22 17.52 15.20
N PRO B 362 -1.68 16.86 14.12
CA PRO B 362 -1.08 15.57 13.74
C PRO B 362 0.44 15.55 13.70
N VAL B 363 1.06 16.72 13.57
CA VAL B 363 2.52 16.81 13.64
C VAL B 363 2.99 16.72 15.08
N ARG B 364 2.35 17.48 15.98
CA ARG B 364 2.72 17.42 17.39
C ARG B 364 2.40 16.04 17.99
N LYS B 365 1.43 15.33 17.41
CA LYS B 365 1.12 13.99 17.89
C LYS B 365 2.37 13.12 17.91
N ILE B 366 3.20 13.24 16.87
CA ILE B 366 4.38 12.39 16.73
C ILE B 366 5.62 13.03 17.35
N ALA B 367 5.76 14.36 17.23
CA ALA B 367 6.91 15.02 17.82
C ALA B 367 6.97 14.78 19.33
N GLU B 368 5.81 14.77 19.99
CA GLU B 368 5.77 14.45 21.41
C GLU B 368 6.17 13.00 21.64
N GLN B 369 5.78 12.10 20.74
CA GLN B 369 6.21 10.72 20.83
C GLN B 369 7.72 10.56 20.76
N ALA B 370 8.44 11.63 20.42
CA ALA B 370 9.90 11.58 20.44
C ALA B 370 10.43 11.37 21.85
N LYS B 371 9.70 11.84 22.86
CA LYS B 371 10.15 11.67 24.24
C LYS B 371 10.23 10.20 24.64
N ILE B 372 9.42 9.35 24.02
CA ILE B 372 9.39 7.93 24.34
C ILE B 372 10.56 7.24 23.64
N SER B 373 10.49 7.17 22.31
CA SER B 373 11.53 6.48 21.53
C SER B 373 11.29 6.72 20.04
N PRO B 374 12.25 6.39 19.18
CA PRO B 374 12.02 6.59 17.74
C PRO B 374 11.07 5.57 17.13
N ALA B 375 11.13 4.32 17.58
CA ALA B 375 10.26 3.29 17.02
C ALA B 375 8.79 3.61 17.28
N THR B 376 8.49 4.13 18.47
CA THR B 376 7.10 4.44 18.80
C THR B 376 6.60 5.63 18.00
N VAL B 377 7.46 6.63 17.79
CA VAL B 377 7.05 7.77 16.96
C VAL B 377 7.04 7.38 15.49
N ILE B 378 7.88 6.43 15.09
CA ILE B 378 7.86 5.93 13.72
C ILE B 378 6.49 5.32 13.41
N ILE B 379 6.06 4.36 14.23
CA ILE B 379 4.82 3.65 13.93
C ILE B 379 3.63 4.61 13.95
N THR B 380 3.60 5.52 14.91
CA THR B 380 2.46 6.44 15.01
C THR B 380 2.58 7.59 14.02
N GLY B 381 3.80 8.02 13.69
CA GLY B 381 3.97 8.95 12.59
C GLY B 381 3.62 8.34 11.27
N TYR B 382 3.82 7.03 11.13
CA TYR B 382 3.29 6.30 9.99
C TYR B 382 1.76 6.29 10.02
N GLY B 383 1.17 6.14 11.21
CA GLY B 383 -0.28 6.06 11.31
C GLY B 383 -0.97 7.31 10.80
N VAL B 384 -0.57 8.47 11.34
CA VAL B 384 -1.17 9.73 10.92
C VAL B 384 -0.94 10.02 9.44
N GLY B 385 -0.04 9.28 8.79
CA GLY B 385 0.13 9.38 7.36
C GLY B 385 -0.96 8.64 6.59
N LEU B 386 -1.39 7.49 7.13
CA LEU B 386 -2.42 6.71 6.47
C LEU B 386 -3.76 7.45 6.47
N MET B 387 -4.22 7.89 7.65
CA MET B 387 -5.50 8.60 7.73
C MET B 387 -5.45 9.95 7.04
N SER B 388 -4.27 10.46 6.69
CA SER B 388 -4.15 11.68 5.92
C SER B 388 -4.38 11.43 4.43
N ALA B 389 -4.41 10.17 4.01
CA ALA B 389 -4.65 9.83 2.62
C ALA B 389 -6.14 9.71 2.29
N ILE B 390 -6.96 9.31 3.25
CA ILE B 390 -8.38 9.07 3.00
C ILE B 390 -9.14 10.36 2.71
N PRO B 391 -8.74 11.53 3.26
CA PRO B 391 -9.50 12.73 2.89
C PRO B 391 -9.32 13.11 1.44
N VAL B 392 -8.09 13.04 0.94
CA VAL B 392 -7.85 13.31 -0.48
C VAL B 392 -8.69 12.36 -1.34
N ILE B 393 -8.59 11.05 -1.07
CA ILE B 393 -9.37 10.06 -1.81
C ILE B 393 -10.86 10.40 -1.75
N ALA B 394 -11.34 10.75 -0.55
CA ALA B 394 -12.76 11.03 -0.39
C ALA B 394 -13.20 12.18 -1.29
N VAL B 395 -12.31 13.11 -1.59
CA VAL B 395 -12.67 14.27 -2.41
C VAL B 395 -12.54 13.96 -3.89
N ILE B 396 -11.44 13.31 -4.31
CA ILE B 396 -11.22 13.08 -5.74
C ILE B 396 -12.34 12.23 -6.32
N VAL B 397 -12.92 11.33 -5.52
CA VAL B 397 -14.02 10.51 -6.01
C VAL B 397 -15.32 11.33 -6.03
N ALA B 398 -15.60 12.04 -4.94
CA ALA B 398 -16.80 12.88 -4.91
C ALA B 398 -16.75 13.95 -5.98
N VAL B 399 -15.56 14.48 -6.28
CA VAL B 399 -15.44 15.55 -7.26
C VAL B 399 -15.73 15.03 -8.66
N LEU B 400 -15.05 13.95 -9.07
CA LEU B 400 -15.29 13.41 -10.40
C LEU B 400 -16.68 12.81 -10.50
N GLY B 401 -17.23 12.33 -9.38
CA GLY B 401 -18.58 11.79 -9.41
C GLY B 401 -19.63 12.84 -9.70
N ILE B 402 -19.47 14.04 -9.13
CA ILE B 402 -20.41 15.11 -9.41
C ILE B 402 -20.23 15.64 -10.82
N SER B 403 -18.98 15.80 -11.26
CA SER B 403 -18.73 16.19 -12.64
C SER B 403 -19.23 15.13 -13.60
N TYR B 404 -19.03 13.85 -13.25
CA TYR B 404 -19.58 12.76 -14.06
C TYR B 404 -21.07 12.93 -14.23
N MET B 405 -21.78 13.29 -13.15
CA MET B 405 -23.23 13.47 -13.25
C MET B 405 -23.58 14.68 -14.11
N ILE B 406 -23.02 15.84 -13.78
CA ILE B 406 -23.37 17.07 -14.50
C ILE B 406 -23.01 16.94 -15.97
N GLY B 407 -21.82 16.40 -16.27
CA GLY B 407 -21.43 16.19 -17.66
C GLY B 407 -22.23 15.11 -18.35
N TYR B 408 -22.80 14.17 -17.59
CA TYR B 408 -23.57 13.08 -18.17
C TYR B 408 -24.98 13.52 -18.55
N TYR B 409 -25.62 14.32 -17.69
CA TYR B 409 -26.99 14.75 -17.95
C TYR B 409 -27.08 15.91 -18.93
N THR B 410 -25.99 16.66 -19.12
CA THR B 410 -26.00 17.80 -20.02
C THR B 410 -25.64 17.40 -21.45
N VAL B 411 -24.58 16.62 -21.61
CA VAL B 411 -24.15 16.15 -22.93
C VAL B 411 -24.31 14.64 -23.03
N PHE B 416 -25.37 7.44 -29.92
CA PHE B 416 -25.35 6.30 -30.84
C PHE B 416 -25.70 5.01 -30.12
N GLY B 417 -25.48 5.00 -28.81
CA GLY B 417 -25.78 3.84 -28.00
C GLY B 417 -25.79 4.20 -26.54
N GLU B 418 -25.96 3.17 -25.70
CA GLU B 418 -25.92 3.39 -24.26
C GLU B 418 -24.59 3.99 -23.83
N LEU B 419 -23.52 3.73 -24.58
CA LEU B 419 -22.22 4.29 -24.27
C LEU B 419 -22.17 5.78 -24.59
N SER B 420 -22.77 6.20 -25.70
CA SER B 420 -22.71 7.59 -26.12
C SER B 420 -23.09 8.55 -25.00
N LYS B 421 -24.03 8.15 -24.13
CA LYS B 421 -24.35 8.96 -22.96
C LYS B 421 -23.30 8.76 -21.87
N TYR B 422 -22.93 7.50 -21.60
CA TYR B 422 -21.94 7.22 -20.57
C TYR B 422 -20.62 7.94 -20.87
N LEU B 423 -20.25 8.04 -22.14
CA LEU B 423 -19.00 8.73 -22.49
C LEU B 423 -19.09 10.23 -22.16
N ALA B 424 -20.28 10.81 -22.25
CA ALA B 424 -20.44 12.19 -21.79
C ALA B 424 -20.11 12.32 -20.32
N GLY B 425 -20.24 11.23 -19.57
CA GLY B 425 -19.88 11.24 -18.16
C GLY B 425 -18.39 11.27 -17.90
N ILE B 426 -17.66 10.27 -18.41
CA ILE B 426 -16.22 10.22 -18.19
C ILE B 426 -15.55 11.46 -18.79
N PHE B 427 -16.16 12.05 -19.81
CA PHE B 427 -15.64 13.32 -20.32
C PHE B 427 -15.88 14.45 -19.33
N GLY B 428 -17.05 14.45 -18.69
CA GLY B 428 -17.26 15.37 -17.58
C GLY B 428 -16.21 15.20 -16.50
N THR B 429 -15.68 13.99 -16.35
CA THR B 429 -14.54 13.77 -15.48
C THR B 429 -13.24 14.24 -16.10
N ALA B 430 -13.10 14.13 -17.43
CA ALA B 430 -11.93 14.67 -18.09
C ALA B 430 -11.84 16.18 -17.91
N MET B 431 -12.96 16.88 -18.14
CA MET B 431 -12.97 18.33 -17.91
C MET B 431 -12.57 18.65 -16.48
N ALA B 432 -13.04 17.87 -15.51
CA ALA B 432 -12.67 18.10 -14.12
C ALA B 432 -11.18 17.94 -13.92
N SER B 433 -10.63 16.79 -14.32
CA SER B 433 -9.19 16.60 -14.23
C SER B 433 -8.45 17.69 -14.98
N VAL B 434 -8.97 18.10 -16.14
CA VAL B 434 -8.36 19.21 -16.88
C VAL B 434 -8.40 20.48 -16.04
N GLY B 435 -9.58 20.82 -15.52
CA GLY B 435 -9.69 22.03 -14.71
C GLY B 435 -8.79 22.03 -13.50
N LEU B 436 -8.54 20.85 -12.92
CA LEU B 436 -7.72 20.79 -11.71
C LEU B 436 -6.27 21.20 -11.99
N LEU B 437 -5.70 20.68 -13.06
CA LEU B 437 -4.28 20.85 -13.34
C LEU B 437 -3.94 22.09 -14.16
N VAL B 438 -4.94 22.72 -14.79
CA VAL B 438 -4.67 23.95 -15.53
C VAL B 438 -4.23 25.08 -14.60
N VAL B 439 -4.49 24.95 -13.30
CA VAL B 439 -4.07 25.94 -12.31
C VAL B 439 -2.72 25.52 -11.73
N ALA B 440 -2.07 24.55 -12.37
CA ALA B 440 -0.78 24.08 -11.88
C ALA B 440 0.20 25.21 -11.70
N GLY B 441 0.08 26.27 -12.50
CA GLY B 441 1.02 27.37 -12.40
C GLY B 441 1.17 27.91 -10.99
N ILE B 442 0.05 28.05 -10.28
CA ILE B 442 0.11 28.63 -8.93
C ILE B 442 0.77 27.66 -7.97
N ILE B 443 0.65 26.35 -8.21
CA ILE B 443 1.19 25.36 -7.28
C ILE B 443 2.70 25.22 -7.46
N ILE B 444 3.17 25.18 -8.71
CA ILE B 444 4.61 25.07 -8.94
C ILE B 444 5.33 26.28 -8.40
N THR B 445 4.70 27.46 -8.49
CA THR B 445 5.25 28.66 -7.86
C THR B 445 5.57 28.40 -6.39
N ALA B 446 4.79 27.52 -5.75
CA ALA B 446 5.02 27.21 -4.34
C ALA B 446 6.08 26.14 -4.18
N ASP B 447 6.22 25.24 -5.16
CA ASP B 447 7.26 24.22 -5.10
C ASP B 447 8.65 24.80 -5.27
N SER B 448 8.77 26.05 -5.72
CA SER B 448 10.04 26.75 -5.74
C SER B 448 10.22 27.67 -4.53
N TYR B 449 9.14 28.04 -3.86
CA TYR B 449 9.26 28.82 -2.64
C TYR B 449 9.70 27.98 -1.46
N GLY B 450 9.33 26.70 -1.43
CA GLY B 450 9.65 25.84 -0.32
C GLY B 450 11.13 25.51 -0.24
N PRO B 451 11.69 24.97 -1.33
CA PRO B 451 13.12 24.65 -1.32
C PRO B 451 14.02 25.88 -1.32
N VAL B 452 13.59 26.97 -1.96
CA VAL B 452 14.39 28.19 -1.93
C VAL B 452 14.55 28.68 -0.49
N SER B 453 13.51 28.52 0.33
CA SER B 453 13.65 28.80 1.75
C SER B 453 14.52 27.75 2.44
N ASP B 454 14.51 26.51 1.93
CA ASP B 454 15.45 25.51 2.42
C ASP B 454 16.89 25.90 2.09
N ASN B 455 17.13 26.39 0.89
CA ASN B 455 18.46 26.91 0.54
C ASN B 455 18.87 28.00 1.51
N ALA B 456 18.02 29.00 1.69
CA ALA B 456 18.31 30.05 2.67
C ALA B 456 18.53 29.47 4.05
N GLY B 457 17.74 28.47 4.43
CA GLY B 457 17.92 27.85 5.73
C GLY B 457 19.30 27.23 5.91
N GLY B 458 19.88 26.73 4.83
CA GLY B 458 21.24 26.23 4.88
C GLY B 458 22.26 27.34 4.89
N VAL B 459 22.06 28.36 4.04
CA VAL B 459 23.00 29.46 3.93
C VAL B 459 23.27 30.12 5.27
N VAL B 460 22.26 30.18 6.13
CA VAL B 460 22.37 30.96 7.36
C VAL B 460 23.10 30.19 8.45
N GLU B 461 22.89 28.88 8.54
CA GLU B 461 23.49 28.12 9.63
C GLU B 461 24.98 27.89 9.41
N MET B 462 25.40 27.73 8.15
CA MET B 462 26.82 27.53 7.88
C MET B 462 27.59 28.84 7.93
N ALA B 463 26.99 29.94 7.46
CA ALA B 463 27.60 31.25 7.55
C ALA B 463 27.44 31.90 8.92
N GLY B 464 26.87 31.18 9.88
CA GLY B 464 26.67 31.70 11.22
C GLY B 464 26.03 33.07 11.24
N LEU B 465 24.97 33.25 10.46
CA LEU B 465 24.27 34.53 10.44
C LEU B 465 23.52 34.71 11.75
N PRO B 466 22.96 35.90 11.98
CA PRO B 466 22.26 36.14 13.25
C PRO B 466 21.27 35.03 13.57
N ASP B 467 21.13 34.75 14.88
CA ASP B 467 20.27 33.66 15.30
C ASP B 467 18.83 33.87 14.84
N GLU B 468 18.27 35.05 15.11
CA GLU B 468 16.87 35.28 14.79
C GLU B 468 16.60 35.12 13.29
N VAL B 469 17.48 35.67 12.45
CA VAL B 469 17.20 35.67 11.02
C VAL B 469 17.43 34.27 10.44
N ARG B 470 18.38 33.51 10.98
CA ARG B 470 18.55 32.13 10.55
C ARG B 470 17.44 31.23 11.09
N GLU B 471 16.65 31.72 12.04
CA GLU B 471 15.49 30.98 12.51
C GLU B 471 14.27 31.22 11.63
N ILE B 472 14.13 32.43 11.07
CA ILE B 472 13.00 32.71 10.20
C ILE B 472 13.12 31.94 8.89
N THR B 473 14.36 31.73 8.41
CA THR B 473 14.55 30.87 7.25
C THR B 473 14.02 29.47 7.50
N ASP B 474 14.12 29.00 8.75
CA ASP B 474 13.63 27.67 9.10
C ASP B 474 12.12 27.60 9.00
N VAL B 475 11.42 28.65 9.43
CA VAL B 475 9.96 28.66 9.32
C VAL B 475 9.55 28.71 7.86
N LEU B 476 10.25 29.50 7.05
CA LEU B 476 10.04 29.44 5.60
C LEU B 476 10.35 28.06 5.06
N ASP B 477 11.30 27.36 5.67
CA ASP B 477 11.59 25.99 5.29
C ASP B 477 10.49 25.04 5.74
N SER B 478 10.00 25.20 6.98
CA SER B 478 8.92 24.35 7.46
C SER B 478 7.62 24.62 6.72
N VAL B 479 7.37 25.87 6.34
CA VAL B 479 6.19 26.19 5.53
C VAL B 479 6.34 25.57 4.15
N GLY B 480 7.54 25.64 3.57
CA GLY B 480 7.78 24.95 2.32
C GLY B 480 7.50 23.45 2.42
N ASN B 481 7.85 22.85 3.56
CA ASN B 481 7.52 21.45 3.78
C ASN B 481 6.02 21.22 3.73
N THR B 482 5.25 22.19 4.24
CA THR B 482 3.80 22.14 4.08
C THR B 482 3.38 22.32 2.63
N THR B 483 4.24 22.91 1.80
CA THR B 483 3.90 23.14 0.39
C THR B 483 4.19 21.90 -0.45
N LYS B 484 5.39 21.33 -0.31
CA LYS B 484 5.78 20.20 -1.14
C LYS B 484 4.83 19.01 -0.95
N ALA B 485 4.35 18.80 0.27
CA ALA B 485 3.36 17.74 0.49
C ALA B 485 2.05 18.08 -0.19
N THR B 486 1.63 19.35 -0.13
CA THR B 486 0.41 19.77 -0.81
C THR B 486 0.49 19.53 -2.31
N THR B 487 1.67 19.75 -2.91
CA THR B 487 1.80 19.56 -4.34
C THR B 487 1.77 18.08 -4.71
N LYS B 488 2.31 17.21 -3.85
CA LYS B 488 2.20 15.78 -4.08
C LYS B 488 0.73 15.35 -4.10
N GLY B 489 -0.08 15.90 -3.20
CA GLY B 489 -1.51 15.70 -3.28
C GLY B 489 -2.09 16.30 -4.56
N TYR B 490 -1.75 17.56 -4.83
CA TYR B 490 -2.22 18.21 -6.05
C TYR B 490 -1.79 17.45 -7.29
N ALA B 491 -0.54 16.94 -7.30
CA ALA B 491 -0.06 16.22 -8.46
C ALA B 491 -0.75 14.87 -8.61
N ILE B 492 -0.77 14.08 -7.54
CA ILE B 492 -1.26 12.70 -7.62
C ILE B 492 -2.78 12.69 -7.85
N ALA B 493 -3.51 13.54 -7.13
CA ALA B 493 -4.97 13.52 -7.24
C ALA B 493 -5.42 13.81 -8.66
N SER B 494 -4.83 14.83 -9.29
CA SER B 494 -5.17 15.11 -10.68
C SER B 494 -4.94 13.89 -11.57
N ALA B 495 -3.93 13.08 -11.25
CA ALA B 495 -3.67 11.89 -12.04
C ALA B 495 -4.77 10.85 -11.89
N ALA B 496 -5.34 10.73 -10.68
CA ALA B 496 -6.39 9.74 -10.46
C ALA B 496 -7.59 9.99 -11.37
N LEU B 497 -8.00 11.25 -11.50
CA LEU B 497 -9.12 11.57 -12.38
C LEU B 497 -8.78 11.29 -13.84
N ALA B 498 -7.52 11.54 -14.22
CA ALA B 498 -7.12 11.34 -15.60
C ALA B 498 -7.03 9.87 -15.97
N ALA B 499 -6.76 9.00 -14.99
CA ALA B 499 -6.54 7.59 -15.29
C ALA B 499 -7.73 6.98 -16.02
N LEU B 500 -8.94 7.20 -15.50
CA LEU B 500 -10.12 6.67 -16.19
C LEU B 500 -10.32 7.33 -17.54
N VAL B 501 -9.97 8.61 -17.66
CA VAL B 501 -9.98 9.28 -18.95
C VAL B 501 -8.97 8.63 -19.88
N LEU B 502 -7.78 8.33 -19.36
CA LEU B 502 -6.78 7.62 -20.15
C LEU B 502 -7.21 6.19 -20.45
N PHE B 503 -7.98 5.56 -19.55
CA PHE B 503 -8.53 4.25 -19.84
C PHE B 503 -9.42 4.31 -21.09
N ILE B 504 -10.38 5.24 -21.10
CA ILE B 504 -11.28 5.37 -22.24
C ILE B 504 -10.50 5.76 -23.50
N ALA B 505 -9.50 6.61 -23.33
CA ALA B 505 -8.68 7.00 -24.49
C ALA B 505 -7.88 5.83 -25.03
N LEU B 506 -7.35 4.99 -24.13
CA LEU B 506 -6.65 3.79 -24.59
C LEU B 506 -7.59 2.83 -25.29
N ILE B 507 -8.86 2.78 -24.87
CA ILE B 507 -9.81 1.88 -25.50
C ILE B 507 -10.01 2.26 -26.97
N PHE B 508 -10.22 3.54 -27.25
CA PHE B 508 -10.39 3.97 -28.63
C PHE B 508 -9.13 3.76 -29.47
N GLU B 509 -7.98 3.59 -28.83
CA GLU B 509 -6.76 3.27 -29.56
C GLU B 509 -6.69 1.78 -29.90
N ILE B 510 -7.28 0.92 -29.05
CA ILE B 510 -7.39 -0.49 -29.39
C ILE B 510 -8.59 -0.75 -30.30
N VAL B 511 -9.58 0.14 -30.30
CA VAL B 511 -10.70 0.00 -31.24
C VAL B 511 -10.26 0.35 -32.65
N TYR B 512 -9.42 1.39 -32.80
CA TYR B 512 -8.93 1.73 -34.13
C TYR B 512 -8.07 0.63 -34.71
N SER B 513 -7.23 0.01 -33.87
CA SER B 513 -6.36 -1.07 -34.35
C SER B 513 -7.12 -2.38 -34.52
N ALA B 514 -8.19 -2.60 -33.76
CA ALA B 514 -8.95 -3.84 -33.88
C ALA B 514 -9.67 -3.93 -35.22
N SER B 515 -10.29 -2.84 -35.67
CA SER B 515 -11.03 -2.86 -36.93
C SER B 515 -10.11 -3.23 -38.10
N LYS B 516 -8.85 -2.83 -38.06
CA LYS B 516 -7.90 -3.14 -39.11
C LYS B 516 -6.95 -4.24 -38.68
N ASP B 524 -18.46 -4.68 -33.15
CA ASP B 524 -17.01 -4.80 -33.26
C ASP B 524 -16.34 -4.86 -31.90
N MET B 525 -15.26 -4.09 -31.73
CA MET B 525 -14.53 -4.11 -30.46
C MET B 525 -15.42 -3.67 -29.30
N ILE B 526 -16.35 -2.75 -29.53
CA ILE B 526 -17.25 -2.33 -28.46
C ILE B 526 -17.98 -3.52 -27.87
N SER B 527 -18.43 -4.44 -28.73
CA SER B 527 -19.17 -5.61 -28.26
C SER B 527 -18.27 -6.61 -27.54
N GLU B 528 -16.97 -6.64 -27.87
CA GLU B 528 -16.07 -7.63 -27.33
C GLU B 528 -15.33 -7.14 -26.09
N SER B 529 -14.81 -5.90 -26.12
CA SER B 529 -14.04 -5.40 -25.00
C SER B 529 -14.93 -5.15 -23.78
N LEU B 530 -16.13 -4.61 -23.99
CA LEU B 530 -17.04 -4.35 -22.88
C LEU B 530 -17.28 -5.63 -22.07
N SER B 531 -17.58 -6.73 -22.76
CA SER B 531 -17.80 -8.02 -22.12
C SER B 531 -16.51 -8.81 -21.92
N GLY B 532 -15.36 -8.23 -22.25
CA GLY B 532 -14.09 -8.92 -22.10
C GLY B 532 -13.23 -8.37 -20.98
N LEU B 533 -13.57 -7.17 -20.48
CA LEU B 533 -12.79 -6.53 -19.44
C LEU B 533 -13.58 -6.32 -18.16
N GLN B 534 -14.69 -7.04 -17.98
CA GLN B 534 -15.41 -6.97 -16.71
C GLN B 534 -14.47 -7.45 -15.60
N LEU B 535 -14.49 -6.73 -14.47
CA LEU B 535 -13.41 -6.84 -13.48
C LEU B 535 -13.07 -8.26 -13.10
N ILE B 536 -13.98 -9.22 -13.28
CA ILE B 536 -13.73 -10.59 -12.85
C ILE B 536 -12.97 -11.41 -13.88
N ASN B 537 -12.66 -10.85 -15.05
CA ASN B 537 -11.92 -11.60 -16.06
C ASN B 537 -10.60 -12.10 -15.48
N ALA B 538 -10.12 -13.22 -16.02
CA ALA B 538 -8.93 -13.86 -15.47
C ALA B 538 -7.74 -12.91 -15.48
N ASN B 539 -7.29 -12.51 -16.67
CA ASN B 539 -6.10 -11.68 -16.78
C ASN B 539 -6.27 -10.35 -16.07
N VAL B 540 -7.48 -9.79 -16.07
CA VAL B 540 -7.69 -8.46 -15.49
C VAL B 540 -7.43 -8.49 -13.99
N LEU B 541 -7.92 -9.53 -13.31
CA LEU B 541 -7.68 -9.61 -11.87
C LEU B 541 -6.21 -9.91 -11.60
N ILE B 542 -5.60 -10.79 -12.41
CA ILE B 542 -4.18 -11.06 -12.25
C ILE B 542 -3.37 -9.79 -12.47
N GLY B 543 -3.67 -9.06 -13.55
CA GLY B 543 -3.00 -7.79 -13.79
C GLY B 543 -3.11 -6.85 -12.60
N ALA B 544 -4.30 -6.76 -12.01
CA ALA B 544 -4.50 -5.90 -10.84
C ALA B 544 -3.57 -6.28 -9.69
N PHE B 545 -3.21 -7.56 -9.59
CA PHE B 545 -2.24 -7.97 -8.58
C PHE B 545 -0.82 -7.73 -9.06
N LEU B 546 -0.57 -7.90 -10.37
CA LEU B 546 0.75 -7.62 -10.91
C LEU B 546 0.99 -6.12 -11.02
N GLY B 547 -0.08 -5.32 -11.14
CA GLY B 547 0.08 -3.89 -11.13
C GLY B 547 0.46 -3.35 -9.75
N VAL B 548 -0.18 -3.89 -8.70
CA VAL B 548 0.19 -3.51 -7.34
C VAL B 548 1.46 -4.23 -6.89
N ALA B 549 1.80 -5.36 -7.51
CA ALA B 549 3.06 -6.02 -7.19
C ALA B 549 4.23 -5.32 -7.89
N LEU B 550 4.01 -4.87 -9.13
CA LEU B 550 5.10 -4.21 -9.85
C LEU B 550 5.51 -2.92 -9.17
N VAL B 551 4.55 -2.18 -8.61
CA VAL B 551 4.90 -0.92 -7.96
C VAL B 551 5.77 -1.16 -6.74
N TYR B 552 5.58 -2.28 -6.05
CA TYR B 552 6.50 -2.65 -4.97
C TYR B 552 7.88 -2.93 -5.53
N PHE B 553 7.96 -3.70 -6.62
CA PHE B 553 9.26 -4.00 -7.22
C PHE B 553 9.94 -2.74 -7.73
N PHE B 554 9.16 -1.72 -8.11
CA PHE B 554 9.75 -0.49 -8.61
C PHE B 554 10.22 0.40 -7.47
N SER B 555 9.38 0.57 -6.43
CA SER B 555 9.75 1.45 -5.33
C SER B 555 10.85 0.84 -4.48
N SER B 556 10.76 -0.46 -4.18
CA SER B 556 11.78 -1.09 -3.35
C SER B 556 13.10 -1.22 -4.12
N ARG B 557 13.05 -1.28 -5.44
CA ARG B 557 14.27 -1.16 -6.23
C ARG B 557 14.80 0.27 -6.18
N THR B 558 13.91 1.25 -6.24
CA THR B 558 14.33 2.65 -6.10
C THR B 558 14.87 2.92 -4.71
N LEU B 559 14.18 2.44 -3.67
CA LEU B 559 14.60 2.70 -2.30
C LEU B 559 15.99 2.14 -2.04
N GLU B 560 16.25 0.91 -2.50
CA GLU B 560 17.57 0.31 -2.32
C GLU B 560 18.64 1.05 -3.12
N ALA B 561 18.28 1.55 -4.31
CA ALA B 561 19.24 2.29 -5.13
C ALA B 561 19.62 3.61 -4.45
N VAL B 562 18.63 4.46 -4.20
CA VAL B 562 18.90 5.73 -3.55
C VAL B 562 19.64 5.52 -2.23
N GLY B 563 19.25 4.48 -1.49
CA GLY B 563 19.92 4.19 -0.23
C GLY B 563 21.34 3.72 -0.41
N ARG B 564 21.62 3.00 -1.51
CA ARG B 564 22.96 2.50 -1.77
C ARG B 564 23.83 3.50 -2.53
N THR B 565 23.27 4.19 -3.53
CA THR B 565 24.04 5.21 -4.22
C THR B 565 24.42 6.34 -3.27
N ALA B 566 23.54 6.66 -2.32
CA ALA B 566 23.91 7.60 -1.27
C ALA B 566 25.12 7.10 -0.51
N MET B 567 25.18 5.80 -0.23
CA MET B 567 26.36 5.22 0.41
C MET B 567 27.61 5.46 -0.41
N GLU B 568 27.47 5.54 -1.74
CA GLU B 568 28.60 5.91 -2.59
C GLU B 568 28.99 7.37 -2.40
N ILE B 569 28.07 8.21 -1.95
CA ILE B 569 28.42 9.58 -1.59
C ILE B 569 29.10 9.62 -0.23
N VAL B 570 28.57 8.88 0.74
CA VAL B 570 29.16 8.85 2.08
C VAL B 570 30.60 8.40 2.02
N GLU B 571 30.89 7.35 1.25
CA GLU B 571 32.26 6.90 1.09
C GLU B 571 33.12 7.96 0.38
N GLU B 572 32.54 8.63 -0.60
CA GLU B 572 33.29 9.64 -1.34
C GLU B 572 33.75 10.76 -0.43
N ILE B 573 32.91 11.17 0.52
CA ILE B 573 33.29 12.24 1.44
C ILE B 573 34.53 11.85 2.22
N ARG B 574 34.57 10.62 2.73
CA ARG B 574 35.69 10.18 3.55
C ARG B 574 37.01 10.30 2.80
N ARG B 575 37.05 9.81 1.56
CA ARG B 575 38.29 9.84 0.80
C ARG B 575 38.82 11.26 0.66
N GLN B 576 37.92 12.23 0.49
CA GLN B 576 38.35 13.62 0.38
C GLN B 576 38.56 14.23 1.76
N PHE B 577 37.62 14.01 2.68
CA PHE B 577 37.78 14.53 4.03
C PHE B 577 38.95 13.88 4.75
N ARG B 578 39.26 12.62 4.39
CA ARG B 578 40.41 11.95 4.98
C ARG B 578 41.73 12.56 4.51
N GLU B 579 41.73 13.18 3.32
CA GLU B 579 42.98 13.69 2.76
C GLU B 579 43.45 14.92 3.53
N LYS B 580 42.56 15.89 3.74
CA LYS B 580 42.88 17.12 4.44
C LYS B 580 41.75 17.45 5.41
N PRO B 581 42.01 18.28 6.40
CA PRO B 581 40.96 18.62 7.37
C PRO B 581 39.88 19.49 6.75
N GLY B 582 38.64 19.24 7.13
CA GLY B 582 37.53 20.05 6.67
C GLY B 582 37.48 21.43 7.30
N ILE B 583 38.45 21.78 8.13
CA ILE B 583 38.49 23.10 8.75
C ILE B 583 38.86 24.16 7.74
N LEU B 584 39.94 23.93 6.98
CA LEU B 584 40.40 24.84 5.95
C LEU B 584 40.16 24.23 4.57
N GLU B 585 39.33 24.90 3.77
CA GLU B 585 38.99 24.41 2.43
C GLU B 585 40.21 24.41 1.52
N PRO B 590 35.61 22.43 -7.98
CA PRO B 590 36.44 21.23 -7.90
C PRO B 590 35.82 20.13 -7.03
N ASP B 591 35.87 20.32 -5.71
CA ASP B 591 35.32 19.34 -4.79
C ASP B 591 33.80 19.27 -4.90
N TYR B 592 33.15 20.42 -5.06
CA TYR B 592 31.70 20.42 -5.20
C TYR B 592 31.26 19.93 -6.57
N ALA B 593 32.04 20.22 -7.61
CA ALA B 593 31.72 19.68 -8.93
C ALA B 593 31.85 18.15 -8.96
N ARG B 594 32.80 17.59 -8.20
CA ARG B 594 32.97 16.15 -8.17
C ARG B 594 31.78 15.47 -7.50
N VAL B 595 31.38 15.96 -6.32
CA VAL B 595 30.26 15.35 -5.61
C VAL B 595 29.00 15.40 -6.45
N VAL B 596 28.87 16.42 -7.31
CA VAL B 596 27.72 16.50 -8.21
C VAL B 596 27.85 15.46 -9.31
N ASP B 597 29.03 15.42 -9.96
CA ASP B 597 29.23 14.52 -11.08
C ASP B 597 29.16 13.06 -10.65
N ILE B 598 29.68 12.74 -9.46
CA ILE B 598 29.71 11.35 -9.01
C ILE B 598 28.30 10.88 -8.66
N ALA B 599 27.48 11.76 -8.09
CA ALA B 599 26.14 11.35 -7.67
C ALA B 599 25.23 11.13 -8.86
N THR B 600 25.36 11.94 -9.90
CA THR B 600 24.47 11.82 -11.06
C THR B 600 24.76 10.53 -11.85
N ARG B 601 26.03 10.32 -12.23
CA ARG B 601 26.36 9.17 -13.06
C ARG B 601 26.09 7.85 -12.34
N ARG B 602 26.18 7.84 -11.01
CA ARG B 602 25.81 6.63 -10.27
C ARG B 602 24.31 6.54 -10.07
N ALA B 603 23.63 7.67 -9.85
CA ALA B 603 22.19 7.66 -9.72
C ALA B 603 21.53 7.38 -11.07
N LEU B 604 21.91 8.14 -12.11
CA LEU B 604 21.40 7.88 -13.44
C LEU B 604 21.74 6.47 -13.90
N GLY B 605 22.87 5.93 -13.46
CA GLY B 605 23.20 4.56 -13.79
C GLY B 605 22.16 3.58 -13.29
N GLU B 606 21.75 3.74 -12.03
CA GLU B 606 20.71 2.88 -11.47
C GLU B 606 19.36 3.20 -12.09
N PHE B 607 19.13 4.47 -12.46
CA PHE B 607 17.85 4.89 -13.01
C PHE B 607 17.36 3.96 -14.11
N LEU B 608 18.26 3.58 -15.03
CA LEU B 608 17.86 2.75 -16.17
C LEU B 608 17.34 1.38 -15.76
N ILE B 609 17.65 0.93 -14.54
CA ILE B 609 17.25 -0.41 -14.10
C ILE B 609 15.76 -0.41 -13.82
N PRO B 610 15.26 0.40 -12.88
CA PRO B 610 13.80 0.46 -12.68
C PRO B 610 13.08 1.16 -13.82
N GLY B 611 13.66 2.22 -14.37
CA GLY B 611 13.01 2.93 -15.47
C GLY B 611 12.66 2.01 -16.62
N LEU B 612 13.64 1.23 -17.08
CA LEU B 612 13.39 0.30 -18.18
C LEU B 612 12.63 -0.94 -17.71
N ALA B 613 12.86 -1.38 -16.47
CA ALA B 613 12.09 -2.51 -15.95
C ALA B 613 10.62 -2.16 -15.80
N ALA B 614 10.32 -0.92 -15.39
CA ALA B 614 8.94 -0.49 -15.31
C ALA B 614 8.31 -0.31 -16.69
N ILE B 615 9.12 -0.14 -17.73
CA ILE B 615 8.59 -0.05 -19.08
C ILE B 615 8.29 -1.44 -19.62
N VAL B 616 9.13 -2.43 -19.29
CA VAL B 616 9.03 -3.75 -19.90
C VAL B 616 7.90 -4.56 -19.26
N LEU B 617 7.98 -4.76 -17.94
CA LEU B 617 7.01 -5.62 -17.26
C LEU B 617 5.57 -5.31 -17.65
N PRO B 618 5.13 -4.06 -17.78
CA PRO B 618 3.80 -3.83 -18.35
C PRO B 618 3.69 -4.33 -19.78
N LEU B 619 4.76 -4.17 -20.58
CA LEU B 619 4.74 -4.64 -21.95
C LEU B 619 4.60 -6.16 -22.00
N ILE B 620 5.35 -6.87 -21.15
CA ILE B 620 5.28 -8.33 -21.14
C ILE B 620 3.88 -8.79 -20.77
N THR B 621 3.33 -8.25 -19.68
CA THR B 621 1.98 -8.63 -19.28
C THR B 621 0.97 -8.26 -20.36
N GLY B 622 1.18 -7.13 -21.03
CA GLY B 622 0.26 -6.72 -22.08
C GLY B 622 0.25 -7.67 -23.26
N LEU B 623 1.40 -8.28 -23.55
CA LEU B 623 1.52 -9.21 -24.67
C LEU B 623 1.50 -10.68 -24.23
N LEU B 624 2.11 -11.00 -23.09
CA LEU B 624 2.14 -12.39 -22.63
C LEU B 624 0.75 -12.86 -22.23
N LEU B 625 -0.01 -12.01 -21.55
CA LEU B 625 -1.35 -12.34 -21.08
C LEU B 625 -2.43 -11.73 -21.96
N GLY B 626 -2.29 -10.45 -22.32
CA GLY B 626 -3.25 -9.78 -23.17
C GLY B 626 -3.43 -8.33 -22.76
N TRP B 627 -4.22 -7.57 -23.51
CA TRP B 627 -4.48 -6.20 -23.11
C TRP B 627 -5.33 -6.13 -21.84
N ASN B 628 -6.12 -7.18 -21.57
CA ASN B 628 -6.81 -7.25 -20.29
C ASN B 628 -5.83 -7.17 -19.13
N ALA B 629 -4.71 -7.90 -19.23
CA ALA B 629 -3.74 -7.92 -18.14
C ALA B 629 -3.20 -6.53 -17.85
N LEU B 630 -2.85 -5.76 -18.89
CA LEU B 630 -2.34 -4.42 -18.67
C LEU B 630 -3.44 -3.49 -18.17
N ALA B 631 -4.67 -3.67 -18.67
CA ALA B 631 -5.78 -2.88 -18.15
C ALA B 631 -5.98 -3.11 -16.66
N GLY B 632 -5.71 -4.32 -16.19
CA GLY B 632 -5.73 -4.61 -14.76
C GLY B 632 -4.48 -4.12 -14.07
N LEU B 633 -3.32 -4.32 -14.71
CA LEU B 633 -2.07 -3.86 -14.14
C LEU B 633 -2.09 -2.35 -13.92
N ILE B 634 -2.70 -1.60 -14.85
CA ILE B 634 -2.83 -0.17 -14.67
C ILE B 634 -3.93 0.16 -13.66
N MET B 635 -4.85 -0.78 -13.43
CA MET B 635 -5.88 -0.56 -12.43
C MET B 635 -5.31 -0.71 -11.03
N GLY B 636 -4.69 -1.86 -10.73
CA GLY B 636 -4.07 -2.04 -9.44
C GLY B 636 -3.01 -0.99 -9.13
N ALA B 637 -2.32 -0.49 -10.16
CA ALA B 637 -1.35 0.57 -9.94
C ALA B 637 -2.03 1.85 -9.48
N ILE B 638 -3.08 2.27 -10.18
CA ILE B 638 -3.80 3.48 -9.77
C ILE B 638 -4.50 3.25 -8.44
N VAL B 639 -4.91 2.03 -8.15
CA VAL B 639 -5.61 1.74 -6.90
C VAL B 639 -4.65 1.81 -5.73
N ALA B 640 -3.42 1.34 -5.91
CA ALA B 640 -2.42 1.42 -4.85
C ALA B 640 -1.63 2.72 -4.88
N GLY B 641 -1.30 3.21 -6.08
CA GLY B 641 -0.44 4.37 -6.19
C GLY B 641 -1.06 5.62 -5.59
N VAL B 642 -2.33 5.89 -5.94
CA VAL B 642 -2.99 7.09 -5.43
C VAL B 642 -3.04 7.08 -3.91
N PRO B 643 -3.46 5.99 -3.24
CA PRO B 643 -3.44 5.99 -1.78
C PRO B 643 -2.04 5.90 -1.20
N ARG B 644 -1.19 5.06 -1.79
CA ARG B 644 0.15 4.85 -1.26
C ARG B 644 0.96 6.15 -1.26
N ALA B 645 1.08 6.78 -2.43
CA ALA B 645 1.90 7.99 -2.53
C ALA B 645 1.43 9.07 -1.57
N LEU B 646 0.12 9.14 -1.30
CA LEU B 646 -0.36 10.05 -0.26
C LEU B 646 0.06 9.58 1.12
N LEU B 647 -0.07 8.28 1.39
CA LEU B 647 0.32 7.74 2.68
C LEU B 647 1.76 8.11 3.03
N MET B 648 2.64 8.12 2.03
CA MET B 648 4.06 8.40 2.27
C MET B 648 4.37 9.90 2.17
N ALA B 649 3.88 10.57 1.13
CA ALA B 649 4.13 11.99 0.97
C ALA B 649 3.76 12.78 2.22
N ASN B 650 2.66 12.40 2.87
CA ASN B 650 2.21 13.15 4.04
C ASN B 650 2.99 12.78 5.30
N ALA B 651 3.25 11.49 5.52
CA ALA B 651 4.00 11.07 6.70
C ALA B 651 5.42 11.61 6.65
N GLY B 652 6.08 11.47 5.49
CA GLY B 652 7.42 12.02 5.35
C GLY B 652 7.47 13.51 5.65
N GLY B 653 6.51 14.26 5.09
CA GLY B 653 6.42 15.67 5.43
C GLY B 653 6.15 15.93 6.89
N ALA B 654 5.39 15.04 7.53
CA ALA B 654 5.06 15.22 8.95
C ALA B 654 6.28 15.01 9.83
N TRP B 655 7.04 13.93 9.58
CA TRP B 655 8.26 13.70 10.35
C TRP B 655 9.23 14.86 10.21
N ASP B 656 9.33 15.43 9.00
CA ASP B 656 10.20 16.58 8.79
C ASP B 656 9.71 17.79 9.60
N ASN B 657 8.42 18.09 9.49
CA ASN B 657 7.87 19.20 10.28
C ASN B 657 7.83 18.85 11.76
N ALA B 658 7.64 17.57 12.10
CA ALA B 658 7.76 17.17 13.50
C ALA B 658 9.15 17.49 14.04
N LYS B 659 10.17 17.25 13.22
CA LYS B 659 11.52 17.64 13.60
C LYS B 659 11.61 19.16 13.79
N LYS B 660 11.02 19.92 12.88
CA LYS B 660 11.14 21.37 12.93
C LYS B 660 10.58 21.97 14.22
N TYR B 661 9.42 21.48 14.67
CA TYR B 661 8.82 22.05 15.88
C TYR B 661 9.70 21.79 17.09
N ILE B 662 10.24 20.57 17.21
CA ILE B 662 11.10 20.25 18.34
C ILE B 662 12.53 20.73 18.13
N GLU B 663 12.92 21.01 16.89
CA GLU B 663 14.26 21.51 16.62
C GLU B 663 14.42 22.99 16.95
N ILE B 664 13.33 23.74 17.09
CA ILE B 664 13.41 25.12 17.54
C ILE B 664 13.20 25.24 19.04
N GLN B 665 12.28 24.46 19.62
CA GLN B 665 12.13 24.44 21.07
C GLN B 665 13.32 23.74 21.71
N GLY B 666 13.55 22.48 21.35
CA GLY B 666 14.75 21.80 21.82
C GLY B 666 16.00 22.48 21.30
N LEU B 667 16.10 22.61 19.98
CA LEU B 667 17.20 23.33 19.33
C LEU B 667 18.55 22.87 19.88
N LYS B 668 18.66 21.57 20.13
CA LYS B 668 19.87 21.01 20.70
C LYS B 668 19.93 19.53 20.34
N LYS B 669 21.07 18.91 20.65
CA LYS B 669 21.22 17.47 20.49
C LYS B 669 20.75 16.81 21.78
N THR B 670 19.43 16.64 21.86
CA THR B 670 18.78 16.02 23.00
C THR B 670 18.17 14.69 22.58
N GLU B 671 18.19 13.72 23.51
CA GLU B 671 17.61 12.41 23.24
C GLU B 671 16.23 12.53 22.64
N MET B 672 15.50 13.61 22.98
CA MET B 672 14.20 13.87 22.38
C MET B 672 14.34 14.25 20.91
N HIS B 673 15.30 15.13 20.59
CA HIS B 673 15.47 15.57 19.20
C HIS B 673 16.02 14.45 18.33
N LYS B 674 16.93 13.64 18.88
CA LYS B 674 17.48 12.52 18.11
C LYS B 674 16.37 11.62 17.59
N ALA B 675 15.33 11.40 18.39
CA ALA B 675 14.22 10.56 17.96
C ALA B 675 13.46 11.20 16.80
N ALA B 676 13.26 12.52 16.84
CA ALA B 676 12.55 13.20 15.76
C ALA B 676 13.37 13.27 14.48
N VAL B 677 14.70 13.17 14.57
CA VAL B 677 15.52 13.15 13.37
C VAL B 677 15.47 11.77 12.71
N ILE B 678 15.40 10.71 13.51
CA ILE B 678 15.30 9.37 12.95
C ILE B 678 14.06 9.25 12.08
N GLY B 679 12.92 9.71 12.60
CA GLY B 679 11.72 9.74 11.77
C GLY B 679 11.87 10.62 10.55
N ASP B 680 12.64 11.71 10.68
CA ASP B 680 12.84 12.60 9.54
C ASP B 680 13.44 11.87 8.35
N THR B 681 14.60 11.25 8.54
CA THR B 681 15.34 10.65 7.44
C THR B 681 14.74 9.33 6.98
N VAL B 682 13.77 8.77 7.71
CA VAL B 682 13.07 7.59 7.24
C VAL B 682 12.06 8.03 6.20
N GLY B 683 11.05 8.76 6.63
CA GLY B 683 10.12 9.39 5.71
C GLY B 683 10.76 10.40 4.79
N ASP B 684 12.05 10.73 5.01
CA ASP B 684 12.70 11.73 4.16
C ASP B 684 12.79 11.24 2.71
N PRO B 685 13.49 10.14 2.41
CA PRO B 685 13.55 9.70 1.01
C PRO B 685 12.25 9.13 0.50
N MET B 686 11.54 8.36 1.34
CA MET B 686 10.21 7.91 0.97
C MET B 686 9.27 9.08 0.68
N LYS B 687 9.62 10.27 1.16
CA LYS B 687 8.81 11.46 0.90
C LYS B 687 9.02 11.99 -0.52
N ASP B 688 10.27 12.16 -0.93
CA ASP B 688 10.59 12.84 -2.18
C ASP B 688 11.04 11.90 -3.30
N THR B 689 11.07 10.59 -3.06
CA THR B 689 11.53 9.63 -4.08
C THR B 689 10.43 8.66 -4.48
N VAL B 690 9.86 7.91 -3.53
CA VAL B 690 8.89 6.89 -3.88
C VAL B 690 7.49 7.48 -4.02
N GLY B 691 7.12 8.39 -3.14
CA GLY B 691 5.82 9.02 -3.22
C GLY B 691 5.57 9.67 -4.56
N PRO B 692 6.45 10.60 -4.95
CA PRO B 692 6.26 11.30 -6.22
C PRO B 692 6.70 10.53 -7.46
N SER B 693 7.29 9.35 -7.31
CA SER B 693 7.67 8.55 -8.47
C SER B 693 6.57 7.57 -8.88
N LEU B 694 5.73 7.16 -7.92
CA LEU B 694 4.61 6.30 -8.26
C LEU B 694 3.67 6.99 -9.25
N ASN B 695 3.45 8.28 -9.05
CA ASN B 695 2.58 9.04 -9.94
C ASN B 695 3.12 9.07 -11.37
N PRO B 696 4.39 9.36 -11.61
CA PRO B 696 4.92 9.30 -12.98
C PRO B 696 5.03 7.88 -13.51
N LEU B 697 4.89 6.88 -12.64
CA LEU B 697 4.85 5.51 -13.14
C LEU B 697 3.46 5.17 -13.65
N ILE B 698 2.43 5.39 -12.82
CA ILE B 698 1.06 5.14 -13.26
C ILE B 698 0.72 5.98 -14.48
N LYS B 699 0.98 7.28 -14.41
CA LYS B 699 0.60 8.17 -15.50
C LYS B 699 1.32 7.79 -16.80
N VAL B 700 2.63 7.53 -16.72
CA VAL B 700 3.34 7.12 -17.92
C VAL B 700 2.92 5.74 -18.37
N LEU B 701 2.38 4.93 -17.46
CA LEU B 701 1.95 3.58 -17.82
C LEU B 701 0.78 3.61 -18.80
N ASN B 702 -0.13 4.58 -18.65
CA ASN B 702 -1.21 4.75 -19.62
C ASN B 702 -0.74 5.45 -20.89
N THR B 703 0.42 6.10 -20.84
CA THR B 703 0.95 6.81 -22.01
C THR B 703 1.77 5.90 -22.91
N LEU B 704 2.44 4.90 -22.35
CA LEU B 704 3.16 3.93 -23.17
C LEU B 704 2.22 2.85 -23.71
N SER B 705 1.25 2.43 -22.89
CA SER B 705 0.33 1.38 -23.32
C SER B 705 -0.51 1.84 -24.50
N VAL B 706 -0.88 3.12 -24.54
CA VAL B 706 -1.67 3.63 -25.66
C VAL B 706 -0.82 3.67 -26.92
N VAL B 707 0.50 3.81 -26.78
CA VAL B 707 1.37 3.79 -27.95
C VAL B 707 1.48 2.39 -28.51
N PHE B 708 1.27 1.36 -27.68
CA PHE B 708 1.39 -0.02 -28.09
C PHE B 708 0.05 -0.72 -28.31
N THR B 709 -1.06 0.03 -28.25
CA THR B 709 -2.35 -0.57 -28.55
C THR B 709 -2.34 -1.25 -29.92
N TYR B 710 -1.78 -0.56 -30.92
CA TYR B 710 -1.63 -1.18 -32.24
C TYR B 710 -0.63 -2.32 -32.22
N VAL B 711 0.43 -2.21 -31.42
CA VAL B 711 1.47 -3.22 -31.40
C VAL B 711 1.15 -4.37 -30.45
N ILE B 712 0.46 -4.11 -29.35
CA ILE B 712 0.17 -5.17 -28.39
C ILE B 712 -1.04 -6.00 -28.83
N VAL B 713 -2.03 -5.37 -29.47
CA VAL B 713 -3.24 -6.10 -29.84
C VAL B 713 -2.94 -7.14 -30.90
N SER B 714 -2.02 -6.84 -31.83
CA SER B 714 -1.67 -7.82 -32.86
C SER B 714 -0.88 -8.98 -32.28
N THR B 715 -0.13 -8.77 -31.19
CA THR B 715 0.59 -9.86 -30.56
C THR B 715 -0.35 -10.77 -29.77
N ASN B 716 -1.38 -10.18 -29.15
CA ASN B 716 -2.36 -10.99 -28.43
C ASN B 716 -3.06 -11.97 -29.36
N ILE B 717 -3.25 -11.60 -30.63
CA ILE B 717 -3.85 -12.46 -31.63
C ILE B 717 -5.29 -12.79 -31.23
N ALA B 718 -5.97 -11.85 -30.59
CA ALA B 718 -7.35 -12.03 -30.16
C ALA B 718 -7.90 -10.71 -29.66
N LEU B 719 -9.23 -10.58 -29.69
CA LEU B 719 -9.87 -9.36 -29.23
C LEU B 719 -9.75 -9.23 -27.71
N GLY B 720 -10.27 -10.21 -26.98
CA GLY B 720 -10.07 -10.27 -25.55
C GLY B 720 -9.97 -11.71 -25.07
N ILE B 721 -8.79 -12.10 -24.61
CA ILE B 721 -8.51 -13.48 -24.23
C ILE B 721 -7.86 -13.48 -22.84
N TRP B 722 -8.07 -14.57 -22.11
CA TRP B 722 -7.51 -14.74 -20.77
C TRP B 722 -6.32 -15.69 -20.72
N PRO B 723 -5.72 -16.13 -21.85
CA PRO B 723 -4.51 -16.93 -21.70
C PRO B 723 -3.41 -16.21 -20.91
MG MG C . 9.57 -8.16 21.37
MG MG D . 9.05 -12.84 23.12
MG MG E . 7.94 -8.47 18.97
MG MG F . 6.79 -12.42 21.32
MG MG G . 10.59 -12.54 17.44
P1 2PN H . 7.33 -11.46 18.32
O1 2PN H . 7.23 -11.89 16.87
O2 2PN H . 6.38 -12.29 19.15
O3 2PN H . 6.96 -10.01 18.43
N1 2PN H . 8.93 -11.67 18.88
P2 2PN H . 9.38 -11.14 20.43
O4 2PN H . 8.88 -12.14 21.45
O5 2PN H . 8.76 -9.78 20.69
O6 2PN H . 10.88 -11.09 20.53
MG MG I . 17.54 17.04 5.73
MG MG J . 17.51 21.63 3.98
MG MG K . 15.12 16.10 4.39
MG MG L . 16.40 20.10 1.77
MG MG M . 11.96 19.79 4.44
P1 2PN N . 13.51 18.30 2.80
O1 2PN N . 12.02 18.22 2.58
O2 2PN N . 14.15 19.00 1.63
O3 2PN N . 14.06 16.90 2.92
N1 2PN N . 13.87 19.14 4.24
P2 2PN N . 15.49 19.25 4.78
O4 2PN N . 16.17 17.90 4.74
O5 2PN N . 15.50 19.75 6.20
O6 2PN N . 16.25 20.20 3.89
S SO4 O . 2.74 1.16 3.04
O1 SO4 O . 1.31 1.24 3.36
O2 SO4 O . 3.08 -0.20 2.69
O3 SO4 O . 3.53 1.57 4.21
O4 SO4 O . 3.02 2.05 1.93
#